data_4ZYM
# 
_entry.id   4ZYM 
# 
_audit_conform.dict_name       mmcif_pdbx.dic 
_audit_conform.dict_version    5.379 
_audit_conform.dict_location   http://mmcif.pdb.org/dictionaries/ascii/mmcif_pdbx.dic 
# 
loop_
_database_2.database_id 
_database_2.database_code 
_database_2.pdbx_database_accession 
_database_2.pdbx_DOI 
PDB   4ZYM         pdb_00004zym 10.2210/pdb4zym/pdb 
WWPDB D_1000210110 ?            ?                   
# 
_pdbx_database_status.status_code                     REL 
_pdbx_database_status.status_code_sf                  REL 
_pdbx_database_status.status_code_mr                  ? 
_pdbx_database_status.entry_id                        4ZYM 
_pdbx_database_status.recvd_initial_deposition_date   2015-05-21 
_pdbx_database_status.SG_entry                        N 
_pdbx_database_status.deposit_site                    RCSB 
_pdbx_database_status.process_site                    RCSB 
_pdbx_database_status.status_code_cs                  ? 
_pdbx_database_status.methods_development_category    ? 
_pdbx_database_status.pdb_format_compatible           Y 
_pdbx_database_status.status_code_nmr_data            ? 
# 
loop_
_audit_author.name 
_audit_author.pdbx_ordinal 
'Tripathi, S.K.' 1 
'Paukstelis, P.' 2 
# 
_citation.abstract                  ? 
_citation.abstract_id_CAS           ? 
_citation.book_id_ISBN              ? 
_citation.book_publisher            ? 
_citation.book_publisher_city       ? 
_citation.book_title                ? 
_citation.coordinate_linkage        ? 
_citation.country                   GE 
_citation.database_id_Medline       ? 
_citation.details                   ? 
_citation.id                        primary 
_citation.journal_abbrev            Chembiochem 
_citation.journal_id_ASTM           ? 
_citation.journal_id_CSD            ? 
_citation.journal_id_ISSN           1439-7633 
_citation.journal_full              ? 
_citation.journal_issue             ? 
_citation.journal_volume            17 
_citation.language                  ? 
_citation.page_first                1177 
_citation.page_last                 1183 
_citation.title                     'Structural Implications of Homopyrimidine Base Pairs in the Parallel-Stranded d(YGA) Motif.' 
_citation.year                      2016 
_citation.database_id_CSD           ? 
_citation.pdbx_database_id_DOI      10.1002/cbic.201500491 
_citation.pdbx_database_id_PubMed   26629965 
_citation.unpublished_flag          ? 
# 
loop_
_citation_author.citation_id 
_citation_author.name 
_citation_author.ordinal 
_citation_author.identifier_ORCID 
primary 'Tripathi, S.'     1 ? 
primary 'Paukstelis, P.J.' 2 ? 
# 
_cell.angle_alpha                  90.000 
_cell.angle_alpha_esd              ? 
_cell.angle_beta                   112.470 
_cell.angle_beta_esd               ? 
_cell.angle_gamma                  90.000 
_cell.angle_gamma_esd              ? 
_cell.entry_id                     4ZYM 
_cell.details                      ? 
_cell.formula_units_Z              ? 
_cell.length_a                     59.954 
_cell.length_a_esd                 ? 
_cell.length_b                     29.354 
_cell.length_b_esd                 ? 
_cell.length_c                     74.731 
_cell.length_c_esd                 ? 
_cell.volume                       ? 
_cell.volume_esd                   ? 
_cell.Z_PDB                        16 
_cell.reciprocal_angle_alpha       ? 
_cell.reciprocal_angle_beta        ? 
_cell.reciprocal_angle_gamma       ? 
_cell.reciprocal_angle_alpha_esd   ? 
_cell.reciprocal_angle_beta_esd    ? 
_cell.reciprocal_angle_gamma_esd   ? 
_cell.reciprocal_length_a          ? 
_cell.reciprocal_length_b          ? 
_cell.reciprocal_length_c          ? 
_cell.reciprocal_length_a_esd      ? 
_cell.reciprocal_length_b_esd      ? 
_cell.reciprocal_length_c_esd      ? 
_cell.pdbx_unique_axis             ? 
# 
_symmetry.entry_id                         4ZYM 
_symmetry.cell_setting                     ? 
_symmetry.Int_Tables_number                5 
_symmetry.space_group_name_Hall            ? 
_symmetry.space_group_name_H-M             'C 1 2 1' 
_symmetry.pdbx_full_space_group_name_H-M   ? 
# 
loop_
_entity.id 
_entity.type 
_entity.src_method 
_entity.pdbx_description 
_entity.formula_weight 
_entity.pdbx_number_of_molecules 
_entity.pdbx_ec 
_entity.pdbx_mutation 
_entity.pdbx_fragment 
_entity.details 
1 polymer     syn 
;DNA (5'-D(*AP*CP*TP*CP*GP*GP*AP*CP*GP*AP*T)-3')
;
3358.211 4 ? ? ? 'DNA oligonucleotide demonstrating parallel stranded DNA homoduplex.' 
2 non-polymer syn 'MAGNESIUM ION'                                   24.305   4 ? ? ? ? 
3 water       nat water                                             18.015   6 ? ? ? ? 
# 
_entity_poly.entity_id                      1 
_entity_poly.type                           polydeoxyribonucleotide 
_entity_poly.nstd_linkage                   no 
_entity_poly.nstd_monomer                   no 
_entity_poly.pdbx_seq_one_letter_code       '(DA)(DC)(DT)(DC)(DG)(DG)(DA)(DC)(DG)(DA)(DT)' 
_entity_poly.pdbx_seq_one_letter_code_can   ACTCGGACGAT 
_entity_poly.pdbx_strand_id                 A,B,C,D 
_entity_poly.pdbx_target_identifier         ? 
# 
loop_
_entity_poly_seq.entity_id 
_entity_poly_seq.num 
_entity_poly_seq.mon_id 
_entity_poly_seq.hetero 
1 1  DA n 
1 2  DC n 
1 3  DT n 
1 4  DC n 
1 5  DG n 
1 6  DG n 
1 7  DA n 
1 8  DC n 
1 9  DG n 
1 10 DA n 
1 11 DT n 
# 
_pdbx_entity_src_syn.entity_id              1 
_pdbx_entity_src_syn.pdbx_src_id            1 
_pdbx_entity_src_syn.pdbx_alt_source_flag   sample 
_pdbx_entity_src_syn.pdbx_beg_seq_num       1 
_pdbx_entity_src_syn.pdbx_end_seq_num       11 
_pdbx_entity_src_syn.organism_scientific    'synthetic construct' 
_pdbx_entity_src_syn.organism_common_name   ? 
_pdbx_entity_src_syn.ncbi_taxonomy_id       32630 
_pdbx_entity_src_syn.details                ? 
# 
_struct_ref.id                         1 
_struct_ref.db_name                    PDB 
_struct_ref.db_code                    4ZYM 
_struct_ref.pdbx_db_accession          4ZYM 
_struct_ref.pdbx_db_isoform            ? 
_struct_ref.entity_id                  1 
_struct_ref.pdbx_seq_one_letter_code   ? 
_struct_ref.pdbx_align_begin           1 
# 
loop_
_struct_ref_seq.align_id 
_struct_ref_seq.ref_id 
_struct_ref_seq.pdbx_PDB_id_code 
_struct_ref_seq.pdbx_strand_id 
_struct_ref_seq.seq_align_beg 
_struct_ref_seq.pdbx_seq_align_beg_ins_code 
_struct_ref_seq.seq_align_end 
_struct_ref_seq.pdbx_seq_align_end_ins_code 
_struct_ref_seq.pdbx_db_accession 
_struct_ref_seq.db_align_beg 
_struct_ref_seq.pdbx_db_align_beg_ins_code 
_struct_ref_seq.db_align_end 
_struct_ref_seq.pdbx_db_align_end_ins_code 
_struct_ref_seq.pdbx_auth_seq_align_beg 
_struct_ref_seq.pdbx_auth_seq_align_end 
1 1 4ZYM A 1 ? 11 ? 4ZYM 1 ? 11 ? 1 11 
2 1 4ZYM B 1 ? 11 ? 4ZYM 1 ? 11 ? 1 11 
3 1 4ZYM C 1 ? 11 ? 4ZYM 1 ? 11 ? 1 11 
4 1 4ZYM D 1 ? 11 ? 4ZYM 1 ? 11 ? 1 11 
# 
loop_
_chem_comp.id 
_chem_comp.type 
_chem_comp.mon_nstd_flag 
_chem_comp.name 
_chem_comp.pdbx_synonyms 
_chem_comp.formula 
_chem_comp.formula_weight 
DA  'DNA linking' y "2'-DEOXYADENOSINE-5'-MONOPHOSPHATE" ? 'C10 H14 N5 O6 P' 331.222 
DC  'DNA linking' y "2'-DEOXYCYTIDINE-5'-MONOPHOSPHATE"  ? 'C9 H14 N3 O7 P'  307.197 
DG  'DNA linking' y "2'-DEOXYGUANOSINE-5'-MONOPHOSPHATE" ? 'C10 H14 N5 O7 P' 347.221 
DT  'DNA linking' y "THYMIDINE-5'-MONOPHOSPHATE"         ? 'C10 H15 N2 O8 P' 322.208 
HOH non-polymer   . WATER                                ? 'H2 O'            18.015  
MG  non-polymer   . 'MAGNESIUM ION'                      ? 'Mg 2'            24.305  
# 
_exptl.absorpt_coefficient_mu     ? 
_exptl.absorpt_correction_T_max   ? 
_exptl.absorpt_correction_T_min   ? 
_exptl.absorpt_correction_type    ? 
_exptl.absorpt_process_details    ? 
_exptl.entry_id                   4ZYM 
_exptl.crystals_number            1 
_exptl.details                    ? 
_exptl.method                     'X-RAY DIFFRACTION' 
_exptl.method_details             ? 
# 
_exptl_crystal.colour                      ? 
_exptl_crystal.density_diffrn              ? 
_exptl_crystal.density_Matthews            2.26 
_exptl_crystal.density_method              ? 
_exptl_crystal.density_percent_sol         45.62 
_exptl_crystal.description                 'Crystals diffracted to 2.5 Angstrom' 
_exptl_crystal.F_000                       ? 
_exptl_crystal.id                          1 
_exptl_crystal.preparation                 ? 
_exptl_crystal.size_max                    ? 
_exptl_crystal.size_mid                    ? 
_exptl_crystal.size_min                    ? 
_exptl_crystal.size_rad                    ? 
_exptl_crystal.colour_lustre               ? 
_exptl_crystal.colour_modifier             ? 
_exptl_crystal.colour_primary              ? 
_exptl_crystal.density_meas                ? 
_exptl_crystal.density_meas_esd            ? 
_exptl_crystal.density_meas_gt             ? 
_exptl_crystal.density_meas_lt             ? 
_exptl_crystal.density_meas_temp           ? 
_exptl_crystal.density_meas_temp_esd       ? 
_exptl_crystal.density_meas_temp_gt        ? 
_exptl_crystal.density_meas_temp_lt        ? 
_exptl_crystal.pdbx_crystal_image_url      ? 
_exptl_crystal.pdbx_crystal_image_format   ? 
_exptl_crystal.pdbx_mosaicity              ? 
_exptl_crystal.pdbx_mosaicity_esd          ? 
# 
_exptl_crystal_grow.apparatus       ? 
_exptl_crystal_grow.atmosphere      ? 
_exptl_crystal_grow.crystal_id      1 
_exptl_crystal_grow.details         ? 
_exptl_crystal_grow.method          'VAPOR DIFFUSION, SITTING DROP' 
_exptl_crystal_grow.method_ref      ? 
_exptl_crystal_grow.pH              7.5 
_exptl_crystal_grow.pressure        ? 
_exptl_crystal_grow.pressure_esd    ? 
_exptl_crystal_grow.seeding         ? 
_exptl_crystal_grow.seeding_ref     ? 
_exptl_crystal_grow.temp            300 
_exptl_crystal_grow.temp_details    ? 
_exptl_crystal_grow.temp_esd        ? 
_exptl_crystal_grow.time            ? 
_exptl_crystal_grow.pdbx_details    '100 mM Magnesium chloride, 5 % PEG400, 30 mM Sodium Cacodilate, 8 mM Cobalt hexamine.' 
_exptl_crystal_grow.pdbx_pH_range   ? 
# 
_diffrn.ambient_environment    ? 
_diffrn.ambient_temp           100 
_diffrn.ambient_temp_details   ? 
_diffrn.ambient_temp_esd       ? 
_diffrn.crystal_id             1 
_diffrn.crystal_support        ? 
_diffrn.crystal_treatment      ? 
_diffrn.details                ? 
_diffrn.id                     1 
_diffrn.ambient_pressure       ? 
_diffrn.ambient_pressure_esd   ? 
_diffrn.ambient_pressure_gt    ? 
_diffrn.ambient_pressure_lt    ? 
_diffrn.ambient_temp_gt        ? 
_diffrn.ambient_temp_lt        ? 
# 
_diffrn_detector.details                      ? 
_diffrn_detector.detector                     CCD 
_diffrn_detector.diffrn_id                    1 
_diffrn_detector.type                         'ADSC QUANTUM 315' 
_diffrn_detector.area_resol_mean              ? 
_diffrn_detector.dtime                        ? 
_diffrn_detector.pdbx_frames_total            ? 
_diffrn_detector.pdbx_collection_time_total   ? 
_diffrn_detector.pdbx_collection_date         2014-11-01 
# 
_diffrn_radiation.collimation                      ? 
_diffrn_radiation.diffrn_id                        1 
_diffrn_radiation.filter_edge                      ? 
_diffrn_radiation.inhomogeneity                    ? 
_diffrn_radiation.monochromator                    'Si(220)' 
_diffrn_radiation.polarisn_norm                    ? 
_diffrn_radiation.polarisn_ratio                   ? 
_diffrn_radiation.probe                            ? 
_diffrn_radiation.type                             ? 
_diffrn_radiation.xray_symbol                      ? 
_diffrn_radiation.wavelength_id                    1 
_diffrn_radiation.pdbx_monochromatic_or_laue_m_l   M 
_diffrn_radiation.pdbx_wavelength_list             ? 
_diffrn_radiation.pdbx_wavelength                  ? 
_diffrn_radiation.pdbx_diffrn_protocol             'SINGLE WAVELENGTH' 
_diffrn_radiation.pdbx_analyzer                    ? 
_diffrn_radiation.pdbx_scattering_type             x-ray 
# 
_diffrn_radiation_wavelength.id           1 
_diffrn_radiation_wavelength.wavelength   0.979 
_diffrn_radiation_wavelength.wt           1.0 
# 
_diffrn_source.current                     ? 
_diffrn_source.details                     ? 
_diffrn_source.diffrn_id                   1 
_diffrn_source.power                       ? 
_diffrn_source.size                        ? 
_diffrn_source.source                      SYNCHROTRON 
_diffrn_source.target                      ? 
_diffrn_source.type                        'APS BEAMLINE 24-ID-E' 
_diffrn_source.voltage                     ? 
_diffrn_source.take-off_angle              ? 
_diffrn_source.pdbx_wavelength_list        0.979 
_diffrn_source.pdbx_wavelength             ? 
_diffrn_source.pdbx_synchrotron_beamline   24-ID-E 
_diffrn_source.pdbx_synchrotron_site       APS 
# 
_reflns.B_iso_Wilson_estimate            45.3 
_reflns.entry_id                         4ZYM 
_reflns.data_reduction_details           ? 
_reflns.data_reduction_method            ? 
_reflns.d_resolution_high                2.5 
_reflns.d_resolution_low                 69.057 
_reflns.details                          ? 
_reflns.limit_h_max                      ? 
_reflns.limit_h_min                      ? 
_reflns.limit_k_max                      ? 
_reflns.limit_k_min                      ? 
_reflns.limit_l_max                      ? 
_reflns.limit_l_min                      ? 
_reflns.number_all                       11965 
_reflns.number_obs                       4342 
_reflns.observed_criterion               ? 
_reflns.observed_criterion_F_max         ? 
_reflns.observed_criterion_F_min         ? 
_reflns.observed_criterion_I_max         ? 
_reflns.observed_criterion_I_min         ? 
_reflns.observed_criterion_sigma_F       ? 
_reflns.observed_criterion_sigma_I       ? 
_reflns.percent_possible_obs             98.73 
_reflns.R_free_details                   ? 
_reflns.Rmerge_F_all                     ? 
_reflns.Rmerge_F_obs                     ? 
_reflns.Friedel_coverage                 ? 
_reflns.number_gt                        ? 
_reflns.threshold_expression             ? 
_reflns.pdbx_redundancy                  2.8 
_reflns.pdbx_Rmerge_I_obs                0.103 
_reflns.pdbx_Rmerge_I_all                ? 
_reflns.pdbx_Rsym_value                  0.145 
_reflns.pdbx_netI_over_av_sigmaI         6.4 
_reflns.pdbx_netI_over_sigmaI            4.5 
_reflns.pdbx_res_netI_over_av_sigmaI_2   ? 
_reflns.pdbx_res_netI_over_sigmaI_2      ? 
_reflns.pdbx_chi_squared                 ? 
_reflns.pdbx_scaling_rejects             ? 
_reflns.pdbx_d_res_high_opt              ? 
_reflns.pdbx_d_res_low_opt               ? 
_reflns.pdbx_d_res_opt_method            ? 
_reflns.phase_calculation_details        ? 
_reflns.pdbx_Rrim_I_all                  ? 
_reflns.pdbx_Rpim_I_all                  ? 
_reflns.pdbx_d_opt                       ? 
_reflns.pdbx_number_measured_all         ? 
_reflns.pdbx_diffrn_id                   1 
_reflns.pdbx_ordinal                     1 
_reflns.pdbx_CC_half                     ? 
_reflns.pdbx_R_split                     ? 
# 
_reflns_shell.d_res_high                  2.5 
_reflns_shell.d_res_low                   2.62 
_reflns_shell.meanI_over_sigI_all         ? 
_reflns_shell.meanI_over_sigI_obs         1.9 
_reflns_shell.number_measured_all         ? 
_reflns_shell.number_measured_obs         ? 
_reflns_shell.number_possible             ? 
_reflns_shell.number_unique_all           ? 
_reflns_shell.number_unique_obs           ? 
_reflns_shell.percent_possible_all        95 
_reflns_shell.percent_possible_obs        ? 
_reflns_shell.Rmerge_F_all                ? 
_reflns_shell.Rmerge_F_obs                ? 
_reflns_shell.Rmerge_I_all                ? 
_reflns_shell.Rmerge_I_obs                0.286 
_reflns_shell.meanI_over_sigI_gt          ? 
_reflns_shell.meanI_over_uI_all           ? 
_reflns_shell.meanI_over_uI_gt            ? 
_reflns_shell.number_measured_gt          ? 
_reflns_shell.number_unique_gt            ? 
_reflns_shell.percent_possible_gt         ? 
_reflns_shell.Rmerge_F_gt                 ? 
_reflns_shell.Rmerge_I_gt                 ? 
_reflns_shell.pdbx_redundancy             2.9 
_reflns_shell.pdbx_Rsym_value             ? 
_reflns_shell.pdbx_chi_squared            ? 
_reflns_shell.pdbx_netI_over_sigmaI_all   ? 
_reflns_shell.pdbx_netI_over_sigmaI_obs   ? 
_reflns_shell.pdbx_Rrim_I_all             ? 
_reflns_shell.pdbx_Rpim_I_all             ? 
_reflns_shell.pdbx_rejects                ? 
_reflns_shell.pdbx_ordinal                1 
_reflns_shell.pdbx_diffrn_id              1 
_reflns_shell.pdbx_CC_half                ? 
_reflns_shell.pdbx_R_split                ? 
# 
_refine.aniso_B[1][1]                            ? 
_refine.aniso_B[1][2]                            ? 
_refine.aniso_B[1][3]                            ? 
_refine.aniso_B[2][2]                            ? 
_refine.aniso_B[2][3]                            ? 
_refine.aniso_B[3][3]                            ? 
_refine.B_iso_max                                100.030 
_refine.B_iso_mean                               35.2971 
_refine.B_iso_min                                13.710 
_refine.correlation_coeff_Fo_to_Fc               ? 
_refine.correlation_coeff_Fo_to_Fc_free          ? 
_refine.details                                  ? 
_refine.diff_density_max                         ? 
_refine.diff_density_max_esd                     ? 
_refine.diff_density_min                         ? 
_refine.diff_density_min_esd                     ? 
_refine.diff_density_rms                         ? 
_refine.diff_density_rms_esd                     ? 
_refine.entry_id                                 4ZYM 
_refine.pdbx_refine_id                           'X-RAY DIFFRACTION' 
_refine.ls_abs_structure_details                 ? 
_refine.ls_abs_structure_Flack                   ? 
_refine.ls_abs_structure_Flack_esd               ? 
_refine.ls_abs_structure_Rogers                  ? 
_refine.ls_abs_structure_Rogers_esd              ? 
_refine.ls_d_res_high                            2.5300 
_refine.ls_d_res_low                             69.0570 
_refine.ls_extinction_coef                       ? 
_refine.ls_extinction_coef_esd                   ? 
_refine.ls_extinction_expression                 ? 
_refine.ls_extinction_method                     ? 
_refine.ls_goodness_of_fit_all                   ? 
_refine.ls_goodness_of_fit_all_esd               ? 
_refine.ls_goodness_of_fit_obs                   ? 
_refine.ls_goodness_of_fit_obs_esd               ? 
_refine.ls_hydrogen_treatment                    ? 
_refine.ls_matrix_type                           ? 
_refine.ls_number_constraints                    ? 
_refine.ls_number_parameters                     ? 
_refine.ls_number_reflns_all                     ? 
_refine.ls_number_reflns_obs                     4106 
_refine.ls_number_reflns_R_free                  187 
_refine.ls_number_reflns_R_work                  3919 
_refine.ls_number_restraints                     ? 
_refine.ls_percent_reflns_obs                    98.2800 
_refine.ls_percent_reflns_R_free                 4.5500 
_refine.ls_R_factor_all                          ? 
_refine.ls_R_factor_obs                          0.2305 
_refine.ls_R_factor_R_free                       0.243 
_refine.ls_R_factor_R_free_error                 ? 
_refine.ls_R_factor_R_free_error_details         ? 
_refine.ls_R_factor_R_work                       0.2297 
_refine.ls_R_Fsqd_factor_obs                     ? 
_refine.ls_R_I_factor_obs                        ? 
_refine.ls_redundancy_reflns_all                 ? 
_refine.ls_redundancy_reflns_obs                 ? 
_refine.ls_restrained_S_all                      ? 
_refine.ls_restrained_S_obs                      ? 
_refine.ls_shift_over_esd_max                    ? 
_refine.ls_shift_over_esd_mean                   ? 
_refine.ls_structure_factor_coef                 ? 
_refine.ls_weighting_details                     ? 
_refine.ls_weighting_scheme                      ? 
_refine.ls_wR_factor_all                         ? 
_refine.ls_wR_factor_obs                         ? 
_refine.ls_wR_factor_R_free                      ? 
_refine.ls_wR_factor_R_work                      ? 
_refine.occupancy_max                            ? 
_refine.occupancy_min                            ? 
_refine.solvent_model_details                    'FLAT BULK SOLVENT MODEL' 
_refine.solvent_model_param_bsol                 ? 
_refine.solvent_model_param_ksol                 ? 
_refine.ls_R_factor_gt                           ? 
_refine.ls_goodness_of_fit_gt                    ? 
_refine.ls_goodness_of_fit_ref                   ? 
_refine.ls_shift_over_su_max                     ? 
_refine.ls_shift_over_su_max_lt                  ? 
_refine.ls_shift_over_su_mean                    ? 
_refine.ls_shift_over_su_mean_lt                 ? 
_refine.pdbx_ls_sigma_I                          ? 
_refine.pdbx_ls_sigma_F                          1.380 
_refine.pdbx_ls_sigma_Fsqd                       ? 
_refine.pdbx_data_cutoff_high_absF               ? 
_refine.pdbx_data_cutoff_high_rms_absF           ? 
_refine.pdbx_data_cutoff_low_absF                ? 
_refine.pdbx_isotropic_thermal_model             ? 
_refine.pdbx_ls_cross_valid_method               'FREE R-VALUE' 
_refine.pdbx_method_to_determine_struct          'MOLECULAR REPLACEMENT' 
_refine.pdbx_starting_model                      4RIM 
_refine.pdbx_stereochemistry_target_values       ML 
_refine.pdbx_R_Free_selection_details            Random 
_refine.pdbx_stereochem_target_val_spec_case     ? 
_refine.pdbx_overall_ESU_R                       ? 
_refine.pdbx_overall_ESU_R_Free                  ? 
_refine.pdbx_solvent_vdw_probe_radii             1.1100 
_refine.pdbx_solvent_ion_probe_radii             ? 
_refine.pdbx_solvent_shrinkage_radii             0.9000 
_refine.pdbx_real_space_R                        ? 
_refine.pdbx_density_correlation                 ? 
_refine.pdbx_pd_number_of_powder_patterns        ? 
_refine.pdbx_pd_number_of_points                 ? 
_refine.pdbx_pd_meas_number_of_points            ? 
_refine.pdbx_pd_proc_ls_prof_R_factor            ? 
_refine.pdbx_pd_proc_ls_prof_wR_factor           ? 
_refine.pdbx_pd_Marquardt_correlation_coeff      ? 
_refine.pdbx_pd_Fsqrd_R_factor                   ? 
_refine.pdbx_pd_ls_matrix_band_width             ? 
_refine.pdbx_overall_phase_error                 30.6900 
_refine.pdbx_overall_SU_R_free_Cruickshank_DPI   ? 
_refine.pdbx_overall_SU_R_free_Blow_DPI          ? 
_refine.pdbx_overall_SU_R_Blow_DPI               ? 
_refine.pdbx_TLS_residual_ADP_flag               ? 
_refine.pdbx_diffrn_id                           1 
_refine.overall_SU_B                             ? 
_refine.overall_SU_ML                            0.2600 
_refine.overall_SU_R_Cruickshank_DPI             ? 
_refine.overall_SU_R_free                        ? 
_refine.overall_FOM_free_R_set                   ? 
_refine.overall_FOM_work_R_set                   ? 
_refine.pdbx_average_fsc_overall                 ? 
_refine.pdbx_average_fsc_work                    ? 
_refine.pdbx_average_fsc_free                    ? 
# 
_refine_hist.cycle_id                         final 
_refine_hist.pdbx_refine_id                   'X-RAY DIFFRACTION' 
_refine_hist.d_res_high                       2.5300 
_refine_hist.d_res_low                        69.0570 
_refine_hist.pdbx_number_atoms_ligand         4 
_refine_hist.number_atoms_solvent             6 
_refine_hist.number_atoms_total               836 
_refine_hist.pdbx_number_residues_total       44 
_refine_hist.pdbx_B_iso_mean_ligand           51.33 
_refine_hist.pdbx_B_iso_mean_solvent          38.92 
_refine_hist.pdbx_number_atoms_protein        0 
_refine_hist.pdbx_number_atoms_nucleic_acid   826 
# 
loop_
_refine_ls_restr.pdbx_refine_id 
_refine_ls_restr.criterion 
_refine_ls_restr.dev_ideal 
_refine_ls_restr.dev_ideal_target 
_refine_ls_restr.number 
_refine_ls_restr.rejects 
_refine_ls_restr.type 
_refine_ls_restr.weight 
_refine_ls_restr.pdbx_restraint_function 
'X-RAY DIFFRACTION' ? 0.007  ? 970  ? f_bond_d           ? ? 
'X-RAY DIFFRACTION' ? 0.725  ? 1493 ? f_angle_d          ? ? 
'X-RAY DIFFRACTION' ? 0.033  ? 167  ? f_chiral_restr     ? ? 
'X-RAY DIFFRACTION' ? 0.003  ? 41   ? f_plane_restr      ? ? 
'X-RAY DIFFRACTION' ? 34.495 ? 422  ? f_dihedral_angle_d ? ? 
# 
_refine_ls_shell.pdbx_refine_id                   'X-RAY DIFFRACTION' 
_refine_ls_shell.d_res_high                       2.5300 
_refine_ls_shell.d_res_low                        2.768 
_refine_ls_shell.number_reflns_all                ? 
_refine_ls_shell.number_reflns_obs                ? 
_refine_ls_shell.number_reflns_R_free             187 
_refine_ls_shell.number_reflns_R_work             911 
_refine_ls_shell.percent_reflns_obs               98.48 
_refine_ls_shell.percent_reflns_R_free            ? 
_refine_ls_shell.R_factor_all                     ? 
_refine_ls_shell.R_factor_obs                     ? 
_refine_ls_shell.R_factor_R_free                  ? 
_refine_ls_shell.R_factor_R_free_error            ? 
_refine_ls_shell.R_factor_R_work                  0.35 
_refine_ls_shell.redundancy_reflns_all            ? 
_refine_ls_shell.redundancy_reflns_obs            ? 
_refine_ls_shell.wR_factor_all                    ? 
_refine_ls_shell.wR_factor_obs                    ? 
_refine_ls_shell.wR_factor_R_free                 ? 
_refine_ls_shell.wR_factor_R_work                 ? 
_refine_ls_shell.pdbx_total_number_of_bins_used   ? 
_refine_ls_shell.pdbx_phase_error                 ? 
_refine_ls_shell.pdbx_fsc_work                    ? 
_refine_ls_shell.pdbx_fsc_free                    ? 
# 
_struct.entry_id                     4ZYM 
_struct.title                        'Structural implications of homo-pyrimidine base pairs on the parallel-stranded d(GAY) motif.' 
_struct.pdbx_model_details           ? 
_struct.pdbx_formula_weight          ? 
_struct.pdbx_formula_weight_method   ? 
_struct.pdbx_model_type_details      ? 
_struct.pdbx_CASP_flag               ? 
# 
_struct_keywords.entry_id        4ZYM 
_struct_keywords.text            'Tetraplex, homo-base pair, pyrimidine substitution., DNA' 
_struct_keywords.pdbx_keywords   DNA 
# 
loop_
_struct_asym.id 
_struct_asym.pdbx_blank_PDB_chainid_flag 
_struct_asym.pdbx_modified 
_struct_asym.entity_id 
_struct_asym.details 
A N N 1 ? 
B N N 1 ? 
C N N 1 ? 
D N N 1 ? 
E N N 2 ? 
F N N 2 ? 
G N N 2 ? 
H N N 2 ? 
I N N 3 ? 
J N N 3 ? 
# 
loop_
_struct_conn.id 
_struct_conn.conn_type_id 
_struct_conn.pdbx_leaving_atom_flag 
_struct_conn.pdbx_PDB_id 
_struct_conn.ptnr1_label_asym_id 
_struct_conn.ptnr1_label_comp_id 
_struct_conn.ptnr1_label_seq_id 
_struct_conn.ptnr1_label_atom_id 
_struct_conn.pdbx_ptnr1_label_alt_id 
_struct_conn.pdbx_ptnr1_PDB_ins_code 
_struct_conn.pdbx_ptnr1_standard_comp_id 
_struct_conn.ptnr1_symmetry 
_struct_conn.ptnr2_label_asym_id 
_struct_conn.ptnr2_label_comp_id 
_struct_conn.ptnr2_label_seq_id 
_struct_conn.ptnr2_label_atom_id 
_struct_conn.pdbx_ptnr2_label_alt_id 
_struct_conn.pdbx_ptnr2_PDB_ins_code 
_struct_conn.ptnr1_auth_asym_id 
_struct_conn.ptnr1_auth_comp_id 
_struct_conn.ptnr1_auth_seq_id 
_struct_conn.ptnr2_auth_asym_id 
_struct_conn.ptnr2_auth_comp_id 
_struct_conn.ptnr2_auth_seq_id 
_struct_conn.ptnr2_symmetry 
_struct_conn.pdbx_ptnr3_label_atom_id 
_struct_conn.pdbx_ptnr3_label_seq_id 
_struct_conn.pdbx_ptnr3_label_comp_id 
_struct_conn.pdbx_ptnr3_label_asym_id 
_struct_conn.pdbx_ptnr3_label_alt_id 
_struct_conn.pdbx_ptnr3_PDB_ins_code 
_struct_conn.details 
_struct_conn.pdbx_dist_value 
_struct_conn.pdbx_value_order 
_struct_conn.pdbx_role 
metalc1  metalc ? ? C DC 4  OP2 ? ? ? 1_555 G MG .  MG ? ? C DC 4  C MG 101 1_555 ? ? ? ? ? ? ?            2.572 ? ? 
metalc2  metalc ? ? C DA 7  OP1 ? ? ? 1_555 H MG .  MG ? ? C DA 7  C MG 102 1_555 ? ? ? ? ? ? ?            2.409 ? ? 
hydrog1  hydrog ? ? A DA 1  N6  ? ? ? 1_555 B DA 1  N7 ? ? A DA 1  B DA 1   1_555 ? ? ? ? ? ? TYPE_2_PAIR  ?     ? ? 
hydrog2  hydrog ? ? A DA 1  N7  ? ? ? 1_555 B DA 1  N6 ? ? A DA 1  B DA 1   1_555 ? ? ? ? ? ? TYPE_2_PAIR  ?     ? ? 
hydrog3  hydrog ? ? A DC 4  N4  ? ? ? 1_555 B DC 4  O2 ? ? A DC 4  B DC 4   1_555 ? ? ? ? ? ? TYPE_15_PAIR ?     ? ? 
hydrog4  hydrog ? ? A DC 4  O2  ? ? ? 1_555 B DC 4  N4 ? ? A DC 4  B DC 4   1_555 ? ? ? ? ? ? TYPE_15_PAIR ?     ? ? 
hydrog5  hydrog ? ? A DG 5  N2  ? ? ? 1_555 B DG 5  N3 ? ? A DG 5  B DG 5   1_555 ? ? ? ? ? ? TYPE_4_PAIR  ?     ? ? 
hydrog6  hydrog ? ? A DG 5  N3  ? ? ? 1_555 B DG 5  N2 ? ? A DG 5  B DG 5   1_555 ? ? ? ? ? ? TYPE_4_PAIR  ?     ? ? 
hydrog7  hydrog ? ? A DG 6  N2  ? ? ? 1_555 B DG 6  N3 ? ? A DG 6  B DG 6   1_555 ? ? ? ? ? ? TYPE_4_PAIR  ?     ? ? 
hydrog8  hydrog ? ? A DG 6  N3  ? ? ? 1_555 B DG 6  N2 ? ? A DG 6  B DG 6   1_555 ? ? ? ? ? ? TYPE_4_PAIR  ?     ? ? 
hydrog9  hydrog ? ? A DA 7  N6  ? ? ? 1_555 B DA 7  N7 ? ? A DA 7  B DA 7   1_555 ? ? ? ? ? ? TYPE_2_PAIR  ?     ? ? 
hydrog10 hydrog ? ? A DA 7  N7  ? ? ? 1_555 B DA 7  N6 ? ? A DA 7  B DA 7   1_555 ? ? ? ? ? ? TYPE_2_PAIR  ?     ? ? 
hydrog11 hydrog ? ? A DC 8  N4  ? ? ? 1_555 B DC 8  O2 ? ? A DC 8  B DC 8   1_555 ? ? ? ? ? ? TYPE_15_PAIR ?     ? ? 
hydrog12 hydrog ? ? A DC 8  O2  ? ? ? 1_555 B DC 8  N4 ? ? A DC 8  B DC 8   1_555 ? ? ? ? ? ? TYPE_15_PAIR ?     ? ? 
hydrog13 hydrog ? ? A DG 9  N2  ? ? ? 1_555 B DG 9  N3 ? ? A DG 9  B DG 9   1_555 ? ? ? ? ? ? TYPE_4_PAIR  ?     ? ? 
hydrog14 hydrog ? ? A DG 9  N3  ? ? ? 1_555 B DG 9  N2 ? ? A DG 9  B DG 9   1_555 ? ? ? ? ? ? TYPE_4_PAIR  ?     ? ? 
hydrog15 hydrog ? ? A DA 10 N6  ? ? ? 1_555 B DA 10 N7 ? ? A DA 10 B DA 10  1_555 ? ? ? ? ? ? TYPE_2_PAIR  ?     ? ? 
hydrog16 hydrog ? ? A DA 10 N7  ? ? ? 1_555 B DA 10 N6 ? ? A DA 10 B DA 10  1_555 ? ? ? ? ? ? TYPE_2_PAIR  ?     ? ? 
hydrog17 hydrog ? ? C DA 1  N6  ? ? ? 1_555 D DA 1  N7 ? ? C DA 1  D DA 1   1_555 ? ? ? ? ? ? TYPE_2_PAIR  ?     ? ? 
hydrog18 hydrog ? ? C DA 1  N7  ? ? ? 1_555 D DA 1  N6 ? ? C DA 1  D DA 1   1_555 ? ? ? ? ? ? TYPE_2_PAIR  ?     ? ? 
hydrog19 hydrog ? ? C DC 4  N4  ? ? ? 1_555 D DC 4  O2 ? ? C DC 4  D DC 4   1_555 ? ? ? ? ? ? TYPE_15_PAIR ?     ? ? 
hydrog20 hydrog ? ? C DC 4  O2  ? ? ? 1_555 D DC 4  N4 ? ? C DC 4  D DC 4   1_555 ? ? ? ? ? ? TYPE_15_PAIR ?     ? ? 
hydrog21 hydrog ? ? C DG 5  N2  ? ? ? 1_555 D DG 5  N3 ? ? C DG 5  D DG 5   1_555 ? ? ? ? ? ? TYPE_4_PAIR  ?     ? ? 
hydrog22 hydrog ? ? C DG 5  N3  ? ? ? 1_555 D DG 5  N2 ? ? C DG 5  D DG 5   1_555 ? ? ? ? ? ? TYPE_4_PAIR  ?     ? ? 
hydrog23 hydrog ? ? C DG 6  N2  ? ? ? 1_555 D DG 6  N3 ? ? C DG 6  D DG 6   1_555 ? ? ? ? ? ? TYPE_4_PAIR  ?     ? ? 
hydrog24 hydrog ? ? C DG 6  N3  ? ? ? 1_555 D DG 6  N2 ? ? C DG 6  D DG 6   1_555 ? ? ? ? ? ? TYPE_4_PAIR  ?     ? ? 
hydrog25 hydrog ? ? C DA 7  N6  ? ? ? 1_555 D DA 7  N7 ? ? C DA 7  D DA 7   1_555 ? ? ? ? ? ? TYPE_2_PAIR  ?     ? ? 
hydrog26 hydrog ? ? C DA 7  N7  ? ? ? 1_555 D DA 7  N6 ? ? C DA 7  D DA 7   1_555 ? ? ? ? ? ? TYPE_2_PAIR  ?     ? ? 
hydrog27 hydrog ? ? C DC 8  N4  ? ? ? 1_555 D DC 8  O2 ? ? C DC 8  D DC 8   1_555 ? ? ? ? ? ? TYPE_15_PAIR ?     ? ? 
hydrog28 hydrog ? ? C DC 8  O2  ? ? ? 1_555 D DC 8  N4 ? ? C DC 8  D DC 8   1_555 ? ? ? ? ? ? TYPE_15_PAIR ?     ? ? 
hydrog29 hydrog ? ? C DG 9  N2  ? ? ? 1_555 D DG 9  N3 ? ? C DG 9  D DG 9   1_555 ? ? ? ? ? ? TYPE_4_PAIR  ?     ? ? 
hydrog30 hydrog ? ? C DG 9  N3  ? ? ? 1_555 D DG 9  N2 ? ? C DG 9  D DG 9   1_555 ? ? ? ? ? ? TYPE_4_PAIR  ?     ? ? 
hydrog31 hydrog ? ? C DA 10 N6  ? ? ? 1_555 D DA 10 N7 ? ? C DA 10 D DA 10  1_555 ? ? ? ? ? ? TYPE_2_PAIR  ?     ? ? 
hydrog32 hydrog ? ? C DA 10 N7  ? ? ? 1_555 D DA 10 N6 ? ? C DA 10 D DA 10  1_555 ? ? ? ? ? ? TYPE_2_PAIR  ?     ? ? 
# 
loop_
_struct_conn_type.id 
_struct_conn_type.criteria 
_struct_conn_type.reference 
metalc ? ? 
hydrog ? ? 
# 
loop_
_struct_site.id 
_struct_site.pdbx_evidence_code 
_struct_site.pdbx_auth_asym_id 
_struct_site.pdbx_auth_comp_id 
_struct_site.pdbx_auth_seq_id 
_struct_site.pdbx_auth_ins_code 
_struct_site.pdbx_num_residues 
_struct_site.details 
AC1 Software B MG 101 ? 1 'binding site for residue MG B 101' 
AC2 Software C MG 101 ? 2 'binding site for residue MG C 101' 
AC3 Software C MG 102 ? 1 'binding site for residue MG C 102' 
# 
loop_
_struct_site_gen.id 
_struct_site_gen.site_id 
_struct_site_gen.pdbx_num_res 
_struct_site_gen.label_comp_id 
_struct_site_gen.label_asym_id 
_struct_site_gen.label_seq_id 
_struct_site_gen.pdbx_auth_ins_code 
_struct_site_gen.auth_comp_id 
_struct_site_gen.auth_asym_id 
_struct_site_gen.auth_seq_id 
_struct_site_gen.label_atom_id 
_struct_site_gen.label_alt_id 
_struct_site_gen.symmetry 
_struct_site_gen.details 
1 AC1 1 DA B 10 ? DA B 10 . ? 1_555 ? 
2 AC2 2 DC C 4  ? DC C 4  . ? 1_555 ? 
3 AC2 2 DG C 5  ? DG C 5  . ? 1_555 ? 
4 AC3 1 DA C 7  ? DA C 7  . ? 1_555 ? 
# 
_atom_sites.entry_id                    4ZYM 
_atom_sites.fract_transf_matrix[1][1]   0.00171833 
_atom_sites.fract_transf_matrix[1][2]   -0.01746223 
_atom_sites.fract_transf_matrix[1][3]   -0.00423120 
_atom_sites.fract_transf_matrix[2][1]   0.03261110 
_atom_sites.fract_transf_matrix[2][2]   0.00523199 
_atom_sites.fract_transf_matrix[2][3]   -0.00834884 
_atom_sites.fract_transf_matrix[3][1]   0.00418140 
_atom_sites.fract_transf_matrix[3][2]   -0.00804556 
_atom_sites.fract_transf_matrix[3][3]   0.01129089 
_atom_sites.fract_transf_vector[1]      -3.992992 
_atom_sites.fract_transf_vector[2]      0.966714 
_atom_sites.fract_transf_vector[3]      3.269910 
# 
loop_
_atom_type.symbol 
C  
MG 
N  
O  
P  
# 
loop_
_atom_site.group_PDB 
_atom_site.id 
_atom_site.type_symbol 
_atom_site.label_atom_id 
_atom_site.label_alt_id 
_atom_site.label_comp_id 
_atom_site.label_asym_id 
_atom_site.label_entity_id 
_atom_site.label_seq_id 
_atom_site.pdbx_PDB_ins_code 
_atom_site.Cartn_x 
_atom_site.Cartn_y 
_atom_site.Cartn_z 
_atom_site.occupancy 
_atom_site.B_iso_or_equiv 
_atom_site.pdbx_formal_charge 
_atom_site.auth_seq_id 
_atom_site.auth_comp_id 
_atom_site.auth_asym_id 
_atom_site.auth_atom_id 
_atom_site.pdbx_PDB_model_num 
ATOM   1   O  "O5'" . DA  A 1 1  ? -17.253 5.596   -22.338 1.00 56.66  ? 1   DA  A "O5'" 1 
ATOM   2   C  "C5'" . DA  A 1 1  ? -17.690 5.922   -23.664 1.00 53.11  ? 1   DA  A "C5'" 1 
ATOM   3   C  "C4'" . DA  A 1 1  ? -16.862 7.059   -24.236 1.00 52.36  ? 1   DA  A "C4'" 1 
ATOM   4   O  "O4'" . DA  A 1 1  ? -15.479 6.646   -24.333 1.00 49.03  ? 1   DA  A "O4'" 1 
ATOM   5   C  "C3'" . DA  A 1 1  ? -17.222 7.473   -25.643 1.00 49.88  ? 1   DA  A "C3'" 1 
ATOM   6   O  "O3'" . DA  A 1 1  ? -16.694 8.755   -25.899 1.00 54.61  ? 1   DA  A "O3'" 1 
ATOM   7   C  "C2'" . DA  A 1 1  ? -16.482 6.423   -26.444 1.00 41.81  ? 1   DA  A "C2'" 1 
ATOM   8   C  "C1'" . DA  A 1 1  ? -15.168 6.354   -25.679 1.00 34.80  ? 1   DA  A "C1'" 1 
ATOM   9   N  N9    . DA  A 1 1  ? -14.557 5.042   -25.715 1.00 31.33  ? 1   DA  A N9    1 
ATOM   10  C  C8    . DA  A 1 1  ? -15.083 3.885   -25.227 1.00 36.45  ? 1   DA  A C8    1 
ATOM   11  N  N7    . DA  A 1 1  ? -14.309 2.843   -25.395 1.00 34.67  ? 1   DA  A N7    1 
ATOM   12  C  C5    . DA  A 1 1  ? -13.198 3.357   -26.035 1.00 27.51  ? 1   DA  A C5    1 
ATOM   13  C  C6    . DA  A 1 1  ? -12.015 2.762   -26.491 1.00 29.11  ? 1   DA  A C6    1 
ATOM   14  N  N6    . DA  A 1 1  ? -11.752 1.458   -26.361 1.00 32.47  ? 1   DA  A N6    1 
ATOM   15  N  N1    . DA  A 1 1  ? -11.105 3.557   -27.088 1.00 34.28  ? 1   DA  A N1    1 
ATOM   16  C  C2    . DA  A 1 1  ? -11.374 4.860   -27.216 1.00 32.41  ? 1   DA  A C2    1 
ATOM   17  N  N3    . DA  A 1 1  ? -12.456 5.531   -26.828 1.00 32.37  ? 1   DA  A N3    1 
ATOM   18  C  C4    . DA  A 1 1  ? -13.335 4.712   -26.240 1.00 28.82  ? 1   DA  A C4    1 
ATOM   19  P  P     . DC  A 1 2  ? -17.600 9.883   -26.591 1.00 71.13  ? 2   DC  A P     1 
ATOM   20  O  OP1   . DC  A 1 2  ? -18.549 9.207   -27.506 1.00 62.83  ? 2   DC  A OP1   1 
ATOM   21  O  OP2   . DC  A 1 2  ? -16.665 10.908  -27.110 1.00 68.67  ? 2   DC  A OP2   1 
ATOM   22  O  "O5'" . DC  A 1 2  ? -18.431 10.517  -25.375 1.00 69.14  ? 2   DC  A "O5'" 1 
ATOM   23  C  "C5'" . DC  A 1 2  ? -18.902 11.856  -25.461 1.00 71.72  ? 2   DC  A "C5'" 1 
ATOM   24  C  "C4'" . DC  A 1 2  ? -18.192 12.734  -24.451 1.00 80.38  ? 2   DC  A "C4'" 1 
ATOM   25  O  "O4'" . DC  A 1 2  ? -17.735 13.948  -25.096 1.00 91.30  ? 2   DC  A "O4'" 1 
ATOM   26  C  "C3'" . DC  A 1 2  ? -19.056 13.205  -23.296 1.00 89.88  ? 2   DC  A "C3'" 1 
ATOM   27  O  "O3'" . DC  A 1 2  ? -19.054 12.229  -22.266 1.00 88.06  ? 2   DC  A "O3'" 1 
ATOM   28  C  "C2'" . DC  A 1 2  ? -18.335 14.478  -22.865 1.00 88.67  ? 2   DC  A "C2'" 1 
ATOM   29  C  "C1'" . DC  A 1 2  ? -17.870 15.045  -24.207 1.00 91.53  ? 2   DC  A "C1'" 1 
ATOM   30  P  P     . DT  A 1 3  ? -20.331 11.278  -22.039 1.00 89.27  ? 3   DT  A P     1 
ATOM   31  O  OP1   . DT  A 1 3  ? -21.124 11.262  -23.290 1.00 69.15  ? 3   DT  A OP1   1 
ATOM   32  O  OP2   . DT  A 1 3  ? -20.967 11.702  -20.770 1.00 74.05  ? 3   DT  A OP2   1 
ATOM   33  O  "O5'" . DT  A 1 3  ? -19.682 9.830   -21.811 1.00 80.19  ? 3   DT  A "O5'" 1 
ATOM   34  C  "C5'" . DT  A 1 3  ? -20.193 8.964   -20.804 1.00 69.85  ? 3   DT  A "C5'" 1 
ATOM   35  C  "C4'" . DT  A 1 3  ? -19.072 8.420   -19.926 1.00 59.61  ? 3   DT  A "C4'" 1 
ATOM   36  O  "O4'" . DT  A 1 3  ? -17.778 8.745   -20.496 1.00 58.01  ? 3   DT  A "O4'" 1 
ATOM   37  C  "C3'" . DT  A 1 3  ? -19.041 8.960   -18.483 1.00 60.56  ? 3   DT  A "C3'" 1 
ATOM   38  O  "O3'" . DT  A 1 3  ? -19.067 7.882   -17.568 1.00 59.24  ? 3   DT  A "O3'" 1 
ATOM   39  C  "C2'" . DT  A 1 3  ? -17.713 9.720   -18.404 1.00 54.57  ? 3   DT  A "C2'" 1 
ATOM   40  C  "C1'" . DT  A 1 3  ? -16.891 8.970   -19.431 1.00 56.65  ? 3   DT  A "C1'" 1 
ATOM   41  N  N1    . DT  A 1 3  ? -15.709 9.720   -19.920 1.00 53.69  ? 3   DT  A N1    1 
ATOM   42  C  C2    . DT  A 1 3  ? -14.511 9.059   -20.052 1.00 55.13  ? 3   DT  A C2    1 
ATOM   43  O  O2    . DT  A 1 3  ? -14.374 7.876   -19.799 1.00 56.49  ? 3   DT  A O2    1 
ATOM   44  N  N3    . DT  A 1 3  ? -13.475 9.830   -20.498 1.00 57.37  ? 3   DT  A N3    1 
ATOM   45  C  C4    . DT  A 1 3  ? -13.512 11.168  -20.817 1.00 59.98  ? 3   DT  A C4    1 
ATOM   46  O  O4    . DT  A 1 3  ? -12.522 11.771  -21.212 1.00 59.90  ? 3   DT  A O4    1 
ATOM   47  C  C5    . DT  A 1 3  ? -14.800 11.808  -20.651 1.00 63.46  ? 3   DT  A C5    1 
ATOM   48  C  C7    . DT  A 1 3  ? -14.966 13.266  -20.966 1.00 68.47  ? 3   DT  A C7    1 
ATOM   49  C  C6    . DT  A 1 3  ? -15.824 11.061  -20.211 1.00 58.26  ? 3   DT  A C6    1 
ATOM   50  P  P     . DC  A 1 4  ? -19.381 8.141   -16.015 1.00 61.16  ? 4   DC  A P     1 
ATOM   51  O  OP1   . DC  A 1 4  ? -20.721 8.757   -15.926 1.00 58.10  ? 4   DC  A OP1   1 
ATOM   52  O  OP2   . DC  A 1 4  ? -18.209 8.826   -15.424 1.00 43.03  ? 4   DC  A OP2   1 
ATOM   53  O  "O5'" . DC  A 1 4  ? -19.445 6.666   -15.394 1.00 49.82  ? 4   DC  A "O5'" 1 
ATOM   54  C  "C5'" . DC  A 1 4  ? -19.437 5.534   -16.252 1.00 45.08  ? 4   DC  A "C5'" 1 
ATOM   55  C  "C4'" . DC  A 1 4  ? -18.824 4.329   -15.559 1.00 39.40  ? 4   DC  A "C4'" 1 
ATOM   56  O  "O4'" . DC  A 1 4  ? -17.457 4.131   -16.018 1.00 38.55  ? 4   DC  A "O4'" 1 
ATOM   57  C  "C3'" . DC  A 1 4  ? -18.732 4.429   -14.040 1.00 37.77  ? 4   DC  A "C3'" 1 
ATOM   58  O  "O3'" . DC  A 1 4  ? -18.854 3.143   -13.492 1.00 42.83  ? 4   DC  A "O3'" 1 
ATOM   59  C  "C2'" . DC  A 1 4  ? -17.326 4.965   -13.844 1.00 37.78  ? 4   DC  A "C2'" 1 
ATOM   60  C  "C1'" . DC  A 1 4  ? -16.588 4.169   -14.907 1.00 42.44  ? 4   DC  A "C1'" 1 
ATOM   61  N  N1    . DC  A 1 4  ? -15.293 4.772   -15.322 1.00 37.67  ? 4   DC  A N1    1 
ATOM   62  C  C2    . DC  A 1 4  ? -14.126 4.017   -15.228 1.00 35.54  ? 4   DC  A C2    1 
ATOM   63  O  O2    . DC  A 1 4  ? -14.192 2.858   -14.812 1.00 40.01  ? 4   DC  A O2    1 
ATOM   64  N  N3    . DC  A 1 4  ? -12.955 4.573   -15.608 1.00 36.02  ? 4   DC  A N3    1 
ATOM   65  C  C4    . DC  A 1 4  ? -12.923 5.823   -16.056 1.00 34.82  ? 4   DC  A C4    1 
ATOM   66  N  N4    . DC  A 1 4  ? -11.743 6.322   -16.417 1.00 36.81  ? 4   DC  A N4    1 
ATOM   67  C  C5    . DC  A 1 4  ? -14.100 6.616   -16.155 1.00 34.41  ? 4   DC  A C5    1 
ATOM   68  C  C6    . DC  A 1 4  ? -15.254 6.055   -15.780 1.00 38.81  ? 4   DC  A C6    1 
ATOM   69  P  P     . DG  A 1 5  ? -19.019 2.953   -11.912 1.00 42.90  ? 5   DG  A P     1 
ATOM   70  O  OP1   . DG  A 1 5  ? -19.422 1.545   -11.684 1.00 35.75  ? 5   DG  A OP1   1 
ATOM   71  O  OP2   . DG  A 1 5  ? -19.833 4.082   -11.420 1.00 43.93  ? 5   DG  A OP2   1 
ATOM   72  O  "O5'" . DG  A 1 5  ? -17.552 3.170   -11.335 1.00 37.82  ? 5   DG  A "O5'" 1 
ATOM   73  C  "C5'" . DG  A 1 5  ? -16.677 2.074   -11.188 1.00 35.07  ? 5   DG  A "C5'" 1 
ATOM   74  C  "C4'" . DG  A 1 5  ? -15.423 2.506   -10.460 1.00 37.58  ? 5   DG  A "C4'" 1 
ATOM   75  O  "O4'" . DG  A 1 5  ? -14.821 3.621   -11.170 1.00 42.27  ? 5   DG  A "O4'" 1 
ATOM   76  C  "C3'" . DG  A 1 5  ? -15.653 3.012   -9.035  1.00 42.27  ? 5   DG  A "C3'" 1 
ATOM   77  O  "O3'" . DG  A 1 5  ? -14.534 2.668   -8.217  1.00 42.42  ? 5   DG  A "O3'" 1 
ATOM   78  C  "C2'" . DG  A 1 5  ? -15.751 4.520   -9.236  1.00 33.92  ? 5   DG  A "C2'" 1 
ATOM   79  C  "C1'" . DG  A 1 5  ? -14.675 4.712   -10.278 1.00 36.01  ? 5   DG  A "C1'" 1 
ATOM   80  N  N9    . DG  A 1 5  ? -14.779 5.961   -11.026 1.00 37.81  ? 5   DG  A N9    1 
ATOM   81  C  C8    . DG  A 1 5  ? -15.870 6.787   -11.134 1.00 34.63  ? 5   DG  A C8    1 
ATOM   82  N  N7    . DG  A 1 5  ? -15.647 7.841   -11.876 1.00 31.96  ? 5   DG  A N7    1 
ATOM   83  C  C5    . DG  A 1 5  ? -14.327 7.695   -12.282 1.00 28.56  ? 5   DG  A C5    1 
ATOM   84  C  C6    . DG  A 1 5  ? -13.526 8.524   -13.095 1.00 33.85  ? 5   DG  A C6    1 
ATOM   85  O  O6    . DG  A 1 5  ? -13.831 9.587   -13.646 1.00 45.91  ? 5   DG  A O6    1 
ATOM   86  N  N1    . DG  A 1 5  ? -12.251 8.008   -13.251 1.00 29.66  ? 5   DG  A N1    1 
ATOM   87  C  C2    . DG  A 1 5  ? -11.801 6.842   -12.690 1.00 30.99  ? 5   DG  A C2    1 
ATOM   88  N  N2    . DG  A 1 5  ? -10.530 6.501   -12.951 1.00 36.03  ? 5   DG  A N2    1 
ATOM   89  N  N3    . DG  A 1 5  ? -12.538 6.062   -11.927 1.00 31.76  ? 5   DG  A N3    1 
ATOM   90  C  C4    . DG  A 1 5  ? -13.785 6.548   -11.768 1.00 33.18  ? 5   DG  A C4    1 
ATOM   91  P  P     . DG  A 1 6  ? -14.677 2.649   -6.617  1.00 46.53  ? 6   DG  A P     1 
ATOM   92  O  OP1   . DG  A 1 6  ? -13.351 2.344   -6.018  1.00 43.22  ? 6   DG  A OP1   1 
ATOM   93  O  OP2   . DG  A 1 6  ? -15.847 1.792   -6.315  1.00 48.21  ? 6   DG  A OP2   1 
ATOM   94  O  "O5'" . DG  A 1 6  ? -15.076 4.159   -6.263  1.00 45.18  ? 6   DG  A "O5'" 1 
ATOM   95  C  "C5'" . DG  A 1 6  ? -15.430 4.512   -4.944  1.00 45.64  ? 6   DG  A "C5'" 1 
ATOM   96  C  "C4'" . DG  A 1 6  ? -14.216 5.018   -4.200  1.00 45.89  ? 6   DG  A "C4'" 1 
ATOM   97  O  "O4'" . DG  A 1 6  ? -13.576 6.060   -4.980  1.00 47.42  ? 6   DG  A "O4'" 1 
ATOM   98  C  "C3'" . DG  A 1 6  ? -14.499 5.626   -2.826  1.00 43.41  ? 6   DG  A "C3'" 1 
ATOM   99  O  "O3'" . DG  A 1 6  ? -13.538 5.156   -1.906  1.00 47.28  ? 6   DG  A "O3'" 1 
ATOM   100 C  "C2'" . DG  A 1 6  ? -14.343 7.127   -3.072  1.00 41.07  ? 6   DG  A "C2'" 1 
ATOM   101 C  "C1'" . DG  A 1 6  ? -13.246 7.123   -4.118  1.00 43.46  ? 6   DG  A "C1'" 1 
ATOM   102 N  N9    . DG  A 1 6  ? -13.149 8.351   -4.902  1.00 38.10  ? 6   DG  A N9    1 
ATOM   103 C  C8    . DG  A 1 6  ? -14.138 9.265   -5.144  1.00 35.70  ? 6   DG  A C8    1 
ATOM   104 N  N7    . DG  A 1 6  ? -13.750 10.261  -5.888  1.00 32.98  ? 6   DG  A N7    1 
ATOM   105 C  C5    . DG  A 1 6  ? -12.423 9.985   -6.158  1.00 31.27  ? 6   DG  A C5    1 
ATOM   106 C  C6    . DG  A 1 6  ? -11.488 10.707  -6.917  1.00 38.38  ? 6   DG  A C6    1 
ATOM   107 O  O6    . DG  A 1 6  ? -11.657 11.777  -7.522  1.00 46.67  ? 6   DG  A O6    1 
ATOM   108 N  N1    . DG  A 1 6  ? -10.246 10.072  -6.943  1.00 40.33  ? 6   DG  A N1    1 
ATOM   109 C  C2    . DG  A 1 6  ? -9.954  8.888   -6.308  1.00 39.09  ? 6   DG  A C2    1 
ATOM   110 N  N2    . DG  A 1 6  ? -8.701  8.426   -6.446  1.00 39.00  ? 6   DG  A N2    1 
ATOM   111 N  N3    . DG  A 1 6  ? -10.829 8.205   -5.590  1.00 37.03  ? 6   DG  A N3    1 
ATOM   112 C  C4    . DG  A 1 6  ? -12.037 8.811   -5.561  1.00 35.14  ? 6   DG  A C4    1 
ATOM   113 P  P     . DA  A 1 7  ? -13.919 4.974   -0.357  1.00 55.85  ? 7   DA  A P     1 
ATOM   114 O  OP1   . DA  A 1 7  ? -15.301 4.447   -0.295  1.00 55.45  ? 7   DA  A OP1   1 
ATOM   115 O  OP2   . DA  A 1 7  ? -13.579 6.241   0.337   1.00 40.26  ? 7   DA  A OP2   1 
ATOM   116 O  "O5'" . DA  A 1 7  ? -12.902 3.843   0.144   1.00 43.82  ? 7   DA  A "O5'" 1 
ATOM   117 C  "C5'" . DA  A 1 7  ? -13.008 2.510   -0.355  1.00 41.28  ? 7   DA  A "C5'" 1 
ATOM   118 C  "C4'" . DA  A 1 7  ? -11.642 1.971   -0.744  1.00 40.94  ? 7   DA  A "C4'" 1 
ATOM   119 O  "O4'" . DA  A 1 7  ? -11.108 2.770   -1.817  1.00 39.50  ? 7   DA  A "O4'" 1 
ATOM   120 C  "C3'" . DA  A 1 7  ? -10.586 2.031   0.345   1.00 42.66  ? 7   DA  A "C3'" 1 
ATOM   121 O  "O3'" . DA  A 1 7  ? -10.646 0.852   1.155   1.00 51.47  ? 7   DA  A "O3'" 1 
ATOM   122 C  "C2'" . DA  A 1 7  ? -9.286  2.076   -0.456  1.00 40.97  ? 7   DA  A "C2'" 1 
ATOM   123 C  "C1'" . DA  A 1 7  ? -9.695  2.801   -1.734  1.00 35.81  ? 7   DA  A "C1'" 1 
ATOM   124 N  N9    . DA  A 1 7  ? -9.263  4.191   -1.791  1.00 33.91  ? 7   DA  A N9    1 
ATOM   125 C  C8    . DA  A 1 7  ? -10.053 5.302   -1.688  1.00 36.19  ? 7   DA  A C8    1 
ATOM   126 N  N7    . DA  A 1 7  ? -9.392  6.432   -1.795  1.00 36.49  ? 7   DA  A N7    1 
ATOM   127 C  C5    . DA  A 1 7  ? -8.079  6.031   -1.990  1.00 32.91  ? 7   DA  A C5    1 
ATOM   128 C  C6    . DA  A 1 7  ? -6.880  6.753   -2.177  1.00 33.47  ? 7   DA  A C6    1 
ATOM   129 N  N6    . DA  A 1 7  ? -6.815  8.090   -2.197  1.00 32.94  ? 7   DA  A N6    1 
ATOM   130 N  N1    . DA  A 1 7  ? -5.745  6.046   -2.341  1.00 36.22  ? 7   DA  A N1    1 
ATOM   131 C  C2    . DA  A 1 7  ? -5.811  4.709   -2.319  1.00 36.79  ? 7   DA  A C2    1 
ATOM   132 N  N3    . DA  A 1 7  ? -6.875  3.921   -2.151  1.00 37.63  ? 7   DA  A N3    1 
ATOM   133 C  C4    . DA  A 1 7  ? -7.985  4.652   -1.990  1.00 33.01  ? 7   DA  A C4    1 
ATOM   134 P  P     . DC  A 1 8  ? -10.256 0.907   2.717   1.00 59.33  ? 8   DC  A P     1 
ATOM   135 O  OP1   . DC  A 1 8  ? -9.974  -0.480  3.153   1.00 56.66  ? 8   DC  A OP1   1 
ATOM   136 O  OP2   . DC  A 1 8  ? -11.317 1.690   3.396   1.00 45.52  ? 8   DC  A OP2   1 
ATOM   137 O  "O5'" . DC  A 1 8  ? -8.864  1.712   2.760   1.00 41.33  ? 8   DC  A "O5'" 1 
ATOM   138 C  "C5'" . DC  A 1 8  ? -7.633  1.011   2.601   1.00 35.96  ? 8   DC  A "C5'" 1 
ATOM   139 C  "C4'" . DC  A 1 8  ? -6.453  1.965   2.600   1.00 35.40  ? 8   DC  A "C4'" 1 
ATOM   140 O  "O4'" . DC  A 1 8  ? -6.785  3.147   1.827   1.00 34.66  ? 8   DC  A "O4'" 1 
ATOM   141 C  "C3'" . DC  A 1 8  ? -6.034  2.482   3.974   1.00 41.52  ? 8   DC  A "C3'" 1 
ATOM   142 O  "O3'" . DC  A 1 8  ? -4.627  2.699   3.991   1.00 40.76  ? 8   DC  A "O3'" 1 
ATOM   143 C  "C2'" . DC  A 1 8  ? -6.795  3.797   4.073   1.00 38.19  ? 8   DC  A "C2'" 1 
ATOM   144 C  "C1'" . DC  A 1 8  ? -6.676  4.297   2.645   1.00 37.74  ? 8   DC  A "C1'" 1 
ATOM   145 N  N1    . DC  A 1 8  ? -7.745  5.250   2.252   1.00 35.76  ? 8   DC  A N1    1 
ATOM   146 C  C2    . DC  A 1 8  ? -7.402  6.514   1.754   1.00 34.59  ? 8   DC  A C2    1 
ATOM   147 O  O2    . DC  A 1 8  ? -6.208  6.820   1.656   1.00 39.88  ? 8   DC  A O2    1 
ATOM   148 N  N3    . DC  A 1 8  ? -8.393  7.368   1.389   1.00 32.07  ? 8   DC  A N3    1 
ATOM   149 C  C4    . DC  A 1 8  ? -9.669  7.000   1.512   1.00 33.46  ? 8   DC  A C4    1 
ATOM   150 N  N4    . DC  A 1 8  ? -10.613 7.873   1.144   1.00 35.45  ? 8   DC  A N4    1 
ATOM   151 C  C5    . DC  A 1 8  ? -10.036 5.718   2.019   1.00 36.13  ? 8   DC  A C5    1 
ATOM   152 C  C6    . DC  A 1 8  ? -9.052  4.883   2.370   1.00 35.65  ? 8   DC  A C6    1 
ATOM   153 P  P     . DG  A 1 9  ? -3.828  2.760   5.384   1.00 47.18  ? 9   DG  A P     1 
ATOM   154 O  OP1   . DG  A 1 9  ? -2.403  2.480   5.091   1.00 42.32  ? 9   DG  A OP1   1 
ATOM   155 O  OP2   . DG  A 1 9  ? -4.580  1.963   6.387   1.00 29.26  ? 9   DG  A OP2   1 
ATOM   156 O  "O5'" . DG  A 1 9  ? -3.919  4.290   5.807   1.00 40.96  ? 9   DG  A "O5'" 1 
ATOM   157 C  "C5'" . DG  A 1 9  ? -3.456  5.290   4.922   1.00 41.01  ? 9   DG  A "C5'" 1 
ATOM   158 C  "C4'" . DG  A 1 9  ? -3.841  6.663   5.430   1.00 36.35  ? 9   DG  A "C4'" 1 
ATOM   159 O  "O4'" . DG  A 1 9  ? -5.279  6.840   5.311   1.00 41.69  ? 9   DG  A "O4'" 1 
ATOM   160 C  "C3'" . DG  A 1 9  ? -3.516  6.910   6.891   1.00 25.03  ? 9   DG  A "C3'" 1 
ATOM   161 O  "O3'" . DG  A 1 9  ? -3.148  8.254   7.073   1.00 26.60  ? 9   DG  A "O3'" 1 
ATOM   162 C  "C2'" . DG  A 1 9  ? -4.831  6.591   7.591   1.00 25.78  ? 9   DG  A "C2'" 1 
ATOM   163 C  "C1'" . DG  A 1 9  ? -5.837  7.099   6.579   1.00 27.99  ? 9   DG  A "C1'" 1 
ATOM   164 N  N9    . DG  A 1 9  ? -7.121  6.424   6.657   1.00 26.28  ? 9   DG  A N9    1 
ATOM   165 C  C8    . DG  A 1 9  ? -7.384  5.219   7.256   1.00 27.44  ? 9   DG  A C8    1 
ATOM   166 N  N7    . DG  A 1 9  ? -8.633  4.859   7.171   1.00 25.73  ? 9   DG  A N7    1 
ATOM   167 C  C5    . DG  A 1 9  ? -9.231  5.890   6.465   1.00 24.57  ? 9   DG  A C5    1 
ATOM   168 C  C6    . DG  A 1 9  ? -10.570 6.052   6.066   1.00 29.50  ? 9   DG  A C6    1 
ATOM   169 O  O6    . DG  A 1 9  ? -11.522 5.288   6.267   1.00 38.65  ? 9   DG  A O6    1 
ATOM   170 N  N1    . DG  A 1 9  ? -10.767 7.243   5.373   1.00 27.00  ? 9   DG  A N1    1 
ATOM   171 C  C2    . DG  A 1 9  ? -9.787  8.157   5.098   1.00 27.02  ? 9   DG  A C2    1 
ATOM   172 N  N2    . DG  A 1 9  ? -10.170 9.245   4.419   1.00 29.06  ? 9   DG  A N2    1 
ATOM   173 N  N3    . DG  A 1 9  ? -8.519  8.015   5.460   1.00 27.62  ? 9   DG  A N3    1 
ATOM   174 C  C4    . DG  A 1 9  ? -8.317  6.861   6.141   1.00 25.86  ? 9   DG  A C4    1 
ATOM   175 P  P     . DA  A 1 10 ? -1.802  8.592   7.876   1.00 33.01  ? 10  DA  A P     1 
ATOM   176 O  OP1   . DA  A 1 10 ? -0.868  7.498   7.551   1.00 40.90  ? 10  DA  A OP1   1 
ATOM   177 O  OP2   . DA  A 1 10 ? -2.124  8.894   9.286   1.00 28.63  ? 10  DA  A OP2   1 
ATOM   178 O  "O5'" . DA  A 1 10 ? -1.292  9.939   7.211   1.00 29.72  ? 10  DA  A "O5'" 1 
ATOM   179 C  "C5'" . DA  A 1 10 ? -0.866  9.947   5.871   1.00 34.12  ? 10  DA  A "C5'" 1 
ATOM   180 C  "C4'" . DA  A 1 10 ? -1.302  11.228  5.196   1.00 34.93  ? 10  DA  A "C4'" 1 
ATOM   181 O  "O4'" . DA  A 1 10 ? -2.750  11.259  5.153   1.00 34.37  ? 10  DA  A "O4'" 1 
ATOM   182 C  "C3'" . DA  A 1 10 ? -0.872  12.510  5.910   1.00 33.81  ? 10  DA  A "C3'" 1 
ATOM   183 O  "O3'" . DA  A 1 10 ? -0.414  13.459  4.965   1.00 40.84  ? 10  DA  A "O3'" 1 
ATOM   184 C  "C2'" . DA  A 1 10 ? -2.154  12.975  6.602   1.00 35.71  ? 10  DA  A "C2'" 1 
ATOM   185 C  "C1'" . DA  A 1 10 ? -3.206  12.503  5.619   1.00 31.07  ? 10  DA  A "C1'" 1 
ATOM   186 N  N9    . DA  A 1 10 ? -4.523  12.308  6.203   1.00 26.99  ? 10  DA  A N9    1 
ATOM   187 C  C8    . DA  A 1 10 ? -5.034  11.152  6.706   1.00 28.47  ? 10  DA  A C8    1 
ATOM   188 N  N7    . DA  A 1 10 ? -6.258  11.268  7.157   1.00 27.05  ? 10  DA  A N7    1 
ATOM   189 C  C5    . DA  A 1 10 ? -6.572  12.586  6.920   1.00 25.94  ? 10  DA  A C5    1 
ATOM   190 C  C6    . DA  A 1 10 ? -7.727  13.336  7.163   1.00 28.16  ? 10  DA  A C6    1 
ATOM   191 N  N6    . DA  A 1 10 ? -8.824  12.831  7.727   1.00 36.29  ? 10  DA  A N6    1 
ATOM   192 N  N1    . DA  A 1 10 ? -7.717  14.627  6.806   1.00 30.11  ? 10  DA  A N1    1 
ATOM   193 C  C2    . DA  A 1 10 ? -6.615  15.131  6.244   1.00 30.03  ? 10  DA  A C2    1 
ATOM   194 N  N3    . DA  A 1 10 ? -5.470  14.521  5.960   1.00 28.12  ? 10  DA  A N3    1 
ATOM   195 C  C4    . DA  A 1 10 ? -5.515  13.241  6.328   1.00 26.14  ? 10  DA  A C4    1 
ATOM   196 P  P     . DT  A 1 11 ? 1.121   13.921  4.988   1.00 52.32  ? 11  DT  A P     1 
ATOM   197 O  OP1   . DT  A 1 11 ? 1.902   12.738  4.556   1.00 44.08  ? 11  DT  A OP1   1 
ATOM   198 O  OP2   . DT  A 1 11 ? 1.385   14.515  6.319   1.00 40.10  ? 11  DT  A OP2   1 
ATOM   199 O  "O5'" . DA  B 1 1  ? -8.014  -2.414  -22.726 1.00 49.71  ? 1   DA  B "O5'" 1 
ATOM   200 C  "C5'" . DA  B 1 1  ? -8.411  -3.553  -23.472 1.00 47.94  ? 1   DA  B "C5'" 1 
ATOM   201 C  "C4'" . DA  B 1 1  ? -9.308  -4.448  -22.640 1.00 46.93  ? 1   DA  B "C4'" 1 
ATOM   202 O  "O4'" . DA  B 1 1  ? -10.509 -3.719  -22.283 1.00 40.86  ? 1   DA  B "O4'" 1 
ATOM   203 C  "C3'" . DA  B 1 1  ? -9.791  -5.707  -23.345 1.00 58.45  ? 1   DA  B "C3'" 1 
ATOM   204 O  "O3'" . DA  B 1 1  ? -10.033 -6.751  -22.395 1.00 54.29  ? 1   DA  B "O3'" 1 
ATOM   205 C  "C2'" . DA  B 1 1  ? -11.082 -5.235  -24.014 1.00 54.35  ? 1   DA  B "C2'" 1 
ATOM   206 C  "C1'" . DA  B 1 1  ? -11.622 -4.230  -22.996 1.00 40.95  ? 1   DA  B "C1'" 1 
ATOM   207 N  N9    . DA  B 1 1  ? -12.326 -3.109  -23.606 1.00 35.44  ? 1   DA  B N9    1 
ATOM   208 C  C8    . DA  B 1 1  ? -11.773 -1.990  -24.161 1.00 36.18  ? 1   DA  B C8    1 
ATOM   209 N  N7    . DA  B 1 1  ? -12.655 -1.143  -24.630 1.00 32.41  ? 1   DA  B N7    1 
ATOM   210 C  C5    . DA  B 1 1  ? -13.863 -1.752  -24.369 1.00 32.12  ? 1   DA  B C5    1 
ATOM   211 C  C6    . DA  B 1 1  ? -15.189 -1.368  -24.626 1.00 34.77  ? 1   DA  B C6    1 
ATOM   212 N  N6    . DA  B 1 1  ? -15.518 -0.224  -25.229 1.00 37.53  ? 1   DA  B N6    1 
ATOM   213 N  N1    . DA  B 1 1  ? -16.168 -2.207  -24.235 1.00 36.45  ? 1   DA  B N1    1 
ATOM   214 C  C2    . DA  B 1 1  ? -15.834 -3.351  -23.629 1.00 33.93  ? 1   DA  B C2    1 
ATOM   215 N  N3    . DA  B 1 1  ? -14.623 -3.818  -23.338 1.00 34.79  ? 1   DA  B N3    1 
ATOM   216 C  C4    . DA  B 1 1  ? -13.677 -2.964  -23.738 1.00 33.29  ? 1   DA  B C4    1 
ATOM   217 P  P     . DC  B 1 2  ? -9.887  -8.287  -22.835 0.20 49.76  ? 2   DC  B P     1 
ATOM   218 O  OP1   . DC  B 1 2  ? -9.387  -8.309  -24.227 0.20 49.22  ? 2   DC  B OP1   1 
ATOM   219 O  OP2   . DC  B 1 2  ? -11.151 -8.975  -22.491 0.20 54.38  ? 2   DC  B OP2   1 
ATOM   220 O  "O5'" . DC  B 1 2  ? -8.729  -8.841  -21.890 0.20 56.49  ? 2   DC  B "O5'" 1 
ATOM   221 C  "C5'" . DC  B 1 2  ? -7.451  -8.230  -21.907 0.20 59.73  ? 2   DC  B "C5'" 1 
ATOM   222 C  "C4'" . DC  B 1 2  ? -6.829  -8.265  -20.527 0.20 62.45  ? 2   DC  B "C4'" 1 
ATOM   223 O  "O4'" . DC  B 1 2  ? -7.514  -9.254  -19.717 0.20 61.44  ? 2   DC  B "O4'" 1 
ATOM   224 C  "C3'" . DC  B 1 2  ? -5.348  -8.640  -20.505 0.20 65.70  ? 2   DC  B "C3'" 1 
ATOM   225 O  "O3'" . DC  B 1 2  ? -4.538  -7.468  -20.297 0.20 71.26  ? 2   DC  B "O3'" 1 
ATOM   226 C  "C2'" . DC  B 1 2  ? -5.233  -9.649  -19.361 0.20 64.10  ? 2   DC  B "C2'" 1 
ATOM   227 C  "C1'" . DC  B 1 2  ? -6.618  -10.279 -19.360 0.20 61.55  ? 2   DC  B "C1'" 1 
ATOM   228 P  P     . DT  B 1 3  ? -4.537  -6.656  -18.902 1.00 100.03 ? 3   DT  B P     1 
ATOM   229 O  OP1   . DT  B 1 3  ? -3.130  -6.648  -18.441 1.00 85.09  ? 3   DT  B OP1   1 
ATOM   230 O  OP2   . DT  B 1 3  ? -5.616  -7.084  -17.976 1.00 71.28  ? 3   DT  B OP2   1 
ATOM   231 O  "O5'" . DT  B 1 3  ? -4.891  -5.161  -19.338 1.00 84.93  ? 3   DT  B "O5'" 1 
ATOM   232 C  "C5'" . DT  B 1 3  ? -6.250  -4.772  -19.477 1.00 68.91  ? 3   DT  B "C5'" 1 
ATOM   233 C  "C4'" . DT  B 1 3  ? -6.462  -3.357  -18.981 1.00 52.80  ? 3   DT  B "C4'" 1 
ATOM   234 O  "O4'" . DT  B 1 3  ? -7.873  -3.148  -18.761 1.00 51.07  ? 3   DT  B "O4'" 1 
ATOM   235 C  "C3'" . DT  B 1 3  ? -5.827  -3.051  -17.642 1.00 53.54  ? 3   DT  B "C3'" 1 
ATOM   236 O  "O3'" . DT  B 1 3  ? -5.726  -1.654  -17.473 1.00 51.34  ? 3   DT  B "O3'" 1 
ATOM   237 C  "C2'" . DT  B 1 3  ? -6.851  -3.637  -16.688 1.00 60.58  ? 3   DT  B "C2'" 1 
ATOM   238 C  "C1'" . DT  B 1 3  ? -8.156  -3.249  -17.378 1.00 56.47  ? 3   DT  B "C1'" 1 
ATOM   239 N  N1    . DT  B 1 3  ? -9.235  -4.242  -17.196 1.00 56.19  ? 3   DT  B N1    1 
ATOM   240 C  C2    . DT  B 1 3  ? -10.522 -3.803  -16.994 1.00 57.77  ? 3   DT  B C2    1 
ATOM   241 O  O2    . DT  B 1 3  ? -10.824 -2.627  -16.960 1.00 57.11  ? 3   DT  B O2    1 
ATOM   242 N  N3    . DT  B 1 3  ? -11.450 -4.797  -16.834 1.00 58.68  ? 3   DT  B N3    1 
ATOM   243 C  C4    . DT  B 1 3  ? -11.222 -6.160  -16.856 1.00 67.41  ? 3   DT  B C4    1 
ATOM   244 O  O4    . DT  B 1 3  ? -12.125 -6.980  -16.706 1.00 76.98  ? 3   DT  B O4    1 
ATOM   245 C  C5    . DT  B 1 3  ? -9.846  -6.553  -17.073 1.00 70.21  ? 3   DT  B C5    1 
ATOM   246 C  C7    . DT  B 1 3  ? -9.473  -8.008  -17.120 1.00 69.04  ? 3   DT  B C7    1 
ATOM   247 C  C6    . DT  B 1 3  ? -8.930  -5.584  -17.229 1.00 63.89  ? 3   DT  B C6    1 
ATOM   248 P  P     . DC  B 1 4  ? -4.609  -1.043  -16.496 1.00 52.72  ? 4   DC  B P     1 
ATOM   249 O  OP1   . DC  B 1 4  ? -3.296  -1.344  -17.097 1.00 55.26  ? 4   DC  B OP1   1 
ATOM   250 O  OP2   . DC  B 1 4  ? -4.902  -1.498  -15.122 1.00 40.13  ? 4   DC  B OP2   1 
ATOM   251 O  "O5'" . DC  B 1 4  ? -4.844  0.538   -16.585 1.00 39.55  ? 4   DC  B "O5'" 1 
ATOM   252 C  "C5'" . DC  B 1 4  ? -4.410  1.245   -17.722 1.00 31.93  ? 4   DC  B "C5'" 1 
ATOM   253 C  "C4'" . DC  B 1 4  ? -4.940  2.666   -17.717 1.00 35.38  ? 4   DC  B "C4'" 1 
ATOM   254 O  "O4'" . DC  B 1 4  ? -6.392  2.650   -17.705 1.00 40.46  ? 4   DC  B "O4'" 1 
ATOM   255 C  "C3'" . DC  B 1 4  ? -4.524  3.514   -16.519 1.00 36.33  ? 4   DC  B "C3'" 1 
ATOM   256 O  "O3'" . DC  B 1 4  ? -4.296  4.845   -16.936 1.00 45.22  ? 4   DC  B "O3'" 1 
ATOM   257 C  "C2'" . DC  B 1 4  ? -5.744  3.433   -15.617 1.00 38.13  ? 4   DC  B "C2'" 1 
ATOM   258 C  "C1'" . DC  B 1 4  ? -6.856  3.451   -16.644 1.00 37.09  ? 4   DC  B "C1'" 1 
ATOM   259 N  N1    . DC  B 1 4  ? -8.121  2.881   -16.144 1.00 32.30  ? 4   DC  B N1    1 
ATOM   260 C  C2    . DC  B 1 4  ? -9.267  3.668   -16.124 1.00 32.54  ? 4   DC  B C2    1 
ATOM   261 O  O2    . DC  B 1 4  ? -9.203  4.828   -16.538 1.00 38.83  ? 4   DC  B O2    1 
ATOM   262 N  N3    . DC  B 1 4  ? -10.418 3.134   -15.668 1.00 33.73  ? 4   DC  B N3    1 
ATOM   263 C  C4    . DC  B 1 4  ? -10.442 1.876   -15.231 1.00 37.01  ? 4   DC  B C4    1 
ATOM   264 N  N4    . DC  B 1 4  ? -11.602 1.390   -14.780 1.00 37.30  ? 4   DC  B N4    1 
ATOM   265 C  C5    . DC  B 1 4  ? -9.278  1.060   -15.237 1.00 36.49  ? 4   DC  B C5    1 
ATOM   266 C  C6    . DC  B 1 4  ? -8.150  1.599   -15.695 1.00 33.85  ? 4   DC  B C6    1 
ATOM   267 P  P     . DG  B 1 5  ? -3.500  5.861   -15.982 1.00 55.14  ? 5   DG  B P     1 
ATOM   268 O  OP1   . DG  B 1 5  ? -3.243  7.088   -16.771 1.00 52.13  ? 5   DG  B OP1   1 
ATOM   269 O  OP2   . DG  B 1 5  ? -2.382  5.101   -15.382 1.00 51.26  ? 5   DG  B OP2   1 
ATOM   270 O  "O5'" . DG  B 1 5  ? -4.543  6.210   -14.813 1.00 46.46  ? 5   DG  B "O5'" 1 
ATOM   271 C  "C5'" . DG  B 1 5  ? -5.606  7.140   -15.044 1.00 42.21  ? 5   DG  B "C5'" 1 
ATOM   272 C  "C4'" . DG  B 1 5  ? -6.488  7.288   -13.808 1.00 41.87  ? 5   DG  B "C4'" 1 
ATOM   273 O  "O4'" . DG  B 1 5  ? -7.228  6.056   -13.578 1.00 40.21  ? 5   DG  B "O4'" 1 
ATOM   274 C  "C3'" . DG  B 1 5  ? -5.741  7.581   -12.500 1.00 36.77  ? 5   DG  B "C3'" 1 
ATOM   275 O  "O3'" . DG  B 1 5  ? -6.444  8.556   -11.735 1.00 38.53  ? 5   DG  B "O3'" 1 
ATOM   276 C  "C2'" . DG  B 1 5  ? -5.739  6.228   -11.805 1.00 31.97  ? 5   DG  B "C2'" 1 
ATOM   277 C  "C1'" . DG  B 1 5  ? -7.084  5.678   -12.229 1.00 36.16  ? 5   DG  B "C1'" 1 
ATOM   278 N  N9    . DG  B 1 5  ? -7.150  4.229   -12.138 1.00 33.16  ? 5   DG  B N9    1 
ATOM   279 C  C8    . DG  B 1 5  ? -6.088  3.362   -12.142 1.00 35.24  ? 5   DG  B C8    1 
ATOM   280 N  N7    . DG  B 1 5  ? -6.437  2.111   -12.042 1.00 31.55  ? 5   DG  B N7    1 
ATOM   281 C  C5    . DG  B 1 5  ? -7.818  2.151   -11.964 1.00 30.78  ? 5   DG  B C5    1 
ATOM   282 C  C6    . DG  B 1 5  ? -8.743  1.095   -11.840 1.00 34.16  ? 5   DG  B C6    1 
ATOM   283 O  O6    . DG  B 1 5  ? -8.513  -0.120  -11.779 1.00 39.86  ? 5   DG  B O6    1 
ATOM   284 N  N1    . DG  B 1 5  ? -10.054 1.561   -11.786 1.00 34.58  ? 5   DG  B N1    1 
ATOM   285 C  C2    . DG  B 1 5  ? -10.420 2.880   -11.847 1.00 33.82  ? 5   DG  B C2    1 
ATOM   286 N  N2    . DG  B 1 5  ? -11.735 3.127   -11.783 1.00 38.03  ? 5   DG  B N2    1 
ATOM   287 N  N3    . DG  B 1 5  ? -9.558  3.888   -11.962 1.00 32.93  ? 5   DG  B N3    1 
ATOM   288 C  C4    . DG  B 1 5  ? -8.278  3.447   -12.016 1.00 33.01  ? 5   DG  B C4    1 
ATOM   289 P  P     . DG  B 1 6  ? -5.693  9.360   -10.562 1.00 43.14  ? 6   DG  B P     1 
ATOM   290 O  OP1   . DG  B 1 6  ? -6.712  10.090  -9.776  1.00 46.99  ? 6   DG  B OP1   1 
ATOM   291 O  OP2   . DG  B 1 6  ? -4.570  10.102  -11.168 1.00 52.46  ? 6   DG  B OP2   1 
ATOM   292 O  "O5'" . DG  B 1 6  ? -5.063  8.204   -9.655  1.00 38.40  ? 6   DG  B "O5'" 1 
ATOM   293 C  "C5'" . DG  B 1 6  ? -4.244  8.525   -8.560  1.00 39.52  ? 6   DG  B "C5'" 1 
ATOM   294 C  "C4'" . DG  B 1 6  ? -5.057  8.566   -7.283  1.00 43.80  ? 6   DG  B "C4'" 1 
ATOM   295 O  "O4'" . DG  B 1 6  ? -5.767  7.306   -7.104  1.00 42.59  ? 6   DG  B "O4'" 1 
ATOM   296 C  "C3'" . DG  B 1 6  ? -4.239  8.778   -6.000  1.00 36.24  ? 6   DG  B "C3'" 1 
ATOM   297 O  "O3'" . DG  B 1 6  ? -4.858  9.773   -5.204  1.00 40.25  ? 6   DG  B "O3'" 1 
ATOM   298 C  "C2'" . DG  B 1 6  ? -4.297  7.410   -5.322  1.00 33.78  ? 6   DG  B "C2'" 1 
ATOM   299 C  "C1'" . DG  B 1 6  ? -5.677  6.951   -5.747  1.00 37.67  ? 6   DG  B "C1'" 1 
ATOM   300 N  N9    . DG  B 1 6  ? -5.902  5.516   -5.593  1.00 32.52  ? 6   DG  B N9    1 
ATOM   301 C  C8    . DG  B 1 6  ? -4.950  4.528   -5.533  1.00 34.65  ? 6   DG  B C8    1 
ATOM   302 N  N7    . DG  B 1 6  ? -5.452  3.334   -5.372  1.00 34.23  ? 6   DG  B N7    1 
ATOM   303 C  C5    . DG  B 1 6  ? -6.822  3.547   -5.315  1.00 28.53  ? 6   DG  B C5    1 
ATOM   304 C  C6    . DG  B 1 6  ? -7.882  2.624   -5.150  1.00 31.53  ? 6   DG  B C6    1 
ATOM   305 O  O6    . DG  B 1 6  ? -7.813  1.391   -5.016  1.00 31.97  ? 6   DG  B O6    1 
ATOM   306 N  N1    . DG  B 1 6  ? -9.124  3.260   -5.146  1.00 31.98  ? 6   DG  B N1    1 
ATOM   307 C  C2    . DG  B 1 6  ? -9.312  4.617   -5.284  1.00 33.00  ? 6   DG  B C2    1 
ATOM   308 N  N2    . DG  B 1 6  ? -10.578 5.046   -5.257  1.00 36.61  ? 6   DG  B N2    1 
ATOM   309 N  N3    . DG  B 1 6  ? -8.327  5.490   -5.442  1.00 32.60  ? 6   DG  B N3    1 
ATOM   310 C  C4    . DG  B 1 6  ? -7.114  4.885   -5.446  1.00 30.23  ? 6   DG  B C4    1 
ATOM   311 P  P     . DA  B 1 7  ? -3.987  10.672  -4.200  1.00 49.29  ? 7   DA  B P     1 
ATOM   312 O  OP1   . DA  B 1 7  ? -2.633  10.823  -4.778  1.00 36.45  ? 7   DA  B OP1   1 
ATOM   313 O  OP2   . DA  B 1 7  ? -4.142  10.098  -2.841  1.00 46.93  ? 7   DA  B OP2   1 
ATOM   314 O  "O5'" . DA  B 1 7  ? -4.740  12.082  -4.217  1.00 46.48  ? 7   DA  B "O5'" 1 
ATOM   315 C  "C5'" . DA  B 1 7  ? -4.696  12.890  -5.380  1.00 43.64  ? 7   DA  B "C5'" 1 
ATOM   316 C  "C4'" . DA  B 1 7  ? -6.059  13.486  -5.671  1.00 41.53  ? 7   DA  B "C4'" 1 
ATOM   317 O  "O4'" . DA  B 1 7  ? -6.963  12.443  -6.094  1.00 45.60  ? 7   DA  B "O4'" 1 
ATOM   318 C  "C3'" . DA  B 1 7  ? -6.759  14.108  -4.483  1.00 48.77  ? 7   DA  B "C3'" 1 
ATOM   319 O  "O3'" . DA  B 1 7  ? -6.292  15.418  -4.270  1.00 55.17  ? 7   DA  B "O3'" 1 
ATOM   320 C  "C2'" . DA  B 1 7  ? -8.202  14.105  -4.966  1.00 43.43  ? 7   DA  B "C2'" 1 
ATOM   321 C  "C1'" . DA  B 1 7  ? -8.275  12.746  -5.647  1.00 39.31  ? 7   DA  B "C1'" 1 
ATOM   322 N  N9    . DA  B 1 7  ? -8.704  11.690  -4.752  1.00 38.05  ? 7   DA  B N9    1 
ATOM   323 C  C8    . DA  B 1 7  ? -7.982  10.599  -4.357  1.00 41.11  ? 7   DA  B C8    1 
ATOM   324 N  N7    . DA  B 1 7  ? -8.634  9.806   -3.538  1.00 41.27  ? 7   DA  B N7    1 
ATOM   325 C  C5    . DA  B 1 7  ? -9.863  10.428  -3.384  1.00 34.89  ? 7   DA  B C5    1 
ATOM   326 C  C6    . DA  B 1 7  ? -11.008 10.095  -2.636  1.00 38.12  ? 7   DA  B C6    1 
ATOM   327 N  N6    . DA  B 1 7  ? -11.098 9.000   -1.870  1.00 38.82  ? 7   DA  B N6    1 
ATOM   328 N  N1    . DA  B 1 7  ? -12.062 10.931  -2.706  1.00 37.79  ? 7   DA  B N1    1 
ATOM   329 C  C2    . DA  B 1 7  ? -11.966 12.023  -3.470  1.00 39.39  ? 7   DA  B C2    1 
ATOM   330 N  N3    . DA  B 1 7  ? -10.944 12.438  -4.213  1.00 36.19  ? 7   DA  B N3    1 
ATOM   331 C  C4    . DA  B 1 7  ? -9.917  11.590  -4.125  1.00 33.61  ? 7   DA  B C4    1 
ATOM   332 P  P     . DC  B 1 8  ? -6.006  15.930  -2.778  1.00 50.69  ? 8   DC  B P     1 
ATOM   333 O  OP1   . DC  B 1 8  ? -6.053  17.406  -2.828  1.00 54.99  ? 8   DC  B OP1   1 
ATOM   334 O  OP2   . DC  B 1 8  ? -4.799  15.222  -2.290  1.00 41.95  ? 8   DC  B OP2   1 
ATOM   335 O  "O5'" . DC  B 1 8  ? -7.276  15.434  -1.941  1.00 43.19  ? 8   DC  B "O5'" 1 
ATOM   336 C  "C5'" . DC  B 1 8  ? -8.495  16.158  -2.002  1.00 45.21  ? 8   DC  B "C5'" 1 
ATOM   337 C  "C4'" . DC  B 1 8  ? -9.671  15.231  -1.763  1.00 46.43  ? 8   DC  B "C4'" 1 
ATOM   338 O  "O4'" . DC  B 1 8  ? -9.227  13.850  -1.905  1.00 47.68  ? 8   DC  B "O4'" 1 
ATOM   339 C  "C3'" . DC  B 1 8  ? -10.282 15.310  -0.369  1.00 45.17  ? 8   DC  B "C3'" 1 
ATOM   340 O  "O3'" . DC  B 1 8  ? -11.647 14.947  -0.428  1.00 48.54  ? 8   DC  B "O3'" 1 
ATOM   341 C  "C2'" . DC  B 1 8  ? -9.481  14.258  0.374   1.00 47.34  ? 8   DC  B "C2'" 1 
ATOM   342 C  "C1'" . DC  B 1 8  ? -9.425  13.170  -0.683  1.00 44.98  ? 8   DC  B "C1'" 1 
ATOM   343 N  N1    . DC  B 1 8  ? -8.316  12.204  -0.479  1.00 37.92  ? 8   DC  B N1    1 
ATOM   344 C  C2    . DC  B 1 8  ? -8.605  10.913  -0.028  1.00 38.51  ? 8   DC  B C2    1 
ATOM   345 O  O2    . DC  B 1 8  ? -9.782  10.599  0.182   1.00 41.99  ? 8   DC  B O2    1 
ATOM   346 N  N3    . DC  B 1 8  ? -7.588  10.041  0.164   1.00 37.23  ? 8   DC  B N3    1 
ATOM   347 C  C4    . DC  B 1 8  ? -6.333  10.421  -0.071  1.00 42.08  ? 8   DC  B C4    1 
ATOM   348 N  N4    . DC  B 1 8  ? -5.360  9.526   0.133   1.00 44.07  ? 8   DC  B N4    1 
ATOM   349 C  C5    . DC  B 1 8  ? -6.019  11.735  -0.528  1.00 41.47  ? 8   DC  B C5    1 
ATOM   350 C  C6    . DC  B 1 8  ? -7.032  12.586  -0.714  1.00 38.93  ? 8   DC  B C6    1 
ATOM   351 P  P     . DG  B 1 9  ? -12.610 15.228  0.826   1.00 59.81  ? 9   DG  B P     1 
ATOM   352 O  OP1   . DG  B 1 9  ? -13.992 14.855  0.442   1.00 53.22  ? 9   DG  B OP1   1 
ATOM   353 O  OP2   . DG  B 1 9  ? -12.309 16.598  1.289   1.00 58.66  ? 9   DG  B OP2   1 
ATOM   354 O  "O5'" . DG  B 1 9  ? -12.121 14.188  1.941   1.00 55.14  ? 9   DG  B "O5'" 1 
ATOM   355 C  "C5'" . DG  B 1 9  ? -12.846 12.975  2.142   1.00 55.50  ? 9   DG  B "C5'" 1 
ATOM   356 C  "C4'" . DG  B 1 9  ? -12.512 12.336  3.483   1.00 42.79  ? 9   DG  B "C4'" 1 
ATOM   357 O  "O4'" . DG  B 1 9  ? -11.105 12.009  3.532   1.00 37.26  ? 9   DG  B "O4'" 1 
ATOM   358 C  "C3'" . DG  B 1 9  ? -12.763 13.207  4.706   1.00 44.03  ? 9   DG  B "C3'" 1 
ATOM   359 O  "O3'" . DG  B 1 9  ? -13.058 12.379  5.809   1.00 43.20  ? 9   DG  B "O3'" 1 
ATOM   360 C  "C2'" . DG  B 1 9  ? -11.418 13.893  4.889   1.00 38.56  ? 9   DG  B "C2'" 1 
ATOM   361 C  "C1'" . DG  B 1 9  ? -10.478 12.749  4.560   1.00 35.90  ? 9   DG  B "C1'" 1 
ATOM   362 N  N9    . DG  B 1 9  ? -9.188  13.182  4.068   1.00 35.84  ? 9   DG  B N9    1 
ATOM   363 C  C8    . DG  B 1 9  ? -8.819  14.455  3.725   1.00 41.78  ? 9   DG  B C8    1 
ATOM   364 N  N7    . DG  B 1 9  ? -7.589  14.539  3.293   1.00 40.52  ? 9   DG  B N7    1 
ATOM   365 C  C5    . DG  B 1 9  ? -7.119  13.240  3.355   1.00 34.69  ? 9   DG  B C5    1 
ATOM   366 C  C6    . DG  B 1 9  ? -5.858  12.719  3.017   1.00 33.56  ? 9   DG  B C6    1 
ATOM   367 O  O6    . DG  B 1 9  ? -4.875  13.332  2.582   1.00 35.29  ? 9   DG  B O6    1 
ATOM   368 N  N1    . DG  B 1 9  ? -5.796  11.338  3.228   1.00 31.42  ? 9   DG  B N1    1 
ATOM   369 C  C2    . DG  B 1 9  ? -6.833  10.571  3.711   1.00 32.45  ? 9   DG  B C2    1 
ATOM   370 N  N2    . DG  B 1 9  ? -6.595  9.259   3.854   1.00 33.31  ? 9   DG  B N2    1 
ATOM   371 N  N3    . DG  B 1 9  ? -8.022  11.053  4.028   1.00 33.46  ? 9   DG  B N3    1 
ATOM   372 C  C4    . DG  B 1 9  ? -8.093  12.391  3.827   1.00 35.48  ? 9   DG  B C4    1 
ATOM   373 P  P     . DA  B 1 10 ? -14.394 12.602  6.671   1.00 54.61  ? 10  DA  B P     1 
ATOM   374 O  OP1   . DA  B 1 10 ? -15.448 13.122  5.773   1.00 68.24  ? 10  DA  B OP1   1 
ATOM   375 O  OP2   . DA  B 1 10 ? -14.033 13.356  7.896   1.00 47.83  ? 10  DA  B OP2   1 
ATOM   376 O  "O5'" . DA  B 1 10 ? -14.796 11.124  7.091   1.00 32.60  ? 10  DA  B "O5'" 1 
ATOM   377 C  "C5'" . DA  B 1 10 ? -14.850 10.117  6.115   1.00 34.90  ? 10  DA  B "C5'" 1 
ATOM   378 C  "C4'" . DA  B 1 10 ? -14.807 8.748   6.762   1.00 37.71  ? 10  DA  B "C4'" 1 
ATOM   379 O  "O4'" . DA  B 1 10 ? -13.435 8.290   6.838   1.00 40.81  ? 10  DA  B "O4'" 1 
ATOM   380 C  "C3'" . DA  B 1 10 ? -15.334 8.690   8.185   1.00 39.12  ? 10  DA  B "C3'" 1 
ATOM   381 O  "O3'" . DA  B 1 10 ? -15.890 7.415   8.425   1.00 42.76  ? 10  DA  B "O3'" 1 
ATOM   382 C  "C2'" . DA  B 1 10 ? -14.070 8.917   9.016   1.00 35.17  ? 10  DA  B "C2'" 1 
ATOM   383 C  "C1'" . DA  B 1 10 ? -13.032 8.174   8.191   1.00 31.25  ? 10  DA  B "C1'" 1 
ATOM   384 N  N9    . DA  B 1 10 ? -11.679 8.710   8.300   1.00 23.27  ? 10  DA  B N9    1 
ATOM   385 C  C8    . DA  B 1 10 ? -11.219 9.886   7.789   1.00 25.87  ? 10  DA  B C8    1 
ATOM   386 N  N7    . DA  B 1 10 ? -9.945  10.096  8.011   1.00 23.58  ? 10  DA  B N7    1 
ATOM   387 C  C5    . DA  B 1 10 ? -9.541  8.968   8.706   1.00 23.40  ? 10  DA  B C5    1 
ATOM   388 C  C6    . DA  B 1 10 ? -8.297  8.573   9.243   1.00 24.71  ? 10  DA  B C6    1 
ATOM   389 N  N6    . DA  B 1 10 ? -7.187  9.311   9.153   1.00 29.31  ? 10  DA  B N6    1 
ATOM   390 N  N1    . DA  B 1 10 ? -8.238  7.392   9.883   1.00 22.13  ? 10  DA  B N1    1 
ATOM   391 C  C2    . DA  B 1 10 ? -9.349  6.659   9.973   1.00 22.70  ? 10  DA  B C2    1 
ATOM   392 N  N3    . DA  B 1 10 ? -10.567 6.922   9.508   1.00 25.09  ? 10  DA  B N3    1 
ATOM   393 C  C4    . DA  B 1 10 ? -10.597 8.105   8.885   1.00 21.95  ? 10  DA  B C4    1 
ATOM   394 P  P     . DT  B 1 11 ? -17.299 7.281   9.177   1.00 52.06  ? 11  DT  B P     1 
ATOM   395 O  OP1   . DT  B 1 11 ? -17.183 8.032   10.448  1.00 45.26  ? 11  DT  B OP1   1 
ATOM   396 O  OP2   . DT  B 1 11 ? -17.620 5.838   9.198   1.00 55.63  ? 11  DT  B OP2   1 
ATOM   397 O  "O5'" . DA  C 1 1  ? 18.776  -2.814  21.739  1.00 38.19  ? 1   DA  C "O5'" 1 
ATOM   398 C  "C5'" . DA  C 1 1  ? 18.061  -2.574  20.536  1.00 28.08  ? 1   DA  C "C5'" 1 
ATOM   399 C  "C4'" . DA  C 1 1  ? 18.202  -1.127  20.104  1.00 27.68  ? 1   DA  C "C4'" 1 
ATOM   400 O  "O4'" . DA  C 1 1  ? 16.905  -0.483  20.147  1.00 30.14  ? 1   DA  C "O4'" 1 
ATOM   401 C  "C3'" . DA  C 1 1  ? 19.095  -0.267  20.989  1.00 28.52  ? 1   DA  C "C3'" 1 
ATOM   402 O  "O3'" . DA  C 1 1  ? 19.591  0.831   20.233  1.00 34.24  ? 1   DA  C "O3'" 1 
ATOM   403 C  "C2'" . DA  C 1 1  ? 18.094  0.227   22.014  1.00 28.67  ? 1   DA  C "C2'" 1 
ATOM   404 C  "C1'" . DA  C 1 1  ? 16.944  0.567   21.090  1.00 24.47  ? 1   DA  C "C1'" 1 
ATOM   405 N  N9    . DA  C 1 1  ? 15.654  0.645   21.752  1.00 21.88  ? 1   DA  C N9    1 
ATOM   406 C  C8    . DA  C 1 1  ? 14.939  -0.381  22.292  1.00 22.14  ? 1   DA  C C8    1 
ATOM   407 N  N7    . DA  C 1 1  ? 13.805  -0.007  22.821  1.00 22.56  ? 1   DA  C N7    1 
ATOM   408 C  C5    . DA  C 1 1  ? 13.773  1.354   22.598  1.00 19.61  ? 1   DA  C C5    1 
ATOM   409 C  C6    . DA  C 1 1  ? 12.825  2.344   22.914  1.00 23.37  ? 1   DA  C C6    1 
ATOM   410 N  N6    . DA  C 1 1  ? 11.674  2.092   23.553  1.00 25.93  ? 1   DA  C N6    1 
ATOM   411 N  N1    . DA  C 1 1  ? 13.108  3.611   22.555  1.00 26.58  ? 1   DA  C N1    1 
ATOM   412 C  C2    . DA  C 1 1  ? 14.258  3.853   21.913  1.00 25.75  ? 1   DA  C C2    1 
ATOM   413 N  N3    . DA  C 1 1  ? 15.215  3.002   21.560  1.00 20.43  ? 1   DA  C N3    1 
ATOM   414 C  C4    . DA  C 1 1  ? 14.908  1.764   21.939  1.00 18.65  ? 1   DA  C C4    1 
ATOM   415 P  P     A DC  C 1 2  ? 20.979  0.703   19.438  0.42 32.05  ? 2   DC  C P     1 
ATOM   416 P  P     B DC  C 1 2  ? 20.992  0.741   19.454  0.58 31.95  ? 2   DC  C P     1 
ATOM   417 O  OP1   A DC  C 1 2  ? 21.659  -0.535  19.885  0.42 29.15  ? 2   DC  C OP1   1 
ATOM   418 O  OP1   B DC  C 1 2  ? 21.814  -0.328  20.068  0.58 29.21  ? 2   DC  C OP1   1 
ATOM   419 O  OP2   A DC  C 1 2  ? 21.656  2.016   19.523  0.42 30.47  ? 2   DC  C OP2   1 
ATOM   420 O  OP2   B DC  C 1 2  ? 21.491  2.130   19.342  0.58 30.55  ? 2   DC  C OP2   1 
ATOM   421 O  "O5'" A DC  C 1 2  ? 20.520  0.496   17.932  0.42 29.90  ? 2   DC  C "O5'" 1 
ATOM   422 O  "O5'" B DC  C 1 2  ? 20.585  0.260   17.992  0.58 29.94  ? 2   DC  C "O5'" 1 
ATOM   423 C  "C5'" A DC  C 1 2  ? 19.414  1.221   17.435  0.42 29.74  ? 2   DC  C "C5'" 1 
ATOM   424 C  "C5'" B DC  C 1 2  ? 20.214  1.208   16.996  0.58 29.46  ? 2   DC  C "C5'" 1 
ATOM   425 C  "C4'" A DC  C 1 2  ? 19.029  0.715   16.065  0.42 28.11  ? 2   DC  C "C4'" 1 
ATOM   426 C  "C4'" B DC  C 1 2  ? 19.736  0.483   15.757  0.58 27.91  ? 2   DC  C "C4'" 1 
ATOM   427 O  "O4'" A DC  C 1 2  ? 19.808  1.407   15.063  0.42 28.20  ? 2   DC  C "O4'" 1 
ATOM   428 O  "O4'" B DC  C 1 2  ? 20.803  0.440   14.780  0.58 29.27  ? 2   DC  C "O4'" 1 
ATOM   429 C  "C3'" A DC  C 1 2  ? 19.270  -0.774  15.848  0.42 27.81  ? 2   DC  C "C3'" 1 
ATOM   430 C  "C3'" B DC  C 1 2  ? 19.353  -0.962  16.017  0.58 27.81  ? 2   DC  C "C3'" 1 
ATOM   431 O  "O3'" A DC  C 1 2  ? 18.203  -1.325  15.134  0.42 29.21  ? 2   DC  C "O3'" 1 
ATOM   432 O  "O3'" B DC  C 1 2  ? 18.274  -1.336  15.234  0.58 28.80  ? 2   DC  C "O3'" 1 
ATOM   433 C  "C2'" A DC  C 1 2  ? 20.559  -0.812  15.037  0.42 28.52  ? 2   DC  C "C2'" 1 
ATOM   434 C  "C2'" B DC  C 1 2  ? 20.600  -1.739  15.636  0.58 30.00  ? 2   DC  C "C2'" 1 
ATOM   435 C  "C1'" A DC  C 1 2  ? 20.477  0.481   14.243  0.42 28.84  ? 2   DC  C "C1'" 1 
ATOM   436 C  "C1'" B DC  C 1 2  ? 21.161  -0.901  14.505  0.58 28.52  ? 2   DC  C "C1'" 1 
ATOM   437 N  N1    A DC  C 1 2  ? 21.808  1.039   13.920  0.42 28.09  ? 2   DC  C N1    1 
ATOM   438 N  N1    B DC  C 1 2  ? 22.630  -0.979  14.426  0.58 28.96  ? 2   DC  C N1    1 
ATOM   439 C  C2    A DC  C 1 2  ? 22.203  1.163   12.585  0.42 27.34  ? 2   DC  C C2    1 
ATOM   440 C  C2    B DC  C 1 2  ? 23.237  -1.404  13.242  0.58 26.80  ? 2   DC  C C2    1 
ATOM   441 O  O2    A DC  C 1 2  ? 21.426  0.812   11.687  0.42 26.35  ? 2   DC  C O2    1 
ATOM   442 O  O2    B DC  C 1 2  ? 22.527  -1.699  12.275  0.58 26.21  ? 2   DC  C O2    1 
ATOM   443 N  N3    A DC  C 1 2  ? 23.431  1.671   12.314  0.42 27.65  ? 2   DC  C N3    1 
ATOM   444 N  N3    B DC  C 1 2  ? 24.590  -1.473  13.190  0.58 26.41  ? 2   DC  C N3    1 
ATOM   445 C  C4    A DC  C 1 2  ? 24.241  2.036   13.311  0.42 27.29  ? 2   DC  C C4    1 
ATOM   446 C  C4    B DC  C 1 2  ? 25.316  -1.143  14.258  0.58 26.64  ? 2   DC  C C4    1 
ATOM   447 N  N4    A DC  C 1 2  ? 25.442  2.529   12.993  0.42 27.37  ? 2   DC  C N4    1 
ATOM   448 N  N4    B DC  C 1 2  ? 26.648  -1.224  14.160  0.58 27.07  ? 2   DC  C N4    1 
ATOM   449 C  C5    A DC  C 1 2  ? 23.853  1.912   14.676  0.42 27.76  ? 2   DC  C C5    1 
ATOM   450 C  C5    B DC  C 1 2  ? 24.710  -0.718  15.476  0.58 25.54  ? 2   DC  C C5    1 
ATOM   451 C  C6    A DC  C 1 2  ? 22.641  1.412   14.932  0.42 27.13  ? 2   DC  C C6    1 
ATOM   452 C  C6    B DC  C 1 2  ? 23.378  -0.651  15.515  0.58 25.62  ? 2   DC  C C6    1 
ATOM   453 P  P     . DT  C 1 3  ? 17.340  -2.519  15.766  1.00 38.70  ? 3   DT  C P     1 
ATOM   454 O  OP1   . DT  C 1 3  ? 15.926  -2.095  15.632  1.00 30.32  ? 3   DT  C OP1   1 
ATOM   455 O  OP2   . DT  C 1 3  ? 17.922  -2.897  17.075  1.00 33.14  ? 3   DT  C OP2   1 
ATOM   456 O  "O5'" . DT  C 1 3  ? 17.636  -3.747  14.794  1.00 24.71  ? 3   DT  C "O5'" 1 
ATOM   457 C  "C5'" . DT  C 1 3  ? 17.028  -3.804  13.552  1.00 24.42  ? 3   DT  C "C5'" 1 
ATOM   458 C  "C4'" . DT  C 1 3  ? 17.602  -4.948  12.761  1.00 27.67  ? 3   DT  C "C4'" 1 
ATOM   459 O  "O4'" . DT  C 1 3  ? 18.910  -4.585  12.299  1.00 31.20  ? 3   DT  C "O4'" 1 
ATOM   460 C  "C3'" . DT  C 1 3  ? 17.803  -6.218  13.557  1.00 30.86  ? 3   DT  C "C3'" 1 
ATOM   461 O  "O3'" . DT  C 1 3  ? 16.571  -6.973  13.542  1.00 30.04  ? 3   DT  C "O3'" 1 
ATOM   462 C  "C2'" . DT  C 1 3  ? 18.958  -6.911  12.811  1.00 31.49  ? 3   DT  C "C2'" 1 
ATOM   463 C  "C1'" . DT  C 1 3  ? 19.670  -5.749  12.080  1.00 28.52  ? 3   DT  C "C1'" 1 
ATOM   464 N  N1    . DT  C 1 3  ? 21.079  -5.466  12.530  1.00 26.55  ? 3   DT  C N1    1 
ATOM   465 C  C2    . DT  C 1 3  ? 22.062  -5.293  11.583  1.00 27.60  ? 3   DT  C C2    1 
ATOM   466 O  O2    . DT  C 1 3  ? 21.861  -5.383  10.395  1.00 30.88  ? 3   DT  C O2    1 
ATOM   467 N  N3    . DT  C 1 3  ? 23.301  -5.020  12.081  1.00 23.24  ? 3   DT  C N3    1 
ATOM   468 C  C4    . DT  C 1 3  ? 23.650  -4.887  13.406  1.00 23.45  ? 3   DT  C C4    1 
ATOM   469 O  O4    . DT  C 1 3  ? 24.793  -4.635  13.761  1.00 28.14  ? 3   DT  C O4    1 
ATOM   470 C  C5    . DT  C 1 3  ? 22.578  -5.064  14.349  1.00 25.45  ? 3   DT  C C5    1 
ATOM   471 C  C7    . DT  C 1 3  ? 22.852  -4.947  15.820  1.00 24.45  ? 3   DT  C C7    1 
ATOM   472 C  C6    . DT  C 1 3  ? 21.354  -5.336  13.872  1.00 26.93  ? 3   DT  C C6    1 
ATOM   473 P  P     . DC  C 1 4  ? 16.546  -8.578  13.547  1.00 32.53  ? 4   DC  C P     1 
ATOM   474 O  OP1   . DC  C 1 4  ? 17.629  -9.097  14.407  1.00 40.16  ? 4   DC  C OP1   1 
ATOM   475 O  OP2   . DC  C 1 4  ? 16.311  -8.996  12.142  1.00 25.94  ? 4   DC  C OP2   1 
ATOM   476 O  "O5'" . DC  C 1 4  ? 15.192  -8.955  14.285  1.00 35.75  ? 4   DC  C "O5'" 1 
ATOM   477 C  "C5'" . DC  C 1 4  ? 14.693  -8.154  15.316  1.00 27.12  ? 4   DC  C "C5'" 1 
ATOM   478 C  "C4'" . DC  C 1 4  ? 13.200  -8.338  15.423  1.00 20.48  ? 4   DC  C "C4'" 1 
ATOM   479 O  "O4'" . DC  C 1 4  ? 12.575  -7.039  15.489  1.00 23.58  ? 4   DC  C "O4'" 1 
ATOM   480 C  "C3'" . DC  C 1 4  ? 12.559  -9.043  14.234  1.00 18.86  ? 4   DC  C "C3'" 1 
ATOM   481 O  "O3'" . DC  C 1 4  ? 11.435  -9.762  14.665  1.00 25.95  ? 4   DC  C "O3'" 1 
ATOM   482 C  "C2'" . DC  C 1 4  ? 12.159  -7.881  13.343  1.00 18.93  ? 4   DC  C "C2'" 1 
ATOM   483 C  "C1'" . DC  C 1 4  ? 11.745  -6.843  14.369  1.00 19.65  ? 4   DC  C "C1'" 1 
ATOM   484 N  N1    . DC  C 1 4  ? 11.935  -5.461  13.911  1.00 18.63  ? 4   DC  C N1    1 
ATOM   485 C  C2    . DC  C 1 4  ? 10.864  -4.569  13.943  1.00 20.00  ? 4   DC  C C2    1 
ATOM   486 O  O2    . DC  C 1 4  ? 9.765   -4.962  14.352  1.00 22.34  ? 4   DC  C O2    1 
ATOM   487 N  N3    . DC  C 1 4  ? 11.059  -3.296  13.521  1.00 19.87  ? 4   DC  C N3    1 
ATOM   488 C  C4    . DC  C 1 4  ? 12.253  -2.914  13.085  1.00 18.94  ? 4   DC  C C4    1 
ATOM   489 N  N4    . DC  C 1 4  ? 12.389  -1.654  12.683  1.00 21.60  ? 4   DC  C N4    1 
ATOM   490 C  C5    . DC  C 1 4  ? 13.361  -3.804  13.051  1.00 19.01  ? 4   DC  C C5    1 
ATOM   491 C  C6    . DC  C 1 4  ? 13.160  -5.057  13.471  1.00 21.21  ? 4   DC  C C6    1 
ATOM   492 P  P     . DG  C 1 5  ? 10.795  -10.900 13.738  1.00 28.90  ? 5   DG  C P     1 
ATOM   493 O  OP1   . DG  C 1 5  ? 9.807   -11.654 14.529  1.00 28.43  ? 5   DG  C OP1   1 
ATOM   494 O  OP2   . DG  C 1 5  ? 11.925  -11.601 13.102  1.00 31.66  ? 5   DG  C OP2   1 
ATOM   495 O  "O5'" . DG  C 1 5  ? 10.030  -10.086 12.602  1.00 27.86  ? 5   DG  C "O5'" 1 
ATOM   496 C  "C5'" . DG  C 1 5  ? 8.864   -9.339  12.907  1.00 18.11  ? 5   DG  C "C5'" 1 
ATOM   497 C  "C4'" . DG  C 1 5  ? 8.388   -8.570  11.683  1.00 19.47  ? 5   DG  C "C4'" 1 
ATOM   498 O  "O4'" . DG  C 1 5  ? 9.285   -7.467  11.429  1.00 22.90  ? 5   DG  C "O4'" 1 
ATOM   499 C  "C3'" . DG  C 1 5  ? 8.348   -9.371  10.376  1.00 16.33  ? 5   DG  C "C3'" 1 
ATOM   500 O  "O3'" . DG  C 1 5  ? 7.263   -8.941  9.596   1.00 21.95  ? 5   DG  C "O3'" 1 
ATOM   501 C  "C2'" . DG  C 1 5  ? 9.656   -8.991  9.718   1.00 15.94  ? 5   DG  C "C2'" 1 
ATOM   502 C  "C1'" . DG  C 1 5  ? 9.728   -7.530  10.096  1.00 17.72  ? 5   DG  C "C1'" 1 
ATOM   503 N  N9    . DG  C 1 5  ? 11.068  -6.980  10.036  1.00 19.46  ? 5   DG  C N9    1 
ATOM   504 C  C8    . DG  C 1 5  ? 12.248  -7.676  10.047  1.00 20.25  ? 5   DG  C C8    1 
ATOM   505 N  N7    . DG  C 1 5  ? 13.298  -6.910  9.982   1.00 21.64  ? 5   DG  C N7    1 
ATOM   506 C  C5    . DG  C 1 5  ? 12.777  -5.627  9.914   1.00 19.18  ? 5   DG  C C5    1 
ATOM   507 C  C6    . DG  C 1 5  ? 13.434  -4.384  9.817   1.00 23.06  ? 5   DG  C C6    1 
ATOM   508 O  O6    . DG  C 1 5  ? 14.656  -4.164  9.779   1.00 26.45  ? 5   DG  C O6    1 
ATOM   509 N  N1    . DG  C 1 5  ? 12.528  -3.326  9.766   1.00 21.78  ? 5   DG  C N1    1 
ATOM   510 C  C2    . DG  C 1 5  ? 11.165  -3.464  9.808   1.00 19.29  ? 5   DG  C C2    1 
ATOM   511 N  N2    . DG  C 1 5  ? 10.449  -2.335  9.755   1.00 20.22  ? 5   DG  C N2    1 
ATOM   512 N  N3    . DG  C 1 5  ? 10.542  -4.622  9.898   1.00 18.58  ? 5   DG  C N3    1 
ATOM   513 C  C4    . DG  C 1 5  ? 11.407  -5.656  9.946   1.00 18.75  ? 5   DG  C C4    1 
ATOM   514 P  P     . DG  C 1 6  ? 6.598   -9.931  8.523   1.00 30.22  ? 6   DG  C P     1 
ATOM   515 O  OP1   . DG  C 1 6  ? 5.444   -9.210  7.949   1.00 21.73  ? 6   DG  C OP1   1 
ATOM   516 O  OP2   . DG  C 1 6  ? 6.479   -11.263 9.158   1.00 25.61  ? 6   DG  C OP2   1 
ATOM   517 O  "O5'" . DG  C 1 6  ? 7.692   -10.062 7.363   1.00 27.80  ? 6   DG  C "O5'" 1 
ATOM   518 C  "C5'" . DG  C 1 6  ? 7.475   -10.948 6.264   1.00 25.31  ? 6   DG  C "C5'" 1 
ATOM   519 C  "C4'" . DG  C 1 6  ? 7.112   -10.168 5.018   1.00 27.83  ? 6   DG  C "C4'" 1 
ATOM   520 O  "O4'" . DG  C 1 6  ? 8.064   -9.091  4.812   1.00 31.07  ? 6   DG  C "O4'" 1 
ATOM   521 C  "C3'" . DG  C 1 6  ? 7.098   -10.974 3.724   1.00 25.18  ? 6   DG  C "C3'" 1 
ATOM   522 O  "O3'" . DG  C 1 6  ? 5.953   -10.613 2.970   1.00 32.84  ? 6   DG  C "O3'" 1 
ATOM   523 C  "C2'" . DG  C 1 6  ? 8.389   -10.543 3.030   1.00 21.17  ? 6   DG  C "C2'" 1 
ATOM   524 C  "C1'" . DG  C 1 6  ? 8.490   -9.094  3.467   1.00 26.00  ? 6   DG  C "C1'" 1 
ATOM   525 N  N9    . DG  C 1 6  ? 9.850   -8.538  3.411   1.00 26.30  ? 6   DG  C N9    1 
ATOM   526 C  C8    . DG  C 1 6  ? 11.033  -9.230  3.490   1.00 24.33  ? 6   DG  C C8    1 
ATOM   527 N  N7    . DG  C 1 6  ? 12.086  -8.466  3.426   1.00 22.30  ? 6   DG  C N7    1 
ATOM   528 C  C5    . DG  C 1 6  ? 11.573  -7.187  3.301   1.00 20.06  ? 6   DG  C C5    1 
ATOM   529 C  C6    . DG  C 1 6  ? 12.244  -5.950  3.185   1.00 24.58  ? 6   DG  C C6    1 
ATOM   530 O  O6    . DG  C 1 6  ? 13.466  -5.736  3.168   1.00 27.52  ? 6   DG  C O6    1 
ATOM   531 N  N1    . DG  C 1 6  ? 11.351  -4.890  3.078   1.00 24.90  ? 6   DG  C N1    1 
ATOM   532 C  C2    . DG  C 1 6  ? 9.986   -5.014  3.079   1.00 23.15  ? 6   DG  C C2    1 
ATOM   533 N  N2    . DG  C 1 6  ? 9.287   -3.879  2.967   1.00 23.70  ? 6   DG  C N2    1 
ATOM   534 N  N3    . DG  C 1 6  ? 9.347   -6.168  3.181   1.00 22.84  ? 6   DG  C N3    1 
ATOM   535 C  C4    . DG  C 1 6  ? 10.203  -7.208  3.290   1.00 22.11  ? 6   DG  C C4    1 
ATOM   536 P  P     . DA  C 1 7  ? 5.111   -11.728 2.172   1.00 47.34  ? 7   DA  C P     1 
ATOM   537 O  OP1   . DA  C 1 7  ? 4.824   -12.845 3.099   1.00 44.27  ? 7   DA  C OP1   1 
ATOM   538 O  OP2   . DA  C 1 7  ? 5.818   -11.982 0.891   1.00 43.48  ? 7   DA  C OP2   1 
ATOM   539 O  "O5'" . DA  C 1 7  ? 3.740   -10.988 1.815   1.00 40.94  ? 7   DA  C "O5'" 1 
ATOM   540 C  "C5'" . DA  C 1 7  ? 2.824   -10.649 2.845   1.00 43.90  ? 7   DA  C "C5'" 1 
ATOM   541 C  "C4'" . DA  C 1 7  ? 2.216   -9.285  2.585   1.00 40.05  ? 7   DA  C "C4'" 1 
ATOM   542 O  "O4'" . DA  C 1 7  ? 3.268   -8.311  2.566   1.00 41.31  ? 7   DA  C "O4'" 1 
ATOM   543 C  "C3'" . DA  C 1 7  ? 1.525   -9.151  1.237   1.00 40.11  ? 7   DA  C "C3'" 1 
ATOM   544 O  "O3'" . DA  C 1 7  ? 0.138   -9.351  1.393   1.00 48.31  ? 7   DA  C "O3'" 1 
ATOM   545 C  "C2'" . DA  C 1 7  ? 1.814   -7.714  0.801   1.00 36.39  ? 7   DA  C "C2'" 1 
ATOM   546 C  "C1'" . DA  C 1 7  ? 2.887   -7.228  1.760   1.00 33.59  ? 7   DA  C "C1'" 1 
ATOM   547 N  N9    . DA  C 1 7  ? 4.061   -6.735  1.072   1.00 28.32  ? 7   DA  C N9    1 
ATOM   548 C  C8    . DA  C 1 7  ? 5.251   -7.380  0.907   1.00 26.20  ? 7   DA  C C8    1 
ATOM   549 N  N7    . DA  C 1 7  ? 6.135   -6.683  0.235   1.00 29.49  ? 7   DA  C N7    1 
ATOM   550 C  C5    . DA  C 1 7  ? 5.471   -5.502  -0.062  1.00 24.53  ? 7   DA  C C5    1 
ATOM   551 C  C6    . DA  C 1 7  ? 5.860   -4.340  -0.757  1.00 27.38  ? 7   DA  C C6    1 
ATOM   552 N  N6    . DA  C 1 7  ? 7.076   -4.176  -1.298  1.00 29.52  ? 7   DA  C N6    1 
ATOM   553 N  N1    . DA  C 1 7  ? 4.950   -3.346  -0.874  1.00 28.71  ? 7   DA  C N1    1 
ATOM   554 C  C2    . DA  C 1 7  ? 3.740   -3.514  -0.329  1.00 27.64  ? 7   DA  C C2    1 
ATOM   555 N  N3    . DA  C 1 7  ? 3.266   -4.558  0.346   1.00 27.20  ? 7   DA  C N3    1 
ATOM   556 C  C4    . DA  C 1 7  ? 4.190   -5.525  0.443   1.00 26.45  ? 7   DA  C C4    1 
ATOM   557 P  P     . DC  C 1 8  ? -0.773  -9.764  0.135   1.00 56.53  ? 8   DC  C P     1 
ATOM   558 O  OP1   . DC  C 1 8  ? -2.169  -9.688  0.623   1.00 58.49  ? 8   DC  C OP1   1 
ATOM   559 O  OP2   . DC  C 1 8  ? -0.235  -11.020 -0.444  1.00 51.82  ? 8   DC  C OP2   1 
ATOM   560 O  "O5'" . DC  C 1 8  ? -0.546  -8.595  -0.942  1.00 46.24  ? 8   DC  C "O5'" 1 
ATOM   561 C  "C5'" . DC  C 1 8  ? -1.166  -7.325  -0.768  1.00 38.54  ? 8   DC  C "C5'" 1 
ATOM   562 C  "C4'" . DC  C 1 8  ? -0.659  -6.323  -1.794  1.00 36.92  ? 8   DC  C "C4'" 1 
ATOM   563 O  "O4'" . DC  C 1 8  ? 0.793   -6.289  -1.797  1.00 38.44  ? 8   DC  C "O4'" 1 
ATOM   564 C  "C3'" . DC  C 1 8  ? -1.042  -6.613  -3.231  1.00 37.04  ? 8   DC  C "C3'" 1 
ATOM   565 O  "O3'" . DC  C 1 8  ? -1.142  -5.392  -3.913  1.00 39.73  ? 8   DC  C "O3'" 1 
ATOM   566 C  "C2'" . DC  C 1 8  ? 0.156   -7.412  -3.726  1.00 32.39  ? 8   DC  C "C2'" 1 
ATOM   567 C  "C1'" . DC  C 1 8  ? 1.269   -6.610  -3.091  1.00 31.05  ? 8   DC  C "C1'" 1 
ATOM   568 N  N1    . DC  C 1 8  ? 2.536   -7.349  -2.935  1.00 28.95  ? 8   DC  C N1    1 
ATOM   569 C  C2    . DC  C 1 8  ? 3.743   -6.725  -3.254  1.00 26.89  ? 8   DC  C C2    1 
ATOM   570 O  O2    . DC  C 1 8  ? 3.729   -5.570  -3.686  1.00 31.09  ? 8   DC  C O2    1 
ATOM   571 N  N3    . DC  C 1 8  ? 4.897   -7.405  -3.082  1.00 25.73  ? 8   DC  C N3    1 
ATOM   572 C  C4    . DC  C 1 8  ? 4.872   -8.654  -2.607  1.00 29.84  ? 8   DC  C C4    1 
ATOM   573 N  N4    . DC  C 1 8  ? 6.040   -9.290  -2.449  1.00 34.69  ? 8   DC  C N4    1 
ATOM   574 C  C5    . DC  C 1 8  ? 3.649   -9.305  -2.269  1.00 26.26  ? 8   DC  C C5    1 
ATOM   575 C  C6    . DC  C 1 8  ? 2.518   -8.620  -2.444  1.00 32.00  ? 8   DC  C C6    1 
ATOM   576 P  P     . DG  C 1 9  ? -1.799  -5.353  -5.370  1.00 49.82  ? 9   DG  C P     1 
ATOM   577 O  OP1   . DG  C 1 9  ? -2.315  -3.982  -5.585  1.00 60.24  ? 9   DG  C OP1   1 
ATOM   578 O  OP2   . DG  C 1 9  ? -2.679  -6.534  -5.484  1.00 33.76  ? 9   DG  C OP2   1 
ATOM   579 O  "O5'" . DG  C 1 9  ? -0.563  -5.594  -6.339  1.00 41.87  ? 9   DG  C "O5'" 1 
ATOM   580 C  "C5'" . DG  C 1 9  ? 0.554   -4.734  -6.278  1.00 38.15  ? 9   DG  C "C5'" 1 
ATOM   581 C  "C4'" . DG  C 1 9  ? 1.630   -5.194  -7.239  1.00 36.85  ? 9   DG  C "C4'" 1 
ATOM   582 O  "O4'" . DG  C 1 9  ? 2.190   -6.447  -6.772  1.00 32.00  ? 9   DG  C "O4'" 1 
ATOM   583 C  "C3'" . DG  C 1 9  ? 1.164   -5.464  -8.668  1.00 32.94  ? 9   DG  C "C3'" 1 
ATOM   584 O  "O3'" . DG  C 1 9  ? 2.229   -5.216  -9.542  1.00 37.34  ? 9   DG  C "O3'" 1 
ATOM   585 C  "C2'" . DG  C 1 9  ? 0.848   -6.949  -8.622  1.00 26.67  ? 9   DG  C "C2'" 1 
ATOM   586 C  "C1'" . DG  C 1 9  ? 1.983   -7.446  -7.742  1.00 26.16  ? 9   DG  C "C1'" 1 
ATOM   587 N  N9    . DG  C 1 9  ? 1.685   -8.686  -7.054  1.00 24.45  ? 9   DG  C N9    1 
ATOM   588 C  C8    . DG  C 1 9  ? 0.469   -9.289  -6.933  1.00 23.27  ? 9   DG  C C8    1 
ATOM   589 N  N7    . DG  C 1 9  ? 0.511   -10.400 -6.257  1.00 25.79  ? 9   DG  C N7    1 
ATOM   590 C  C5    . DG  C 1 9  ? 1.840   -10.538 -5.910  1.00 22.99  ? 9   DG  C C5    1 
ATOM   591 C  C6    . DG  C 1 9  ? 2.486   -11.551 -5.175  1.00 25.88  ? 9   DG  C C6    1 
ATOM   592 O  O6    . DG  C 1 9  ? 1.990   -12.564 -4.667  1.00 31.02  ? 9   DG  C O6    1 
ATOM   593 N  N1    . DG  C 1 9  ? 3.847   -11.306 -5.046  1.00 23.08  ? 9   DG  C N1    1 
ATOM   594 C  C2    . DG  C 1 9  ? 4.500   -10.218 -5.572  1.00 24.87  ? 9   DG  C C2    1 
ATOM   595 N  N2    . DG  C 1 9  ? 5.822   -10.148 -5.346  1.00 28.06  ? 9   DG  C N2    1 
ATOM   596 N  N3    . DG  C 1 9  ? 3.903   -9.264  -6.269  1.00 23.81  ? 9   DG  C N3    1 
ATOM   597 C  C4    . DG  C 1 9  ? 2.577   -9.490  -6.394  1.00 24.48  ? 9   DG  C C4    1 
ATOM   598 P  P     . DA  C 1 10 ? 1.970   -4.796  -11.065 1.00 43.07  ? 10  DA  C P     1 
ATOM   599 O  OP1   . DA  C 1 10 ? 0.733   -3.991  -11.113 1.00 41.72  ? 10  DA  C OP1   1 
ATOM   600 O  OP2   . DA  C 1 10 ? 2.072   -6.017  -11.895 1.00 45.83  ? 10  DA  C OP2   1 
ATOM   601 O  "O5'" . DA  C 1 10 ? 3.240   -3.888  -11.391 1.00 33.82  ? 10  DA  C "O5'" 1 
ATOM   602 C  "C5'" . DA  C 1 10 ? 3.710   -2.985  -10.402 1.00 36.46  ? 10  DA  C "C5'" 1 
ATOM   603 C  "C4'" . DA  C 1 10 ? 5.219   -2.886  -10.425 1.00 35.00  ? 10  DA  C "C4'" 1 
ATOM   604 O  "O4'" . DA  C 1 10 ? 5.791   -4.105  -9.890  1.00 37.57  ? 10  DA  C "O4'" 1 
ATOM   605 C  "C3'" . DA  C 1 10 ? 5.831   -2.703  -11.809 1.00 41.59  ? 10  DA  C "C3'" 1 
ATOM   606 O  "O3'" . DA  C 1 10 ? 6.936   -1.816  -11.727 1.00 42.15  ? 10  DA  C "O3'" 1 
ATOM   607 C  "C2'" . DA  C 1 10 ? 6.270   -4.117  -12.185 1.00 41.10  ? 10  DA  C "C2'" 1 
ATOM   608 C  "C1'" . DA  C 1 10 ? 6.694   -4.662  -10.828 1.00 39.46  ? 10  DA  C "C1'" 1 
ATOM   609 N  N9    . DA  C 1 10 ? 6.648   -6.131  -10.720 1.00 34.68  ? 10  DA  C N9    1 
ATOM   610 C  C8    . DA  C 1 10 ? 5.564   -6.902  -10.412 1.00 29.94  ? 10  DA  C C8    1 
ATOM   611 N  N7    . DA  C 1 10 ? 5.824   -8.188  -10.368 1.00 26.90  ? 10  DA  C N7    1 
ATOM   612 C  C5    . DA  C 1 10 ? 7.167   -8.266  -10.661 1.00 22.73  ? 10  DA  C C5    1 
ATOM   613 C  C6    . DA  C 1 10 ? 8.047   -9.355  -10.771 1.00 25.04  ? 10  DA  C C6    1 
ATOM   614 N  N6    . DA  C 1 10 ? 7.673   -10.622 -10.592 1.00 28.61  ? 10  DA  C N6    1 
ATOM   615 N  N1    . DA  C 1 10 ? 9.332   -9.094  -11.080 1.00 29.94  ? 10  DA  C N1    1 
ATOM   616 C  C2    . DA  C 1 10 ? 9.702   -7.824  -11.263 1.00 29.94  ? 10  DA  C C2    1 
ATOM   617 N  N3    . DA  C 1 10 ? 8.963   -6.717  -11.182 1.00 29.63  ? 10  DA  C N3    1 
ATOM   618 C  C4    . DA  C 1 10 ? 7.695   -7.012  -10.879 1.00 25.87  ? 10  DA  C C4    1 
ATOM   619 P  P     . DT  C 1 11 ? 6.848   -0.372  -12.424 1.00 52.51  ? 11  DT  C P     1 
ATOM   620 O  OP1   . DT  C 1 11 ? 5.519   0.186   -12.084 1.00 46.84  ? 11  DT  C OP1   1 
ATOM   621 O  OP2   . DT  C 1 11 ? 7.248   -0.527  -13.844 1.00 52.48  ? 11  DT  C OP2   1 
ATOM   622 O  "O5'" . DT  C 1 11 ? 7.975   0.488   -11.682 1.00 53.82  ? 11  DT  C "O5'" 1 
ATOM   623 O  "O5'" . DA  D 1 1  ? 6.152   0.534   20.785  1.00 34.22  ? 1   DA  D "O5'" 1 
ATOM   624 C  "C5'" . DA  D 1 1  ? 5.574   0.850   22.092  1.00 32.46  ? 1   DA  D "C5'" 1 
ATOM   625 C  "C4'" . DA  D 1 1  ? 5.058   -0.408  22.776  1.00 32.06  ? 1   DA  D "C4'" 1 
ATOM   626 O  "O4'" . DA  D 1 1  ? 6.134   -1.366  22.898  1.00 33.06  ? 1   DA  D "O4'" 1 
ATOM   627 C  "C3'" . DA  D 1 1  ? 4.576   -0.226  24.198  1.00 34.54  ? 1   DA  D "C3'" 1 
ATOM   628 O  "O3'" . DA  D 1 1  ? 3.790   -1.374  24.588  1.00 39.26  ? 1   DA  D "O3'" 1 
ATOM   629 C  "C2'" . DA  D 1 1  ? 5.903   -0.212  24.936  1.00 26.94  ? 1   DA  D "C2'" 1 
ATOM   630 C  "C1'" . DA  D 1 1  ? 6.624   -1.358  24.226  1.00 26.67  ? 1   DA  D "C1'" 1 
ATOM   631 N  N9    . DA  D 1 1  ? 8.070   -1.200  24.178  1.00 21.36  ? 1   DA  D N9    1 
ATOM   632 C  C8    . DA  D 1 1  ? 8.763   -0.115  23.720  1.00 22.62  ? 1   DA  D C8    1 
ATOM   633 N  N7    . DA  D 1 1  ? 10.066  -0.253  23.795  1.00 21.75  ? 1   DA  D N7    1 
ATOM   634 C  C5    . DA  D 1 1  ? 10.233  -1.517  24.332  1.00 20.76  ? 1   DA  D C5    1 
ATOM   635 C  C6    . DA  D 1 1  ? 11.383  -2.257  24.668  1.00 23.82  ? 1   DA  D C6    1 
ATOM   636 N  N6    . DA  D 1 1  ? 12.628  -1.797  24.494  1.00 26.64  ? 1   DA  D N6    1 
ATOM   637 N  N1    . DA  D 1 1  ? 11.204  -3.488  25.198  1.00 25.17  ? 1   DA  D N1    1 
ATOM   638 C  C2    . DA  D 1 1  ? 9.954   -3.936  25.366  1.00 23.85  ? 1   DA  D C2    1 
ATOM   639 N  N3    . DA  D 1 1  ? 8.799   -3.326  25.085  1.00 20.08  ? 1   DA  D N3    1 
ATOM   640 C  C4    . DA  D 1 1  ? 9.012   -2.113  24.568  1.00 19.19  ? 1   DA  D C4    1 
ATOM   641 P  P     A DC  D 1 2  ? 2.242   -1.478  24.163  0.37 39.10  ? 2   DC  D P     1 
ATOM   642 P  P     B DC  D 1 2  ? 2.221   -1.467  24.244  0.63 39.19  ? 2   DC  D P     1 
ATOM   643 O  OP1   A DC  D 1 2  ? 1.656   -0.119  24.207  0.37 34.67  ? 2   DC  D OP1   1 
ATOM   644 O  OP1   B DC  D 1 2  ? 1.615   -0.124  24.423  0.63 34.61  ? 2   DC  D OP1   1 
ATOM   645 O  OP2   A DC  D 1 2  ? 1.639   -2.569  24.959  0.37 36.76  ? 2   DC  D OP2   1 
ATOM   646 O  OP2   B DC  D 1 2  ? 1.688   -2.625  24.989  0.63 36.91  ? 2   DC  D OP2   1 
ATOM   647 O  "O5'" A DC  D 1 2  ? 2.294   -1.969  22.640  0.37 33.49  ? 2   DC  D "O5'" 1 
ATOM   648 O  "O5'" B DC  D 1 2  ? 2.186   -1.855  22.694  0.63 33.29  ? 2   DC  D "O5'" 1 
ATOM   649 C  "C5'" A DC  D 1 2  ? 2.864   -3.233  22.325  0.37 32.95  ? 2   DC  D "C5'" 1 
ATOM   650 C  "C5'" B DC  D 1 2  ? 2.459   -3.197  22.276  0.63 32.90  ? 2   DC  D "C5'" 1 
ATOM   651 C  "C4'" A DC  D 1 2  ? 2.973   -3.425  20.822  0.37 31.26  ? 2   DC  D "C4'" 1 
ATOM   652 C  "C4'" B DC  D 1 2  ? 2.358   -3.305  20.764  0.63 30.55  ? 2   DC  D "C4'" 1 
ATOM   653 O  "O4'" A DC  D 1 2  ? 2.076   -4.479  20.407  0.37 29.52  ? 2   DC  D "O4'" 1 
ATOM   654 O  "O4'" B DC  D 1 2  ? 1.020   -3.727  20.398  0.63 30.51  ? 2   DC  D "O4'" 1 
ATOM   655 C  "C3'" A DC  D 1 2  ? 2.601   -2.215  19.976  0.37 31.66  ? 2   DC  D "C3'" 1 
ATOM   656 C  "C3'" B DC  D 1 2  ? 2.594   -1.987  20.037  0.63 31.67  ? 2   DC  D "C3'" 1 
ATOM   657 O  "O3'" A DC  D 1 2  ? 3.325   -2.247  18.754  0.37 33.37  ? 2   DC  D "O3'" 1 
ATOM   658 O  "O3'" B DC  D 1 2  ? 3.300   -2.183  18.843  0.63 32.90  ? 2   DC  D "O3'" 1 
ATOM   659 C  "C2'" A DC  D 1 2  ? 1.110   -2.429  19.741  0.37 31.09  ? 2   DC  D "C2'" 1 
ATOM   660 C  "C2'" B DC  D 1 2  ? 1.192   -1.473  19.763  0.63 32.86  ? 2   DC  D "C2'" 1 
ATOM   661 C  "C1'" A DC  D 1 2  ? 1.023   -3.947  19.625  0.37 30.26  ? 2   DC  D "C1'" 1 
ATOM   662 C  "C1'" B DC  D 1 2  ? 0.421   -2.763  19.556  0.63 30.12  ? 2   DC  D "C1'" 1 
ATOM   663 N  N1    A DC  D 1 2  ? -0.261  -4.507  20.136  0.37 28.53  ? 2   DC  D N1    1 
ATOM   664 N  N1    B DC  D 1 2  ? -0.999  -2.629  19.929  0.63 27.41  ? 2   DC  D N1    1 
ATOM   665 C  C2    A DC  D 1 2  ? -1.150  -5.132  19.253  0.37 27.68  ? 2   DC  D C2    1 
ATOM   666 C  C2    B DC  D 1 2  ? -1.981  -2.717  18.945  0.63 26.89  ? 2   DC  D C2    1 
ATOM   667 O  O2    A DC  D 1 2  ? -0.860  -5.210  18.053  0.37 27.41  ? 2   DC  D O2    1 
ATOM   668 O  O2    B DC  D 1 2  ? -1.647  -2.926  17.776  0.63 27.29  ? 2   DC  D O2    1 
ATOM   669 N  N3    A DC  D 1 2  ? -2.309  -5.635  19.742  0.37 27.49  ? 2   DC  D N3    1 
ATOM   670 N  N3    B DC  D 1 2  ? -3.278  -2.580  19.305  0.63 27.51  ? 2   DC  D N3    1 
ATOM   671 C  C4    A DC  D 1 2  ? -2.588  -5.532  21.041  0.37 26.90  ? 2   DC  D C4    1 
ATOM   672 C  C4    B DC  D 1 2  ? -3.598  -2.357  20.579  0.63 27.30  ? 2   DC  D C4    1 
ATOM   673 N  N4    A DC  D 1 2  ? -3.745  -6.042  21.473  0.37 26.86  ? 2   DC  D N4    1 
ATOM   674 N  N4    B DC  D 1 2  ? -4.895  -2.229  20.885  0.63 27.35  ? 2   DC  D N4    1 
ATOM   675 C  C5    A DC  D 1 2  ? -1.694  -4.901  21.955  0.37 27.29  ? 2   DC  D C5    1 
ATOM   676 C  C5    B DC  D 1 2  ? -2.606  -2.248  21.595  0.63 27.14  ? 2   DC  D C5    1 
ATOM   677 C  C6    A DC  D 1 2  ? -0.555  -4.409  21.463  0.37 28.60  ? 2   DC  D C6    1 
ATOM   678 C  C6    B DC  D 1 2  ? -1.332  -2.391  21.228  0.63 28.29  ? 2   DC  D C6    1 
ATOM   679 P  P     . DT  D 1 3  ? 3.992   -0.909  18.160  1.00 39.58  ? 3   DT  D P     1 
ATOM   680 O  OP1   . DT  D 1 3  ? 5.270   -1.334  17.557  1.00 33.10  ? 3   DT  D OP1   1 
ATOM   681 O  OP2   . DT  D 1 3  ? 3.932   0.168   19.173  1.00 33.88  ? 3   DT  D OP2   1 
ATOM   682 O  "O5'" . DT  D 1 3  ? 2.969   -0.441  17.033  1.00 27.98  ? 3   DT  D "O5'" 1 
ATOM   683 C  "C5'" . DT  D 1 3  ? 2.999   -1.038  15.767  1.00 30.23  ? 3   DT  D "C5'" 1 
ATOM   684 C  "C4'" . DT  D 1 3  ? 2.135   -0.248  14.812  1.00 34.46  ? 3   DT  D "C4'" 1 
ATOM   685 O  "O4'" . DT  D 1 3  ? 0.736   -0.409  15.177  1.00 38.25  ? 3   DT  D "O4'" 1 
ATOM   686 C  "C3'" . DT  D 1 3  ? 2.397   1.257   14.821  1.00 33.15  ? 3   DT  D "C3'" 1 
ATOM   687 O  "O3'" . DT  D 1 3  ? 2.288   1.765   13.508  1.00 34.67  ? 3   DT  D "O3'" 1 
ATOM   688 C  "C2'" . DT  D 1 3  ? 1.280   1.790   15.709  1.00 36.90  ? 3   DT  D "C2'" 1 
ATOM   689 C  "C1'" . DT  D 1 3  ? 0.143   0.860   15.318  1.00 34.80  ? 3   DT  D "C1'" 1 
ATOM   690 N  N1    . DT  D 1 3  ? -0.947  0.780   16.335  1.00 27.14  ? 3   DT  D N1    1 
ATOM   691 C  C2    . DT  D 1 3  ? -2.198  0.392   15.943  1.00 27.86  ? 3   DT  D C2    1 
ATOM   692 O  O2    . DT  D 1 3  ? -2.474  0.092   14.795  1.00 29.66  ? 3   DT  D O2    1 
ATOM   693 N  N3    . DT  D 1 3  ? -3.121  0.359   16.944  1.00 23.48  ? 3   DT  D N3    1 
ATOM   694 C  C4    . DT  D 1 3  ? -2.927  0.679   18.265  1.00 25.88  ? 3   DT  D C4    1 
ATOM   695 O  O4    . DT  D 1 3  ? -3.829  0.621   19.093  1.00 29.12  ? 3   DT  D O4    1 
ATOM   696 C  C5    . DT  D 1 3  ? -1.592  1.085   18.610  1.00 27.29  ? 3   DT  D C5    1 
ATOM   697 C  C7    . DT  D 1 3  ? -1.256  1.455   20.024  1.00 28.25  ? 3   DT  D C7    1 
ATOM   698 C  C6    . DT  D 1 3  ? -0.678  1.117   17.638  1.00 28.56  ? 3   DT  D C6    1 
ATOM   699 P  P     . DC  D 1 4  ? 3.097   3.087   13.102  1.00 36.37  ? 4   DC  D P     1 
ATOM   700 O  OP1   . DC  D 1 4  ? 2.573   4.216   13.896  1.00 30.03  ? 4   DC  D OP1   1 
ATOM   701 O  OP2   . DC  D 1 4  ? 3.118   3.118   11.620  1.00 28.90  ? 4   DC  D OP2   1 
ATOM   702 O  "O5'" . DC  D 1 4  ? 4.576   2.790   13.635  1.00 43.14  ? 4   DC  D "O5'" 1 
ATOM   703 C  "C5'" . DC  D 1 4  ? 5.452   3.863   13.981  1.00 31.39  ? 4   DC  D "C5'" 1 
ATOM   704 C  "C4'" . DC  D 1 4  ? 6.852   3.622   13.435  1.00 22.80  ? 4   DC  D "C4'" 1 
ATOM   705 O  "O4'" . DC  D 1 4  ? 7.367   2.357   13.932  1.00 21.91  ? 4   DC  D "O4'" 1 
ATOM   706 C  "C3'" . DC  D 1 4  ? 6.942   3.523   11.911  1.00 22.09  ? 4   DC  D "C3'" 1 
ATOM   707 O  "O3'" . DC  D 1 4  ? 8.176   4.037   11.493  1.00 25.31  ? 4   DC  D "O3'" 1 
ATOM   708 C  "C2'" . DC  D 1 4  ? 6.872   2.021   11.681  1.00 20.46  ? 4   DC  D "C2'" 1 
ATOM   709 C  "C1'" . DC  D 1 4  ? 7.734   1.547   12.829  1.00 18.98  ? 4   DC  D "C1'" 1 
ATOM   710 N  N1    . DC  D 1 4  ? 7.570   0.110   13.192  1.00 15.46  ? 4   DC  D N1    1 
ATOM   711 C  C2    . DC  D 1 4  ? 8.672   -0.730  13.120  1.00 18.74  ? 4   DC  D C2    1 
ATOM   712 O  O2    . DC  D 1 4  ? 9.750   -0.267  12.741  1.00 22.63  ? 4   DC  D O2    1 
ATOM   713 N  N3    . DC  D 1 4  ? 8.537   -2.027  13.464  1.00 16.02  ? 4   DC  D N3    1 
ATOM   714 C  C4    . DC  D 1 4  ? 7.374   -2.487  13.871  1.00 13.71  ? 4   DC  D C4    1 
ATOM   715 N  N4    . DC  D 1 4  ? 7.306   -3.776  14.203  1.00 16.29  ? 4   DC  D N4    1 
ATOM   716 C  C5    . DC  D 1 4  ? 6.227   -1.649  13.958  1.00 16.08  ? 4   DC  D C5    1 
ATOM   717 C  C6    . DC  D 1 4  ? 6.371   -0.364  13.613  1.00 16.70  ? 4   DC  D C6    1 
ATOM   718 P  P     . DG  D 1 5  ? 8.335   4.652   10.028  1.00 27.67  ? 5   DG  D P     1 
ATOM   719 O  OP1   . DG  D 1 5  ? 9.431   5.646   10.031  1.00 23.78  ? 5   DG  D OP1   1 
ATOM   720 O  OP2   . DG  D 1 5  ? 6.974   5.045   9.621   1.00 31.00  ? 5   DG  D OP2   1 
ATOM   721 O  "O5'" . DG  D 1 5  ? 8.763   3.402   9.137   1.00 21.33  ? 5   DG  D "O5'" 1 
ATOM   722 C  "C5'" . DG  D 1 5  ? 9.891   2.643   9.481   1.00 18.24  ? 5   DG  D "C5'" 1 
ATOM   723 C  "C4'" . DG  D 1 5  ? 9.969   1.383   8.638   1.00 21.27  ? 5   DG  D "C4'" 1 
ATOM   724 O  "O4'" . DG  D 1 5  ? 9.088   0.378   9.190   1.00 20.82  ? 5   DG  D "O4'" 1 
ATOM   725 C  "C3'" . DG  D 1 5  ? 9.555   1.540   7.175   1.00 18.14  ? 5   DG  D "C3'" 1 
ATOM   726 O  "O3'" . DG  D 1 5  ? 10.376  0.707   6.345   1.00 20.84  ? 5   DG  D "O3'" 1 
ATOM   727 C  "C2'" . DG  D 1 5  ? 8.114   1.057   7.191   1.00 17.40  ? 5   DG  D "C2'" 1 
ATOM   728 C  "C1'" . DG  D 1 5  ? 8.208   -0.076  8.190   1.00 17.31  ? 5   DG  D "C1'" 1 
ATOM   729 N  N9    . DG  D 1 5  ? 6.949   -0.402  8.833   1.00 18.23  ? 5   DG  D N9    1 
ATOM   730 C  C8    . DG  D 1 5  ? 5.805   0.353   8.855   1.00 15.19  ? 5   DG  D C8    1 
ATOM   731 N  N7    . DG  D 1 5  ? 4.840   -0.201  9.531   1.00 14.32  ? 5   DG  D N7    1 
ATOM   732 C  C5    . DG  D 1 5  ? 5.386   -1.391  9.992   1.00 14.24  ? 5   DG  D C5    1 
ATOM   733 C  C6    . DG  D 1 5  ? 4.815   -2.405  10.784  1.00 18.08  ? 5   DG  D C6    1 
ATOM   734 O  O6    . DG  D 1 5  ? 3.670   -2.462  11.247  1.00 26.40  ? 5   DG  D O6    1 
ATOM   735 N  N1    . DG  D 1 5  ? 5.708   -3.441  11.021  1.00 17.33  ? 5   DG  D N1    1 
ATOM   736 C  C2    . DG  D 1 5  ? 6.997   -3.483  10.557  1.00 17.67  ? 5   DG  D C2    1 
ATOM   737 N  N2    . DG  D 1 5  ? 7.712   -4.563  10.890  1.00 20.92  ? 5   DG  D N2    1 
ATOM   738 N  N3    . DG  D 1 5  ? 7.546   -2.536  9.817   1.00 17.38  ? 5   DG  D N3    1 
ATOM   739 C  C4    . DG  D 1 5  ? 6.681   -1.524  9.573   1.00 17.56  ? 5   DG  D C4    1 
ATOM   740 P  P     . DG  D 1 6  ? 10.389  0.922   4.755   1.00 25.16  ? 6   DG  D P     1 
ATOM   741 O  OP1   . DG  D 1 6  ? 11.496  0.150   4.164   1.00 26.94  ? 6   DG  D OP1   1 
ATOM   742 O  OP2   . DG  D 1 6  ? 10.275  2.368   4.485   1.00 30.55  ? 6   DG  D OP2   1 
ATOM   743 O  "O5'" . DG  D 1 6  ? 9.029   0.246   4.282   1.00 25.24  ? 6   DG  D "O5'" 1 
ATOM   744 C  "C5'" . DG  D 1 6  ? 8.454   0.607   3.058   1.00 25.12  ? 6   DG  D "C5'" 1 
ATOM   745 C  "C4'" . DG  D 1 6  ? 8.387   -0.593  2.145   1.00 25.83  ? 6   DG  D "C4'" 1 
ATOM   746 O  "O4'" . DG  D 1 6  ? 7.517   -1.594  2.728   1.00 25.01  ? 6   DG  D "O4'" 1 
ATOM   747 C  "C3'" . DG  D 1 6  ? 7.823   -0.323  0.754   1.00 22.93  ? 6   DG  D "C3'" 1 
ATOM   748 O  "O3'" . DG  D 1 6  ? 8.420   -1.217  -0.149  1.00 31.33  ? 6   DG  D "O3'" 1 
ATOM   749 C  "C2'" . DG  D 1 6  ? 6.364   -0.673  0.949   1.00 22.11  ? 6   DG  D "C2'" 1 
ATOM   750 C  "C1'" . DG  D 1 6  ? 6.532   -1.926  1.777   1.00 25.56  ? 6   DG  D "C1'" 1 
ATOM   751 N  N9    . DG  D 1 6  ? 5.331   -2.340  2.475   1.00 26.86  ? 6   DG  D N9    1 
ATOM   752 C  C8    . DG  D 1 6  ? 4.188   -1.610  2.653   1.00 25.74  ? 6   DG  D C8    1 
ATOM   753 N  N7    . DG  D 1 6  ? 3.274   -2.246  3.327   1.00 28.27  ? 6   DG  D N7    1 
ATOM   754 C  C5    . DG  D 1 6  ? 3.849   -3.473  3.610   1.00 20.66  ? 6   DG  D C5    1 
ATOM   755 C  C6    . DG  D 1 6  ? 3.327   -4.576  4.308   1.00 22.84  ? 6   DG  D C6    1 
ATOM   756 O  O6    . DG  D 1 6  ? 2.213   -4.688  4.838   1.00 27.35  ? 6   DG  D O6    1 
ATOM   757 N  N1    . DG  D 1 6  ? 4.238   -5.627  4.366   1.00 24.51  ? 6   DG  D N1    1 
ATOM   758 C  C2    . DG  D 1 6  ? 5.495   -5.602  3.814   1.00 22.56  ? 6   DG  D C2    1 
ATOM   759 N  N2    . DG  D 1 6  ? 6.236   -6.706  3.970   1.00 26.01  ? 6   DG  D N2    1 
ATOM   760 N  N3    . DG  D 1 6  ? 5.993   -4.569  3.156   1.00 21.00  ? 6   DG  D N3    1 
ATOM   761 C  C4    . DG  D 1 6  ? 5.115   -3.545  3.093   1.00 22.21  ? 6   DG  D C4    1 
ATOM   762 P  P     . DA  D 1 7  ? 8.840   -0.741  -1.620  1.00 38.73  ? 7   DA  D P     1 
ATOM   763 O  OP1   . DA  D 1 7  ? 8.248   0.587   -1.887  1.00 44.84  ? 7   DA  D OP1   1 
ATOM   764 O  OP2   . DA  D 1 7  ? 8.516   -1.864  -2.513  1.00 31.10  ? 7   DA  D OP2   1 
ATOM   765 O  "O5'" . DA  D 1 7  ? 10.424  -0.572  -1.514  1.00 40.31  ? 7   DA  D "O5'" 1 
ATOM   766 C  "C5'" . DA  D 1 7  ? 11.281  -1.300  -2.377  1.00 37.58  ? 7   DA  D "C5'" 1 
ATOM   767 C  "C4'" . DA  D 1 7  ? 12.466  -1.857  -1.611  1.00 29.75  ? 7   DA  D "C4'" 1 
ATOM   768 O  "O4'" . DA  D 1 7  ? 12.031  -2.278  -0.300  1.00 33.31  ? 7   DA  D "O4'" 1 
ATOM   769 C  "C3'" . DA  D 1 7  ? 13.089  -3.089  -2.233  1.00 32.50  ? 7   DA  D "C3'" 1 
ATOM   770 O  "O3'" . DA  D 1 7  ? 14.121  -2.715  -3.098  1.00 44.00  ? 7   DA  D "O3'" 1 
ATOM   771 C  "C2'" . DA  D 1 7  ? 13.625  -3.838  -1.023  1.00 25.73  ? 7   DA  D "C2'" 1 
ATOM   772 C  "C1'" . DA  D 1 7  ? 12.525  -3.577  -0.018  1.00 28.61  ? 7   DA  D "C1'" 1 
ATOM   773 N  N9    . DA  D 1 7  ? 11.411  -4.523  -0.090  1.00 25.51  ? 7   DA  D N9    1 
ATOM   774 C  C8    . DA  D 1 7  ? 10.084  -4.221  -0.207  1.00 25.68  ? 7   DA  D C8    1 
ATOM   775 N  N7    . DA  D 1 7  ? 9.304   -5.271  -0.227  1.00 27.02  ? 7   DA  D N7    1 
ATOM   776 C  C5    . DA  D 1 7  ? 10.178  -6.334  -0.111  1.00 23.58  ? 7   DA  D C5    1 
ATOM   777 C  C6    . DA  D 1 7  ? 9.973   -7.721  -0.070  1.00 25.02  ? 7   DA  D C6    1 
ATOM   778 N  N6    . DA  D 1 7  ? 8.765   -8.291  -0.149  1.00 26.32  ? 7   DA  D N6    1 
ATOM   779 N  N1    . DA  D 1 7  ? 11.055  -8.505  0.056   1.00 22.57  ? 7   DA  D N1    1 
ATOM   780 C  C2    . DA  D 1 7  ? 12.258  -7.932  0.131   1.00 22.77  ? 7   DA  D C2    1 
ATOM   781 N  N3    . DA  D 1 7  ? 12.574  -6.643  0.104   1.00 24.45  ? 7   DA  D N3    1 
ATOM   782 C  C4    . DA  D 1 7  ? 11.480  -5.891  -0.024  1.00 21.81  ? 7   DA  D C4    1 
ATOM   783 P  P     . DC  D 1 8  ? 13.954  -2.922  -4.677  1.00 46.20  ? 8   DC  D P     1 
ATOM   784 O  OP1   . DC  D 1 8  ? 15.304  -2.733  -5.259  1.00 43.28  ? 8   DC  D OP1   1 
ATOM   785 O  OP2   . DC  D 1 8  ? 12.816  -2.071  -5.101  1.00 40.74  ? 8   DC  D OP2   1 
ATOM   786 O  "O5'" . DC  D 1 8  ? 13.509  -4.455  -4.835  1.00 32.03  ? 8   DC  D "O5'" 1 
ATOM   787 C  "C5'" . DC  D 1 8  ? 14.341  -5.499  -4.371  1.00 25.07  ? 8   DC  D "C5'" 1 
ATOM   788 C  "C4'" . DC  D 1 8  ? 13.515  -6.566  -3.676  1.00 27.39  ? 8   DC  D "C4'" 1 
ATOM   789 O  "O4'" . DC  D 1 8  ? 12.224  -6.017  -3.270  1.00 30.01  ? 8   DC  D "O4'" 1 
ATOM   790 C  "C3'" . DC  D 1 8  ? 13.191  -7.797  -4.526  1.00 27.76  ? 8   DC  D "C3'" 1 
ATOM   791 O  "O3'" . DC  D 1 8  ? 13.323  -8.963  -3.729  1.00 30.36  ? 8   DC  D "O3'" 1 
ATOM   792 C  "C2'" . DC  D 1 8  ? 11.740  -7.556  -4.911  1.00 25.64  ? 8   DC  D "C2'" 1 
ATOM   793 C  "C1'" . DC  D 1 8  ? 11.227  -6.935  -3.631  1.00 27.27  ? 8   DC  D "C1'" 1 
ATOM   794 N  N1    . DC  D 1 8  ? 9.930   -6.229  -3.788  1.00 25.54  ? 8   DC  D N1    1 
ATOM   795 C  C2    . DC  D 1 8  ? 8.747   -6.905  -3.492  1.00 23.46  ? 8   DC  D C2    1 
ATOM   796 O  O2    . DC  D 1 8  ? 8.804   -8.065  -3.094  1.00 28.02  ? 8   DC  D O2    1 
ATOM   797 N  N3    . DC  D 1 8  ? 7.569   -6.265  -3.639  1.00 22.77  ? 8   DC  D N3    1 
ATOM   798 C  C4    . DC  D 1 8  ? 7.546   -5.013  -4.080  1.00 24.50  ? 8   DC  D C4    1 
ATOM   799 N  N4    . DC  D 1 8  ? 6.353   -4.422  -4.210  1.00 26.78  ? 8   DC  D N4    1 
ATOM   800 C  C5    . DC  D 1 8  ? 8.741   -4.306  -4.397  1.00 23.20  ? 8   DC  D C5    1 
ATOM   801 C  C6    . DC  D 1 8  ? 9.903   -4.948  -4.235  1.00 25.44  ? 8   DC  D C6    1 
ATOM   802 P  P     . DG  D 1 9  ? 13.248  -10.425 -4.390  1.00 36.48  ? 9   DG  D P     1 
ATOM   803 O  OP1   . DG  D 1 9  ? 13.400  -11.408 -3.300  1.00 40.75  ? 9   DG  D OP1   1 
ATOM   804 O  OP2   . DG  D 1 9  ? 14.117  -10.474 -5.587  1.00 35.32  ? 9   DG  D OP2   1 
ATOM   805 O  "O5'" . DG  D 1 9  ? 11.754  -10.530 -4.911  1.00 33.42  ? 9   DG  D "O5'" 1 
ATOM   806 C  "C5'" . DG  D 1 9  ? 10.809  -11.322 -4.228  1.00 28.15  ? 9   DG  D "C5'" 1 
ATOM   807 C  "C4'" . DG  D 1 9  ? 9.637   -11.614 -5.140  1.00 30.41  ? 9   DG  D "C4'" 1 
ATOM   808 O  "O4'" . DG  D 1 9  ? 9.083   -10.356 -5.612  1.00 29.56  ? 9   DG  D "O4'" 1 
ATOM   809 C  "C3'" . DG  D 1 9  ? 9.994   -12.402 -6.403  1.00 27.49  ? 9   DG  D "C3'" 1 
ATOM   810 O  "O3'" . DG  D 1 9  ? 8.898   -13.208 -6.781  1.00 28.52  ? 9   DG  D "O3'" 1 
ATOM   811 C  "C2'" . DG  D 1 9  ? 10.231  -11.297 -7.420  1.00 22.70  ? 9   DG  D "C2'" 1 
ATOM   812 C  "C1'" . DG  D 1 9  ? 9.143   -10.314 -7.023  1.00 26.07  ? 9   DG  D "C1'" 1 
ATOM   813 N  N9    . DG  D 1 9  ? 9.407   -8.944  -7.438  1.00 26.20  ? 9   DG  D N9    1 
ATOM   814 C  C8    . DG  D 1 9  ? 10.578  -8.444  -7.940  1.00 25.51  ? 9   DG  D C8    1 
ATOM   815 N  N7    . DG  D 1 9  ? 10.516  -7.179  -8.227  1.00 25.80  ? 9   DG  D N7    1 
ATOM   816 C  C5    . DG  D 1 9  ? 9.221   -6.820  -7.894  1.00 20.87  ? 9   DG  D C5    1 
ATOM   817 C  C6    . DG  D 1 9  ? 8.581   -5.576  -7.981  1.00 23.09  ? 9   DG  D C6    1 
ATOM   818 O  O6    . DG  D 1 9  ? 9.044   -4.505  -8.387  1.00 35.15  ? 9   DG  D O6    1 
ATOM   819 N  N1    . DG  D 1 9  ? 7.269   -5.642  -7.544  1.00 21.61  ? 9   DG  D N1    1 
ATOM   820 C  C2    . DG  D 1 9  ? 6.657   -6.767  -7.077  1.00 22.85  ? 9   DG  D C2    1 
ATOM   821 N  N2    . DG  D 1 9  ? 5.381   -6.633  -6.697  1.00 25.65  ? 9   DG  D N2    1 
ATOM   822 N  N3    . DG  D 1 9  ? 7.250   -7.940  -6.979  1.00 23.70  ? 9   DG  D N3    1 
ATOM   823 C  C4    . DG  D 1 9  ? 8.528   -7.891  -7.407  1.00 22.88  ? 9   DG  D C4    1 
ATOM   824 P  P     . DA  D 1 10 ? 9.117   -14.753 -7.131  1.00 28.03  ? 10  DA  D P     1 
ATOM   825 O  OP1   . DA  D 1 10 ? 10.234  -15.197 -6.272  1.00 28.34  ? 10  DA  D OP1   1 
ATOM   826 O  OP2   . DA  D 1 10 ? 9.181   -14.916 -8.601  1.00 28.77  ? 10  DA  D OP2   1 
ATOM   827 O  "O5'" . DA  D 1 10 ? 7.749   -15.430 -6.679  1.00 25.18  ? 10  DA  D "O5'" 1 
ATOM   828 C  "C5'" . DA  D 1 10 ? 7.342   -15.353 -5.333  1.00 27.29  ? 10  DA  D "C5'" 1 
ATOM   829 C  "C4'" . DA  D 1 10 ? 5.843   -15.488 -5.230  1.00 23.99  ? 10  DA  D "C4'" 1 
ATOM   830 O  "O4'" . DA  D 1 10 ? 5.233   -14.251 -5.662  1.00 26.61  ? 10  DA  D "O4'" 1 
ATOM   831 C  "C3'" . DA  D 1 10 ? 5.233   -16.588 -6.091  1.00 22.34  ? 10  DA  D "C3'" 1 
ATOM   832 O  "O3'" . DA  D 1 10 ? 4.184   -17.240 -5.371  1.00 31.12  ? 10  DA  D "O3'" 1 
ATOM   833 C  "C2'" . DA  D 1 10 ? 4.692   -15.820 -7.292  1.00 21.72  ? 10  DA  D "C2'" 1 
ATOM   834 C  "C1'" . DA  D 1 10 ? 4.282   -14.503 -6.657  1.00 21.21  ? 10  DA  D "C1'" 1 
ATOM   835 N  N9    . DA  D 1 10 ? 4.291   -13.369 -7.575  1.00 22.54  ? 10  DA  D N9    1 
ATOM   836 C  C8    . DA  D 1 10 ? 5.378   -12.641 -7.971  1.00 21.56  ? 10  DA  D C8    1 
ATOM   837 N  N7    . DA  D 1 10 ? 5.088   -11.667 -8.802  1.00 24.22  ? 10  DA  D N7    1 
ATOM   838 C  C5    . DA  D 1 10 ? 3.713   -11.758 -8.960  1.00 23.81  ? 10  DA  D C5    1 
ATOM   839 C  C6    . DA  D 1 10 ? 2.784   -11.005 -9.712  1.00 22.21  ? 10  DA  D C6    1 
ATOM   840 N  N6    . DA  D 1 10 ? 3.125   -9.966  -10.490 1.00 22.67  ? 10  DA  D N6    1 
ATOM   841 N  N1    . DA  D 1 10 ? 1.487   -11.360 -9.637  1.00 22.97  ? 10  DA  D N1    1 
ATOM   842 C  C2    . DA  D 1 10 ? 1.147   -12.395 -8.869  1.00 23.51  ? 10  DA  D C2    1 
ATOM   843 N  N3    . DA  D 1 10 ? 1.924   -13.173 -8.119  1.00 24.72  ? 10  DA  D N3    1 
ATOM   844 C  C4    . DA  D 1 10 ? 3.206   -12.798 -8.208  1.00 23.74  ? 10  DA  D C4    1 
ATOM   845 P  P     . DT  D 1 11 ? 4.221   -18.830 -5.118  1.00 32.35  ? 11  DT  D P     1 
ATOM   846 O  OP1   . DT  D 1 11 ? 4.967   -19.462 -6.228  1.00 28.70  ? 11  DT  D OP1   1 
ATOM   847 O  OP2   . DT  D 1 11 ? 2.836   -19.249 -4.835  1.00 35.47  ? 11  DT  D OP2   1 
ATOM   848 O  "O5'" . DT  D 1 11 ? 5.039   -18.984 -3.758  1.00 27.13  ? 11  DT  D "O5'" 1 
ATOM   849 C  "C5'" . DT  D 1 11 ? 4.645   -18.240 -2.633  1.00 30.75  ? 11  DT  D "C5'" 1 
ATOM   850 C  "C4'" . DT  D 1 11 ? 5.566   -18.504 -1.464  1.00 29.73  ? 11  DT  D "C4'" 1 
ATOM   851 O  "O4'" . DT  D 1 11 ? 6.782   -19.123 -1.947  1.00 33.23  ? 11  DT  D "O4'" 1 
ATOM   852 C  "C3'" . DT  D 1 11 ? 6.002   -17.259 -0.692  1.00 42.78  ? 11  DT  D "C3'" 1 
ATOM   853 O  "O3'" . DT  D 1 11 ? 6.084   -17.552 0.698   1.00 54.12  ? 11  DT  D "O3'" 1 
ATOM   854 C  "C2'" . DT  D 1 11 ? 7.377   -16.953 -1.281  1.00 39.82  ? 11  DT  D "C2'" 1 
ATOM   855 C  "C1'" . DT  D 1 11 ? 7.901   -18.353 -1.551  1.00 33.02  ? 11  DT  D "C1'" 1 
ATOM   856 N  N1    . DT  D 1 11 ? 8.905   -18.411 -2.637  1.00 28.97  ? 11  DT  D N1    1 
ATOM   857 C  C2    . DT  D 1 11 ? 10.215  -18.108 -2.361  1.00 36.74  ? 11  DT  D C2    1 
ATOM   858 O  O2    . DT  D 1 11 ? 10.605  -17.780 -1.251  1.00 43.20  ? 11  DT  D O2    1 
ATOM   859 N  N3    . DT  D 1 11 ? 11.064  -18.197 -3.436  1.00 31.07  ? 11  DT  D N3    1 
ATOM   860 C  C4    . DT  D 1 11 ? 10.735  -18.555 -4.728  1.00 32.42  ? 11  DT  D C4    1 
ATOM   861 O  O4    . DT  D 1 11 ? 11.565  -18.606 -5.624  1.00 34.03  ? 11  DT  D O4    1 
ATOM   862 C  C5    . DT  D 1 11 ? 9.341   -18.867 -4.948  1.00 31.55  ? 11  DT  D C5    1 
ATOM   863 C  C7    . DT  D 1 11 ? 8.862   -19.270 -6.313  1.00 26.57  ? 11  DT  D C7    1 
ATOM   864 C  C6    . DT  D 1 11 ? 8.504   -18.780 -3.902  1.00 31.07  ? 11  DT  D C6    1 
HETATM 865 MG MG    . MG  E 2 .  ? -0.696  5.844   11.285  1.00 46.71  ? 101 MG  A MG    1 
HETATM 866 MG MG    . MG  F 2 .  ? -16.155 16.436  6.615   1.00 51.66  ? 101 MG  B MG    1 
HETATM 867 MG MG    . MG  G 2 .  ? 15.807  -7.931  9.855   1.00 45.82  ? 101 MG  C MG    1 
HETATM 868 MG MG    . MG  H 2 .  ? 2.959   -14.337 3.417   1.00 61.15  ? 102 MG  C MG    1 
HETATM 869 O  O     . HOH I 3 .  ? 7.243   -12.780 14.187  1.00 37.48  ? 201 HOH C O     1 
HETATM 870 O  O     . HOH I 3 .  ? 6.719   -12.245 -3.416  1.00 20.79  ? 202 HOH C O     1 
HETATM 871 O  O     . HOH I 3 .  ? -0.948  -13.874 -3.774  1.00 39.13  ? 203 HOH C O     1 
HETATM 872 O  O     . HOH J 3 .  ? 13.573  -17.763 -3.850  1.00 43.67  ? 101 HOH D O     1 
HETATM 873 O  O     . HOH J 3 .  ? 12.674  3.699   6.022   1.00 30.13  ? 102 HOH D O     1 
HETATM 874 O  O     . HOH J 3 .  ? 5.548   -16.603 3.828   1.00 62.29  ? 103 HOH D O     1 
# 
loop_
_pdbx_poly_seq_scheme.asym_id 
_pdbx_poly_seq_scheme.entity_id 
_pdbx_poly_seq_scheme.seq_id 
_pdbx_poly_seq_scheme.mon_id 
_pdbx_poly_seq_scheme.ndb_seq_num 
_pdbx_poly_seq_scheme.pdb_seq_num 
_pdbx_poly_seq_scheme.auth_seq_num 
_pdbx_poly_seq_scheme.pdb_mon_id 
_pdbx_poly_seq_scheme.auth_mon_id 
_pdbx_poly_seq_scheme.pdb_strand_id 
_pdbx_poly_seq_scheme.pdb_ins_code 
_pdbx_poly_seq_scheme.hetero 
A 1 1  DA 1  1  1  DA DA A . n 
A 1 2  DC 2  2  2  DC DC A . n 
A 1 3  DT 3  3  3  DT DT A . n 
A 1 4  DC 4  4  4  DC DC A . n 
A 1 5  DG 5  5  5  DG DG A . n 
A 1 6  DG 6  6  6  DG DG A . n 
A 1 7  DA 7  7  7  DA DA A . n 
A 1 8  DC 8  8  8  DC DC A . n 
A 1 9  DG 9  9  9  DG DG A . n 
A 1 10 DA 10 10 10 DA DA A . n 
A 1 11 DT 11 11 11 DT DT A . n 
B 1 1  DA 1  1  1  DA DA B . n 
B 1 2  DC 2  2  2  DC DC B . n 
B 1 3  DT 3  3  3  DT DT B . n 
B 1 4  DC 4  4  4  DC DC B . n 
B 1 5  DG 5  5  5  DG DG B . n 
B 1 6  DG 6  6  6  DG DG B . n 
B 1 7  DA 7  7  7  DA DA B . n 
B 1 8  DC 8  8  8  DC DC B . n 
B 1 9  DG 9  9  9  DG DG B . n 
B 1 10 DA 10 10 10 DA DA B . n 
B 1 11 DT 11 11 11 DT DT B . n 
C 1 1  DA 1  1  1  DA DA C . n 
C 1 2  DC 2  2  2  DC DC C . n 
C 1 3  DT 3  3  3  DT DT C . n 
C 1 4  DC 4  4  4  DC DC C . n 
C 1 5  DG 5  5  5  DG DG C . n 
C 1 6  DG 6  6  6  DG DG C . n 
C 1 7  DA 7  7  7  DA DA C . n 
C 1 8  DC 8  8  8  DC DC C . n 
C 1 9  DG 9  9  9  DG DG C . n 
C 1 10 DA 10 10 10 DA DA C . n 
C 1 11 DT 11 11 11 DT DT C . n 
D 1 1  DA 1  1  1  DA DA D . n 
D 1 2  DC 2  2  2  DC DC D . n 
D 1 3  DT 3  3  3  DT DT D . n 
D 1 4  DC 4  4  4  DC DC D . n 
D 1 5  DG 5  5  5  DG DG D . n 
D 1 6  DG 6  6  6  DG DG D . n 
D 1 7  DA 7  7  7  DA DA D . n 
D 1 8  DC 8  8  8  DC DC D . n 
D 1 9  DG 9  9  9  DG DG D . n 
D 1 10 DA 10 10 10 DA DA D . n 
D 1 11 DT 11 11 11 DT DT D . n 
# 
loop_
_pdbx_nonpoly_scheme.asym_id 
_pdbx_nonpoly_scheme.entity_id 
_pdbx_nonpoly_scheme.mon_id 
_pdbx_nonpoly_scheme.ndb_seq_num 
_pdbx_nonpoly_scheme.pdb_seq_num 
_pdbx_nonpoly_scheme.auth_seq_num 
_pdbx_nonpoly_scheme.pdb_mon_id 
_pdbx_nonpoly_scheme.auth_mon_id 
_pdbx_nonpoly_scheme.pdb_strand_id 
_pdbx_nonpoly_scheme.pdb_ins_code 
E 2 MG  1 101 3  MG  MG  A . 
F 2 MG  1 101 5  MG  MG  B . 
G 2 MG  1 101 1  MG  MG  C . 
H 2 MG  1 102 2  MG  MG  C . 
I 3 HOH 1 201 7  HOH HOH C . 
I 3 HOH 2 202 1  HOH HOH C . 
I 3 HOH 3 203 13 HOH HOH C . 
J 3 HOH 1 101 8  HOH HOH D . 
J 3 HOH 2 102 9  HOH HOH D . 
J 3 HOH 3 103 12 HOH HOH D . 
# 
loop_
_pdbx_struct_assembly.id 
_pdbx_struct_assembly.details 
_pdbx_struct_assembly.method_details 
_pdbx_struct_assembly.oligomeric_details 
_pdbx_struct_assembly.oligomeric_count 
1 author_defined_assembly ? dimeric 2 
2 author_defined_assembly ? dimeric 2 
# 
loop_
_pdbx_struct_assembly_gen.assembly_id 
_pdbx_struct_assembly_gen.oper_expression 
_pdbx_struct_assembly_gen.asym_id_list 
1 1 A,B,E,F     
2 1 C,D,G,H,I,J 
# 
_pdbx_struct_oper_list.id                   1 
_pdbx_struct_oper_list.type                 'identity operation' 
_pdbx_struct_oper_list.name                 1_555 
_pdbx_struct_oper_list.symmetry_operation   x,y,z 
_pdbx_struct_oper_list.matrix[1][1]         1.0000000000 
_pdbx_struct_oper_list.matrix[1][2]         0.0000000000 
_pdbx_struct_oper_list.matrix[1][3]         0.0000000000 
_pdbx_struct_oper_list.vector[1]            0.0000000000 
_pdbx_struct_oper_list.matrix[2][1]         0.0000000000 
_pdbx_struct_oper_list.matrix[2][2]         1.0000000000 
_pdbx_struct_oper_list.matrix[2][3]         0.0000000000 
_pdbx_struct_oper_list.vector[2]            0.0000000000 
_pdbx_struct_oper_list.matrix[3][1]         0.0000000000 
_pdbx_struct_oper_list.matrix[3][2]         0.0000000000 
_pdbx_struct_oper_list.matrix[3][3]         1.0000000000 
_pdbx_struct_oper_list.vector[3]            0.0000000000 
# 
loop_
_pdbx_audit_revision_history.ordinal 
_pdbx_audit_revision_history.data_content_type 
_pdbx_audit_revision_history.major_revision 
_pdbx_audit_revision_history.minor_revision 
_pdbx_audit_revision_history.revision_date 
1 'Structure model' 1 0 2015-12-16 
2 'Structure model' 1 1 2016-07-06 
3 'Structure model' 1 2 2016-07-20 
4 'Structure model' 1 3 2017-09-20 
5 'Structure model' 1 4 2019-11-27 
6 'Structure model' 1 5 2023-09-27 
# 
_pdbx_audit_revision_details.ordinal             1 
_pdbx_audit_revision_details.revision_ordinal    1 
_pdbx_audit_revision_details.data_content_type   'Structure model' 
_pdbx_audit_revision_details.provider            repository 
_pdbx_audit_revision_details.type                'Initial release' 
_pdbx_audit_revision_details.description         ? 
_pdbx_audit_revision_details.details             ? 
# 
loop_
_pdbx_audit_revision_group.ordinal 
_pdbx_audit_revision_group.revision_ordinal 
_pdbx_audit_revision_group.data_content_type 
_pdbx_audit_revision_group.group 
1 2 'Structure model' 'Database references'        
2 3 'Structure model' 'Data collection'            
3 4 'Structure model' 'Author supporting evidence' 
4 4 'Structure model' 'Derived calculations'       
5 5 'Structure model' 'Author supporting evidence' 
6 6 'Structure model' 'Data collection'            
7 6 'Structure model' 'Database references'        
8 6 'Structure model' 'Refinement description'     
# 
loop_
_pdbx_audit_revision_category.ordinal 
_pdbx_audit_revision_category.revision_ordinal 
_pdbx_audit_revision_category.data_content_type 
_pdbx_audit_revision_category.category 
1 4 'Structure model' pdbx_audit_support            
2 4 'Structure model' pdbx_struct_oper_list         
3 5 'Structure model' pdbx_audit_support            
4 6 'Structure model' chem_comp_atom                
5 6 'Structure model' chem_comp_bond                
6 6 'Structure model' database_2                    
7 6 'Structure model' pdbx_initial_refinement_model 
# 
loop_
_pdbx_audit_revision_item.ordinal 
_pdbx_audit_revision_item.revision_ordinal 
_pdbx_audit_revision_item.data_content_type 
_pdbx_audit_revision_item.item 
1 4 'Structure model' '_pdbx_audit_support.funding_organization'  
2 4 'Structure model' '_pdbx_struct_oper_list.symmetry_operation' 
3 5 'Structure model' '_pdbx_audit_support.funding_organization'  
4 6 'Structure model' '_database_2.pdbx_DOI'                      
5 6 'Structure model' '_database_2.pdbx_database_accession'       
# 
_pdbx_phasing_MR.entry_id                     4ZYM 
_pdbx_phasing_MR.method_rotation              ? 
_pdbx_phasing_MR.method_translation           ? 
_pdbx_phasing_MR.model_details                'Phaser MODE: MR_AUTO' 
_pdbx_phasing_MR.R_factor                     ? 
_pdbx_phasing_MR.R_rigid_body                 ? 
_pdbx_phasing_MR.correlation_coeff_Fo_to_Fc   ? 
_pdbx_phasing_MR.correlation_coeff_Io_to_Ic   ? 
_pdbx_phasing_MR.d_res_high_rotation          3.000 
_pdbx_phasing_MR.d_res_low_rotation           68.070 
_pdbx_phasing_MR.d_res_high_translation       3.000 
_pdbx_phasing_MR.d_res_low_translation        68.070 
_pdbx_phasing_MR.packing                      ? 
_pdbx_phasing_MR.reflns_percent_rotation      ? 
_pdbx_phasing_MR.reflns_percent_translation   ? 
_pdbx_phasing_MR.sigma_F_rotation             ? 
_pdbx_phasing_MR.sigma_F_translation          ? 
_pdbx_phasing_MR.sigma_I_rotation             ? 
_pdbx_phasing_MR.sigma_I_translation          ? 
# 
_phasing.method   MR 
# 
loop_
_software.citation_id 
_software.classification 
_software.compiler_name 
_software.compiler_version 
_software.contact_author 
_software.contact_author_email 
_software.date 
_software.description 
_software.dependencies 
_software.hardware 
_software.language 
_software.location 
_software.mods 
_software.name 
_software.os 
_software.os_version 
_software.type 
_software.version 
_software.pdbx_ordinal 
? 'data scaling'    ? ? ? ? ? ? ? ? ? ? ? SCALA       ? ? ? .        1 
? phasing           ? ? ? ? ? ? ? ? ? ? ? PHASER      ? ? ? 2.5.6    2 
? refinement        ? ? ? ? ? ? ? ? ? ? ? PHENIX      ? ? ? 1.9-1692 3 
? 'data extraction' ? ? ? ? ? ? ? ? ? ? ? PDB_EXTRACT ? ? ? 3.15     4 
? 'data reduction'  ? ? ? ? ? ? ? ? ? ? ? XDS         ? ? ? .        5 
? 'model building'  ? ? ? ? ? ? ? ? ? ? ? Coot        ? ? ? .        6 
# 
loop_
_pdbx_unobs_or_zero_occ_atoms.id 
_pdbx_unobs_or_zero_occ_atoms.PDB_model_num 
_pdbx_unobs_or_zero_occ_atoms.polymer_flag 
_pdbx_unobs_or_zero_occ_atoms.occupancy_flag 
_pdbx_unobs_or_zero_occ_atoms.auth_asym_id 
_pdbx_unobs_or_zero_occ_atoms.auth_comp_id 
_pdbx_unobs_or_zero_occ_atoms.auth_seq_id 
_pdbx_unobs_or_zero_occ_atoms.PDB_ins_code 
_pdbx_unobs_or_zero_occ_atoms.auth_atom_id 
_pdbx_unobs_or_zero_occ_atoms.label_alt_id 
_pdbx_unobs_or_zero_occ_atoms.label_asym_id 
_pdbx_unobs_or_zero_occ_atoms.label_comp_id 
_pdbx_unobs_or_zero_occ_atoms.label_seq_id 
_pdbx_unobs_or_zero_occ_atoms.label_atom_id 
1  1 Y 1 A DC 2  ? N1    ? A DC 2  N1    
2  1 Y 1 A DC 2  ? C2    ? A DC 2  C2    
3  1 Y 1 A DC 2  ? O2    ? A DC 2  O2    
4  1 Y 1 A DC 2  ? N3    ? A DC 2  N3    
5  1 Y 1 A DC 2  ? C4    ? A DC 2  C4    
6  1 Y 1 A DC 2  ? N4    ? A DC 2  N4    
7  1 Y 1 A DC 2  ? C5    ? A DC 2  C5    
8  1 Y 1 A DC 2  ? C6    ? A DC 2  C6    
9  1 Y 1 A DT 11 ? "O5'" ? A DT 11 "O5'" 
10 1 Y 1 A DT 11 ? "C5'" ? A DT 11 "C5'" 
11 1 Y 1 A DT 11 ? "C4'" ? A DT 11 "C4'" 
12 1 Y 1 A DT 11 ? "O4'" ? A DT 11 "O4'" 
13 1 Y 1 A DT 11 ? "C3'" ? A DT 11 "C3'" 
14 1 Y 1 A DT 11 ? "O3'" ? A DT 11 "O3'" 
15 1 Y 1 A DT 11 ? "C2'" ? A DT 11 "C2'" 
16 1 Y 1 A DT 11 ? "C1'" ? A DT 11 "C1'" 
17 1 Y 1 A DT 11 ? N1    ? A DT 11 N1    
18 1 Y 1 A DT 11 ? C2    ? A DT 11 C2    
19 1 Y 1 A DT 11 ? O2    ? A DT 11 O2    
20 1 Y 1 A DT 11 ? N3    ? A DT 11 N3    
21 1 Y 1 A DT 11 ? C4    ? A DT 11 C4    
22 1 Y 1 A DT 11 ? O4    ? A DT 11 O4    
23 1 Y 1 A DT 11 ? C5    ? A DT 11 C5    
24 1 Y 1 A DT 11 ? C7    ? A DT 11 C7    
25 1 Y 1 A DT 11 ? C6    ? A DT 11 C6    
26 1 Y 1 B DC 2  ? N1    ? B DC 2  N1    
27 1 Y 1 B DC 2  ? C2    ? B DC 2  C2    
28 1 Y 1 B DC 2  ? O2    ? B DC 2  O2    
29 1 Y 1 B DC 2  ? N3    ? B DC 2  N3    
30 1 Y 1 B DC 2  ? C4    ? B DC 2  C4    
31 1 Y 1 B DC 2  ? N4    ? B DC 2  N4    
32 1 Y 1 B DC 2  ? C5    ? B DC 2  C5    
33 1 Y 1 B DC 2  ? C6    ? B DC 2  C6    
34 1 Y 1 B DT 11 ? "O5'" ? B DT 11 "O5'" 
35 1 Y 1 B DT 11 ? "C5'" ? B DT 11 "C5'" 
36 1 Y 1 B DT 11 ? "C4'" ? B DT 11 "C4'" 
37 1 Y 1 B DT 11 ? "O4'" ? B DT 11 "O4'" 
38 1 Y 1 B DT 11 ? "C3'" ? B DT 11 "C3'" 
39 1 Y 1 B DT 11 ? "O3'" ? B DT 11 "O3'" 
40 1 Y 1 B DT 11 ? "C2'" ? B DT 11 "C2'" 
41 1 Y 1 B DT 11 ? "C1'" ? B DT 11 "C1'" 
42 1 Y 1 B DT 11 ? N1    ? B DT 11 N1    
43 1 Y 1 B DT 11 ? C2    ? B DT 11 C2    
44 1 Y 1 B DT 11 ? O2    ? B DT 11 O2    
45 1 Y 1 B DT 11 ? N3    ? B DT 11 N3    
46 1 Y 1 B DT 11 ? C4    ? B DT 11 C4    
47 1 Y 1 B DT 11 ? O4    ? B DT 11 O4    
48 1 Y 1 B DT 11 ? C5    ? B DT 11 C5    
49 1 Y 1 B DT 11 ? C7    ? B DT 11 C7    
50 1 Y 1 B DT 11 ? C6    ? B DT 11 C6    
51 1 Y 1 C DT 11 ? "C5'" ? C DT 11 "C5'" 
52 1 Y 1 C DT 11 ? "C4'" ? C DT 11 "C4'" 
53 1 Y 1 C DT 11 ? "O4'" ? C DT 11 "O4'" 
54 1 Y 1 C DT 11 ? "C3'" ? C DT 11 "C3'" 
55 1 Y 1 C DT 11 ? "O3'" ? C DT 11 "O3'" 
56 1 Y 1 C DT 11 ? "C2'" ? C DT 11 "C2'" 
57 1 Y 1 C DT 11 ? "C1'" ? C DT 11 "C1'" 
58 1 Y 1 C DT 11 ? N1    ? C DT 11 N1    
59 1 Y 1 C DT 11 ? C2    ? C DT 11 C2    
60 1 Y 1 C DT 11 ? O2    ? C DT 11 O2    
61 1 Y 1 C DT 11 ? N3    ? C DT 11 N3    
62 1 Y 1 C DT 11 ? C4    ? C DT 11 C4    
63 1 Y 1 C DT 11 ? O4    ? C DT 11 O4    
64 1 Y 1 C DT 11 ? C5    ? C DT 11 C5    
65 1 Y 1 C DT 11 ? C7    ? C DT 11 C7    
66 1 Y 1 C DT 11 ? C6    ? C DT 11 C6    
# 
loop_
_chem_comp_atom.comp_id 
_chem_comp_atom.atom_id 
_chem_comp_atom.type_symbol 
_chem_comp_atom.pdbx_aromatic_flag 
_chem_comp_atom.pdbx_stereo_config 
_chem_comp_atom.pdbx_ordinal 
DA  OP3    O  N N 1   
DA  P      P  N N 2   
DA  OP1    O  N N 3   
DA  OP2    O  N N 4   
DA  "O5'"  O  N N 5   
DA  "C5'"  C  N N 6   
DA  "C4'"  C  N R 7   
DA  "O4'"  O  N N 8   
DA  "C3'"  C  N S 9   
DA  "O3'"  O  N N 10  
DA  "C2'"  C  N N 11  
DA  "C1'"  C  N R 12  
DA  N9     N  Y N 13  
DA  C8     C  Y N 14  
DA  N7     N  Y N 15  
DA  C5     C  Y N 16  
DA  C6     C  Y N 17  
DA  N6     N  N N 18  
DA  N1     N  Y N 19  
DA  C2     C  Y N 20  
DA  N3     N  Y N 21  
DA  C4     C  Y N 22  
DA  HOP3   H  N N 23  
DA  HOP2   H  N N 24  
DA  "H5'"  H  N N 25  
DA  "H5''" H  N N 26  
DA  "H4'"  H  N N 27  
DA  "H3'"  H  N N 28  
DA  "HO3'" H  N N 29  
DA  "H2'"  H  N N 30  
DA  "H2''" H  N N 31  
DA  "H1'"  H  N N 32  
DA  H8     H  N N 33  
DA  H61    H  N N 34  
DA  H62    H  N N 35  
DA  H2     H  N N 36  
DC  OP3    O  N N 37  
DC  P      P  N N 38  
DC  OP1    O  N N 39  
DC  OP2    O  N N 40  
DC  "O5'"  O  N N 41  
DC  "C5'"  C  N N 42  
DC  "C4'"  C  N R 43  
DC  "O4'"  O  N N 44  
DC  "C3'"  C  N S 45  
DC  "O3'"  O  N N 46  
DC  "C2'"  C  N N 47  
DC  "C1'"  C  N R 48  
DC  N1     N  N N 49  
DC  C2     C  N N 50  
DC  O2     O  N N 51  
DC  N3     N  N N 52  
DC  C4     C  N N 53  
DC  N4     N  N N 54  
DC  C5     C  N N 55  
DC  C6     C  N N 56  
DC  HOP3   H  N N 57  
DC  HOP2   H  N N 58  
DC  "H5'"  H  N N 59  
DC  "H5''" H  N N 60  
DC  "H4'"  H  N N 61  
DC  "H3'"  H  N N 62  
DC  "HO3'" H  N N 63  
DC  "H2'"  H  N N 64  
DC  "H2''" H  N N 65  
DC  "H1'"  H  N N 66  
DC  H41    H  N N 67  
DC  H42    H  N N 68  
DC  H5     H  N N 69  
DC  H6     H  N N 70  
DG  OP3    O  N N 71  
DG  P      P  N N 72  
DG  OP1    O  N N 73  
DG  OP2    O  N N 74  
DG  "O5'"  O  N N 75  
DG  "C5'"  C  N N 76  
DG  "C4'"  C  N R 77  
DG  "O4'"  O  N N 78  
DG  "C3'"  C  N S 79  
DG  "O3'"  O  N N 80  
DG  "C2'"  C  N N 81  
DG  "C1'"  C  N R 82  
DG  N9     N  Y N 83  
DG  C8     C  Y N 84  
DG  N7     N  Y N 85  
DG  C5     C  Y N 86  
DG  C6     C  N N 87  
DG  O6     O  N N 88  
DG  N1     N  N N 89  
DG  C2     C  N N 90  
DG  N2     N  N N 91  
DG  N3     N  N N 92  
DG  C4     C  Y N 93  
DG  HOP3   H  N N 94  
DG  HOP2   H  N N 95  
DG  "H5'"  H  N N 96  
DG  "H5''" H  N N 97  
DG  "H4'"  H  N N 98  
DG  "H3'"  H  N N 99  
DG  "HO3'" H  N N 100 
DG  "H2'"  H  N N 101 
DG  "H2''" H  N N 102 
DG  "H1'"  H  N N 103 
DG  H8     H  N N 104 
DG  H1     H  N N 105 
DG  H21    H  N N 106 
DG  H22    H  N N 107 
DT  OP3    O  N N 108 
DT  P      P  N N 109 
DT  OP1    O  N N 110 
DT  OP2    O  N N 111 
DT  "O5'"  O  N N 112 
DT  "C5'"  C  N N 113 
DT  "C4'"  C  N R 114 
DT  "O4'"  O  N N 115 
DT  "C3'"  C  N S 116 
DT  "O3'"  O  N N 117 
DT  "C2'"  C  N N 118 
DT  "C1'"  C  N R 119 
DT  N1     N  N N 120 
DT  C2     C  N N 121 
DT  O2     O  N N 122 
DT  N3     N  N N 123 
DT  C4     C  N N 124 
DT  O4     O  N N 125 
DT  C5     C  N N 126 
DT  C7     C  N N 127 
DT  C6     C  N N 128 
DT  HOP3   H  N N 129 
DT  HOP2   H  N N 130 
DT  "H5'"  H  N N 131 
DT  "H5''" H  N N 132 
DT  "H4'"  H  N N 133 
DT  "H3'"  H  N N 134 
DT  "HO3'" H  N N 135 
DT  "H2'"  H  N N 136 
DT  "H2''" H  N N 137 
DT  "H1'"  H  N N 138 
DT  H3     H  N N 139 
DT  H71    H  N N 140 
DT  H72    H  N N 141 
DT  H73    H  N N 142 
DT  H6     H  N N 143 
HOH O      O  N N 144 
HOH H1     H  N N 145 
HOH H2     H  N N 146 
MG  MG     MG N N 147 
# 
loop_
_chem_comp_bond.comp_id 
_chem_comp_bond.atom_id_1 
_chem_comp_bond.atom_id_2 
_chem_comp_bond.value_order 
_chem_comp_bond.pdbx_aromatic_flag 
_chem_comp_bond.pdbx_stereo_config 
_chem_comp_bond.pdbx_ordinal 
DA  OP3   P      sing N N 1   
DA  OP3   HOP3   sing N N 2   
DA  P     OP1    doub N N 3   
DA  P     OP2    sing N N 4   
DA  P     "O5'"  sing N N 5   
DA  OP2   HOP2   sing N N 6   
DA  "O5'" "C5'"  sing N N 7   
DA  "C5'" "C4'"  sing N N 8   
DA  "C5'" "H5'"  sing N N 9   
DA  "C5'" "H5''" sing N N 10  
DA  "C4'" "O4'"  sing N N 11  
DA  "C4'" "C3'"  sing N N 12  
DA  "C4'" "H4'"  sing N N 13  
DA  "O4'" "C1'"  sing N N 14  
DA  "C3'" "O3'"  sing N N 15  
DA  "C3'" "C2'"  sing N N 16  
DA  "C3'" "H3'"  sing N N 17  
DA  "O3'" "HO3'" sing N N 18  
DA  "C2'" "C1'"  sing N N 19  
DA  "C2'" "H2'"  sing N N 20  
DA  "C2'" "H2''" sing N N 21  
DA  "C1'" N9     sing N N 22  
DA  "C1'" "H1'"  sing N N 23  
DA  N9    C8     sing Y N 24  
DA  N9    C4     sing Y N 25  
DA  C8    N7     doub Y N 26  
DA  C8    H8     sing N N 27  
DA  N7    C5     sing Y N 28  
DA  C5    C6     sing Y N 29  
DA  C5    C4     doub Y N 30  
DA  C6    N6     sing N N 31  
DA  C6    N1     doub Y N 32  
DA  N6    H61    sing N N 33  
DA  N6    H62    sing N N 34  
DA  N1    C2     sing Y N 35  
DA  C2    N3     doub Y N 36  
DA  C2    H2     sing N N 37  
DA  N3    C4     sing Y N 38  
DC  OP3   P      sing N N 39  
DC  OP3   HOP3   sing N N 40  
DC  P     OP1    doub N N 41  
DC  P     OP2    sing N N 42  
DC  P     "O5'"  sing N N 43  
DC  OP2   HOP2   sing N N 44  
DC  "O5'" "C5'"  sing N N 45  
DC  "C5'" "C4'"  sing N N 46  
DC  "C5'" "H5'"  sing N N 47  
DC  "C5'" "H5''" sing N N 48  
DC  "C4'" "O4'"  sing N N 49  
DC  "C4'" "C3'"  sing N N 50  
DC  "C4'" "H4'"  sing N N 51  
DC  "O4'" "C1'"  sing N N 52  
DC  "C3'" "O3'"  sing N N 53  
DC  "C3'" "C2'"  sing N N 54  
DC  "C3'" "H3'"  sing N N 55  
DC  "O3'" "HO3'" sing N N 56  
DC  "C2'" "C1'"  sing N N 57  
DC  "C2'" "H2'"  sing N N 58  
DC  "C2'" "H2''" sing N N 59  
DC  "C1'" N1     sing N N 60  
DC  "C1'" "H1'"  sing N N 61  
DC  N1    C2     sing N N 62  
DC  N1    C6     sing N N 63  
DC  C2    O2     doub N N 64  
DC  C2    N3     sing N N 65  
DC  N3    C4     doub N N 66  
DC  C4    N4     sing N N 67  
DC  C4    C5     sing N N 68  
DC  N4    H41    sing N N 69  
DC  N4    H42    sing N N 70  
DC  C5    C6     doub N N 71  
DC  C5    H5     sing N N 72  
DC  C6    H6     sing N N 73  
DG  OP3   P      sing N N 74  
DG  OP3   HOP3   sing N N 75  
DG  P     OP1    doub N N 76  
DG  P     OP2    sing N N 77  
DG  P     "O5'"  sing N N 78  
DG  OP2   HOP2   sing N N 79  
DG  "O5'" "C5'"  sing N N 80  
DG  "C5'" "C4'"  sing N N 81  
DG  "C5'" "H5'"  sing N N 82  
DG  "C5'" "H5''" sing N N 83  
DG  "C4'" "O4'"  sing N N 84  
DG  "C4'" "C3'"  sing N N 85  
DG  "C4'" "H4'"  sing N N 86  
DG  "O4'" "C1'"  sing N N 87  
DG  "C3'" "O3'"  sing N N 88  
DG  "C3'" "C2'"  sing N N 89  
DG  "C3'" "H3'"  sing N N 90  
DG  "O3'" "HO3'" sing N N 91  
DG  "C2'" "C1'"  sing N N 92  
DG  "C2'" "H2'"  sing N N 93  
DG  "C2'" "H2''" sing N N 94  
DG  "C1'" N9     sing N N 95  
DG  "C1'" "H1'"  sing N N 96  
DG  N9    C8     sing Y N 97  
DG  N9    C4     sing Y N 98  
DG  C8    N7     doub Y N 99  
DG  C8    H8     sing N N 100 
DG  N7    C5     sing Y N 101 
DG  C5    C6     sing N N 102 
DG  C5    C4     doub Y N 103 
DG  C6    O6     doub N N 104 
DG  C6    N1     sing N N 105 
DG  N1    C2     sing N N 106 
DG  N1    H1     sing N N 107 
DG  C2    N2     sing N N 108 
DG  C2    N3     doub N N 109 
DG  N2    H21    sing N N 110 
DG  N2    H22    sing N N 111 
DG  N3    C4     sing N N 112 
DT  OP3   P      sing N N 113 
DT  OP3   HOP3   sing N N 114 
DT  P     OP1    doub N N 115 
DT  P     OP2    sing N N 116 
DT  P     "O5'"  sing N N 117 
DT  OP2   HOP2   sing N N 118 
DT  "O5'" "C5'"  sing N N 119 
DT  "C5'" "C4'"  sing N N 120 
DT  "C5'" "H5'"  sing N N 121 
DT  "C5'" "H5''" sing N N 122 
DT  "C4'" "O4'"  sing N N 123 
DT  "C4'" "C3'"  sing N N 124 
DT  "C4'" "H4'"  sing N N 125 
DT  "O4'" "C1'"  sing N N 126 
DT  "C3'" "O3'"  sing N N 127 
DT  "C3'" "C2'"  sing N N 128 
DT  "C3'" "H3'"  sing N N 129 
DT  "O3'" "HO3'" sing N N 130 
DT  "C2'" "C1'"  sing N N 131 
DT  "C2'" "H2'"  sing N N 132 
DT  "C2'" "H2''" sing N N 133 
DT  "C1'" N1     sing N N 134 
DT  "C1'" "H1'"  sing N N 135 
DT  N1    C2     sing N N 136 
DT  N1    C6     sing N N 137 
DT  C2    O2     doub N N 138 
DT  C2    N3     sing N N 139 
DT  N3    C4     sing N N 140 
DT  N3    H3     sing N N 141 
DT  C4    O4     doub N N 142 
DT  C4    C5     sing N N 143 
DT  C5    C7     sing N N 144 
DT  C5    C6     doub N N 145 
DT  C7    H71    sing N N 146 
DT  C7    H72    sing N N 147 
DT  C7    H73    sing N N 148 
DT  C6    H6     sing N N 149 
HOH O     H1     sing N N 150 
HOH O     H2     sing N N 151 
# 
_ndb_struct_conf_na.entry_id   4ZYM 
_ndb_struct_conf_na.feature    'double helix' 
# 
loop_
_ndb_struct_na_base_pair.model_number 
_ndb_struct_na_base_pair.i_label_asym_id 
_ndb_struct_na_base_pair.i_label_comp_id 
_ndb_struct_na_base_pair.i_label_seq_id 
_ndb_struct_na_base_pair.i_symmetry 
_ndb_struct_na_base_pair.j_label_asym_id 
_ndb_struct_na_base_pair.j_label_comp_id 
_ndb_struct_na_base_pair.j_label_seq_id 
_ndb_struct_na_base_pair.j_symmetry 
_ndb_struct_na_base_pair.shear 
_ndb_struct_na_base_pair.stretch 
_ndb_struct_na_base_pair.stagger 
_ndb_struct_na_base_pair.buckle 
_ndb_struct_na_base_pair.propeller 
_ndb_struct_na_base_pair.opening 
_ndb_struct_na_base_pair.pair_number 
_ndb_struct_na_base_pair.pair_name 
_ndb_struct_na_base_pair.i_auth_asym_id 
_ndb_struct_na_base_pair.i_auth_seq_id 
_ndb_struct_na_base_pair.i_PDB_ins_code 
_ndb_struct_na_base_pair.j_auth_asym_id 
_ndb_struct_na_base_pair.j_auth_seq_id 
_ndb_struct_na_base_pair.j_PDB_ins_code 
_ndb_struct_na_base_pair.hbond_type_28 
_ndb_struct_na_base_pair.hbond_type_12 
1 A DA 1  1_555 B DA 1  1_555 5.367  -5.621 -0.293 12.027  -29.222 178.180  1  A_DA1:DA1_B   A 1  ? B 1  ? 2  7  
1 A DC 4  1_555 B DC 4  1_555 1.782  0.937  0.052  1.334   -4.669  179.582  2  A_DC4:DC4_B   A 4  ? B 4  ? 15 2  
1 A DG 5  1_555 B DG 5  1_555 3.241  8.036  0.112  -14.212 27.735  179.596  3  A_DG5:DG5_B   A 5  ? B 5  ? 4  12 
1 A DG 6  1_555 B DG 6  1_555 -3.536 -8.113 0.297  15.912  -22.923 -179.653 4  A_DG6:DG6_B   A 6  ? B 6  ? 4  12 
1 A DA 7  1_555 B DA 7  1_555 -5.710 5.162  0.671  -26.581 21.279  -169.837 5  A_DA7:DA7_B   A 7  ? B 7  ? 2  7  
1 A DC 8  1_555 B DC 8  1_555 1.691  1.322  0.219  -6.217  3.188   177.703  6  A_DC8:DC8_B   A 8  ? B 8  ? 15 2  
1 A DG 9  1_555 B DG 9  1_555 -3.303 -7.852 0.368  -1.367  -35.275 -175.832 7  A_DG9:DG9_B   A 9  ? B 9  ? 4  12 
1 A DA 10 1_555 B DA 10 1_555 5.414  -5.222 -0.149 11.101  -33.945 177.675  8  A_DA10:DA10_B A 10 ? B 10 ? 2  7  
1 C DA 1  1_555 D DA 1  1_555 5.495  -5.089 -0.012 13.004  -27.674 177.442  9  C_DA1:DA1_D   C 1  ? D 1  ? 2  7  
1 C DC 4  1_555 D DC 4  1_555 -2.031 -1.624 -0.348 -2.281  1.356   -176.829 10 C_DC4:DC4_D   C 4  ? D 4  ? 15 2  
1 C DG 5  1_555 D DG 5  1_555 3.238  8.016  -0.046 -11.132 28.392  177.847  11 C_DG5:DG5_D   C 5  ? D 5  ? 4  12 
1 C DG 6  1_555 D DG 6  1_555 -3.761 -8.169 -0.264 18.073  -21.650 -178.454 12 C_DG6:DG6_D   C 6  ? D 6  ? 4  12 
1 C DA 7  1_555 D DA 7  1_555 -6.066 4.968  0.485  -23.515 22.940  -168.368 13 C_DA7:DA7_D   C 7  ? D 7  ? 2  7  
1 C DC 8  1_555 D DC 8  1_555 -1.735 -0.900 0.026  1.096   1.371   -177.854 14 C_DC8:DC8_D   C 8  ? D 8  ? 15 2  
1 C DG 9  1_555 D DG 9  1_555 -3.356 -8.161 0.106  -7.845  -31.212 -177.809 15 C_DG9:DG9_D   C 9  ? D 9  ? 4  12 
1 C DA 10 1_555 D DA 10 1_555 5.834  -5.423 0.125  15.619  -36.016 179.774  16 C_DA10:DA10_D C 10 ? D 10 ? 2  7  
# 
loop_
_ndb_struct_na_base_pair_step.model_number 
_ndb_struct_na_base_pair_step.i_label_asym_id_1 
_ndb_struct_na_base_pair_step.i_label_comp_id_1 
_ndb_struct_na_base_pair_step.i_label_seq_id_1 
_ndb_struct_na_base_pair_step.i_symmetry_1 
_ndb_struct_na_base_pair_step.j_label_asym_id_1 
_ndb_struct_na_base_pair_step.j_label_comp_id_1 
_ndb_struct_na_base_pair_step.j_label_seq_id_1 
_ndb_struct_na_base_pair_step.j_symmetry_1 
_ndb_struct_na_base_pair_step.i_label_asym_id_2 
_ndb_struct_na_base_pair_step.i_label_comp_id_2 
_ndb_struct_na_base_pair_step.i_label_seq_id_2 
_ndb_struct_na_base_pair_step.i_symmetry_2 
_ndb_struct_na_base_pair_step.j_label_asym_id_2 
_ndb_struct_na_base_pair_step.j_label_comp_id_2 
_ndb_struct_na_base_pair_step.j_label_seq_id_2 
_ndb_struct_na_base_pair_step.j_symmetry_2 
_ndb_struct_na_base_pair_step.shift 
_ndb_struct_na_base_pair_step.slide 
_ndb_struct_na_base_pair_step.rise 
_ndb_struct_na_base_pair_step.tilt 
_ndb_struct_na_base_pair_step.roll 
_ndb_struct_na_base_pair_step.twist 
_ndb_struct_na_base_pair_step.x_displacement 
_ndb_struct_na_base_pair_step.y_displacement 
_ndb_struct_na_base_pair_step.helical_rise 
_ndb_struct_na_base_pair_step.inclination 
_ndb_struct_na_base_pair_step.tip 
_ndb_struct_na_base_pair_step.helical_twist 
_ndb_struct_na_base_pair_step.step_number 
_ndb_struct_na_base_pair_step.step_name 
_ndb_struct_na_base_pair_step.i_auth_asym_id_1 
_ndb_struct_na_base_pair_step.i_auth_seq_id_1 
_ndb_struct_na_base_pair_step.i_PDB_ins_code_1 
_ndb_struct_na_base_pair_step.j_auth_asym_id_1 
_ndb_struct_na_base_pair_step.j_auth_seq_id_1 
_ndb_struct_na_base_pair_step.j_PDB_ins_code_1 
_ndb_struct_na_base_pair_step.i_auth_asym_id_2 
_ndb_struct_na_base_pair_step.i_auth_seq_id_2 
_ndb_struct_na_base_pair_step.i_PDB_ins_code_2 
_ndb_struct_na_base_pair_step.j_auth_asym_id_2 
_ndb_struct_na_base_pair_step.j_auth_seq_id_2 
_ndb_struct_na_base_pair_step.j_PDB_ins_code_2 
1 A DC 4 1_555 B DC 4 1_555 A DG 5  1_555 B DG 5  1_555 -0.083 -0.074 2.954 1.692  0.103  60.230   -0.078 0.157  2.951 0.103  
-1.686  60.252   1  AA_DC4DG5:DG5DC4_BB   A 4 ? B 4 ? A 5  ? B 5  ? 
1 A DG 5 1_555 B DG 5 1_555 A DG 6  1_555 B DG 6  1_555 -0.321 -0.072 6.910 -0.147 1.673  172.487  -0.039 0.161  6.910 0.838  
0.074   172.488  2  AA_DG5DG6:DG6DG5_BB   A 5 ? B 5 ? A 6  ? B 6  ? 
1 A DG 6 1_555 B DG 6 1_555 A DA 7  1_555 B DA 7  1_555 -0.116 -0.699 4.460 -4.207 -4.203 -10.950  9.910  -7.228 3.648 20.188 
-20.207 -12.456  3  AA_DG6DA7:DA7DG6_BB   A 6 ? B 6 ? A 7  ? B 7  ? 
1 A DA 7 1_555 B DA 7 1_555 A DC 8  1_555 B DC 8  1_555 -0.939 0.330  2.966 -5.862 12.618 -112.568 -0.326 -0.623 2.901 -7.568 
-3.516  -113.130 4  AA_DA7DC8:DC8DA7_BB   A 7 ? B 7 ? A 8  ? B 8  ? 
1 A DC 8 1_555 B DC 8 1_555 A DG 9  1_555 B DG 9  1_555 -0.753 -0.358 3.395 1.344  1.257  -114.611 0.199  -0.432 3.403 -0.747 
0.799   -114.621 5  AA_DC8DG9:DG9DC8_BB   A 8 ? B 8 ? A 9  ? B 9  ? 
1 A DG 9 1_555 B DG 9 1_555 A DA 10 1_555 B DA 10 1_555 0.213  0.136  4.806 -1.090 1.974  171.761  0.065  -0.108 4.806 0.990  
0.546   171.762  6  AA_DG9DA10:DA10DG9_BB A 9 ? B 9 ? A 10 ? B 10 ? 
1 C DC 4 1_555 D DC 4 1_555 C DG 5  1_555 D DG 5  1_555 -0.033 -0.127 2.986 -2.335 3.519  -120.783 0.043  -0.039 2.987 -2.024 
-1.343  -120.827 7  CC_DC4DG5:DG5DC4_DD   C 4 ? D 4 ? C 5  ? D 5  ? 
1 C DG 5 1_555 D DG 5 1_555 C DG 6  1_555 D DG 6  1_555 -0.011 0.108  7.052 1.880  -1.026 178.755  0.054  0.006  7.052 -0.513 
-0.940  178.755  8  CC_DG5DG6:DG6DG5_DD   C 5 ? D 5 ? C 6  ? D 6  ? 
1 C DG 6 1_555 D DG 6 1_555 C DA 7  1_555 D DA 7  1_555 -0.384 -0.872 4.556 3.169  -0.925 -10.497  6.548  4.853  4.384 4.902  
16.786  -11.002  9  CC_DG6DA7:DA7DG6_DD   C 6 ? D 6 ? C 7  ? D 7  ? 
1 C DA 7 1_555 D DA 7 1_555 C DC 8  1_555 D DC 8  1_555 0.851  1.239  3.020 6.904  3.126  65.894   1.015  -0.517 3.135 2.864  
-6.326  66.280   10 CC_DA7DC8:DC8DA7_DD   C 7 ? D 7 ? C 8  ? D 8  ? 
1 C DC 8 1_555 D DC 8 1_555 C DG 9  1_555 D DG 9  1_555 0.394  -0.501 3.211 2.460  -0.024 69.298   -0.439 -0.258 3.222 -0.021 
-2.163  69.336   11 CC_DC8DG9:DG9DC8_DD   C 8 ? D 8 ? C 9  ? D 9  ? 
1 C DG 9 1_555 D DG 9 1_555 C DA 10 1_555 D DA 10 1_555 0.014  0.167  4.807 -0.464 1.357  169.476  0.081  -0.008 4.807 0.682  
0.233   169.477  12 CC_DG9DA10:DA10DG9_DD C 9 ? D 9 ? C 10 ? D 10 ? 
# 
_pdbx_audit_support.funding_organization   'National Science Foundation (NSF, United States)' 
_pdbx_audit_support.country                'United States' 
_pdbx_audit_support.grant_number           DMR1149665 
_pdbx_audit_support.ordinal                1 
# 
loop_
_pdbx_entity_nonpoly.entity_id 
_pdbx_entity_nonpoly.name 
_pdbx_entity_nonpoly.comp_id 
2 'MAGNESIUM ION' MG  
3 water           HOH 
# 
_pdbx_initial_refinement_model.id               1 
_pdbx_initial_refinement_model.entity_id_list   ? 
_pdbx_initial_refinement_model.type             'experimental model' 
_pdbx_initial_refinement_model.source_name      PDB 
_pdbx_initial_refinement_model.accession_code   4RIM 
_pdbx_initial_refinement_model.details          ? 
# 
